data_4REI
# 
_entry.id   4REI 
# 
_audit_conform.dict_name       mmcif_pdbx.dic 
_audit_conform.dict_version    5.387 
_audit_conform.dict_location   http://mmcif.pdb.org/dictionaries/ascii/mmcif_pdbx.dic 
# 
loop_
_database_2.database_id 
_database_2.database_code 
_database_2.pdbx_database_accession 
_database_2.pdbx_DOI 
PDB   4REI         pdb_00004rei 10.2210/pdb4rei/pdb 
RCSB  RCSB087246   ?            ?                   
WWPDB D_1000087246 ?            ?                   
# 
loop_
_pdbx_audit_revision_history.ordinal 
_pdbx_audit_revision_history.data_content_type 
_pdbx_audit_revision_history.major_revision 
_pdbx_audit_revision_history.minor_revision 
_pdbx_audit_revision_history.revision_date 
1 'Structure model' 1 0 2015-05-13 
2 'Structure model' 1 1 2024-02-28 
# 
_pdbx_audit_revision_details.ordinal             1 
_pdbx_audit_revision_details.revision_ordinal    1 
_pdbx_audit_revision_details.data_content_type   'Structure model' 
_pdbx_audit_revision_details.provider            repository 
_pdbx_audit_revision_details.type                'Initial release' 
_pdbx_audit_revision_details.description         ? 
_pdbx_audit_revision_details.details             ? 
# 
loop_
_pdbx_audit_revision_group.ordinal 
_pdbx_audit_revision_group.revision_ordinal 
_pdbx_audit_revision_group.data_content_type 
_pdbx_audit_revision_group.group 
1 2 'Structure model' 'Data collection'      
2 2 'Structure model' 'Database references'  
3 2 'Structure model' 'Derived calculations' 
# 
loop_
_pdbx_audit_revision_category.ordinal 
_pdbx_audit_revision_category.revision_ordinal 
_pdbx_audit_revision_category.data_content_type 
_pdbx_audit_revision_category.category 
1 2 'Structure model' chem_comp_atom 
2 2 'Structure model' chem_comp_bond 
3 2 'Structure model' database_2     
4 2 'Structure model' struct_site    
# 
loop_
_pdbx_audit_revision_item.ordinal 
_pdbx_audit_revision_item.revision_ordinal 
_pdbx_audit_revision_item.data_content_type 
_pdbx_audit_revision_item.item 
1 2 'Structure model' '_database_2.pdbx_DOI'                
2 2 'Structure model' '_database_2.pdbx_database_accession' 
3 2 'Structure model' '_struct_site.pdbx_auth_asym_id'      
4 2 'Structure model' '_struct_site.pdbx_auth_comp_id'      
5 2 'Structure model' '_struct_site.pdbx_auth_seq_id'       
# 
_pdbx_database_status.status_code                     REL 
_pdbx_database_status.entry_id                        4REI 
_pdbx_database_status.recvd_initial_deposition_date   2014-09-23 
_pdbx_database_status.deposit_site                    RCSB 
_pdbx_database_status.process_site                    RCSB 
_pdbx_database_status.status_code_sf                  REL 
_pdbx_database_status.status_code_mr                  ? 
_pdbx_database_status.SG_entry                        ? 
_pdbx_database_status.status_code_cs                  ? 
_pdbx_database_status.methods_development_category    ? 
_pdbx_database_status.pdb_format_compatible           Y 
_pdbx_database_status.status_code_nmr_data            ? 
# 
loop_
_pdbx_database_related.db_name 
_pdbx_database_related.db_id 
_pdbx_database_related.details 
_pdbx_database_related.content_type 
PDB 4REH . unspecified 
PDB 4REJ . unspecified 
# 
loop_
_audit_author.name 
_audit_author.pdbx_ordinal 
'Hong, M.K.' 1 
'Kang, L.W.' 2 
# 
_citation.id                        primary 
_citation.title                     
'Structure of ginseng major latex-like protein 151 and its proposed lysophosphatidic acid-binding mechanism.' 
_citation.journal_abbrev            'Acta Crystallogr.,Sect.D' 
_citation.journal_volume            71 
_citation.page_first                1039 
_citation.page_last                 1050 
_citation.year                      2015 
_citation.journal_id_ASTM           ABCRE6 
_citation.country                   DK 
_citation.journal_id_ISSN           0907-4449 
_citation.journal_id_CSD            0766 
_citation.book_publisher            ? 
_citation.pdbx_database_id_PubMed   25945569 
_citation.pdbx_database_id_DOI      10.1107/S139900471500259X 
# 
loop_
_citation_author.citation_id 
_citation_author.name 
_citation_author.ordinal 
_citation_author.identifier_ORCID 
primary 'Choi, S.H.' 1 ? 
primary 'Hong, M.K.' 2 ? 
primary 'Kim, H.J.'  3 ? 
primary 'Ryoo, N.'   4 ? 
primary 'Rhim, H.'   5 ? 
primary 'Nah, S.Y.'  6 ? 
primary 'Kang, L.W.' 7 ? 
# 
loop_
_entity.id 
_entity.type 
_entity.src_method 
_entity.pdbx_description 
_entity.formula_weight 
_entity.pdbx_number_of_molecules 
_entity.pdbx_ec 
_entity.pdbx_mutation 
_entity.pdbx_fragment 
_entity.details 
1 polymer     man 'Major latex-like protein'            16891.988 1   ? ? ? ? 
2 non-polymer syn '(3R,5R)-3-ethyl-2,5-dimethylheptane' 156.308   1   ? ? ? ? 
3 water       nat water                                 18.015    143 ? ? ? ? 
# 
_entity_poly.entity_id                      1 
_entity_poly.type                           'polypeptide(L)' 
_entity_poly.nstd_linkage                   no 
_entity_poly.nstd_monomer                   no 
_entity_poly.pdbx_seq_one_letter_code       
;MGLTGKLICQTGIKSDGDVFHELFGTRPHHVPNITPANIQGCDLHEGEFGKVGSVVIWNYSIDGNAMIAKEEIVAIDEED
KSVTFKVVEGHLFEEFKSIVFSVHVDTKGEDNLVTWSIDYEKLNESVKDPTSYLDFLLSVTRDIEAHHLPK
;
_entity_poly.pdbx_seq_one_letter_code_can   
;MGLTGKLICQTGIKSDGDVFHELFGTRPHHVPNITPANIQGCDLHEGEFGKVGSVVIWNYSIDGNAMIAKEEIVAIDEED
KSVTFKVVEGHLFEEFKSIVFSVHVDTKGEDNLVTWSIDYEKLNESVKDPTSYLDFLLSVTRDIEAHHLPK
;
_entity_poly.pdbx_strand_id                 A 
_entity_poly.pdbx_target_identifier         ? 
# 
loop_
_pdbx_entity_nonpoly.entity_id 
_pdbx_entity_nonpoly.name 
_pdbx_entity_nonpoly.comp_id 
2 '(3R,5R)-3-ethyl-2,5-dimethylheptane' 3MV 
3 water                                 HOH 
# 
loop_
_entity_poly_seq.entity_id 
_entity_poly_seq.num 
_entity_poly_seq.mon_id 
_entity_poly_seq.hetero 
1 1   MET n 
1 2   GLY n 
1 3   LEU n 
1 4   THR n 
1 5   GLY n 
1 6   LYS n 
1 7   LEU n 
1 8   ILE n 
1 9   CYS n 
1 10  GLN n 
1 11  THR n 
1 12  GLY n 
1 13  ILE n 
1 14  LYS n 
1 15  SER n 
1 16  ASP n 
1 17  GLY n 
1 18  ASP n 
1 19  VAL n 
1 20  PHE n 
1 21  HIS n 
1 22  GLU n 
1 23  LEU n 
1 24  PHE n 
1 25  GLY n 
1 26  THR n 
1 27  ARG n 
1 28  PRO n 
1 29  HIS n 
1 30  HIS n 
1 31  VAL n 
1 32  PRO n 
1 33  ASN n 
1 34  ILE n 
1 35  THR n 
1 36  PRO n 
1 37  ALA n 
1 38  ASN n 
1 39  ILE n 
1 40  GLN n 
1 41  GLY n 
1 42  CYS n 
1 43  ASP n 
1 44  LEU n 
1 45  HIS n 
1 46  GLU n 
1 47  GLY n 
1 48  GLU n 
1 49  PHE n 
1 50  GLY n 
1 51  LYS n 
1 52  VAL n 
1 53  GLY n 
1 54  SER n 
1 55  VAL n 
1 56  VAL n 
1 57  ILE n 
1 58  TRP n 
1 59  ASN n 
1 60  TYR n 
1 61  SER n 
1 62  ILE n 
1 63  ASP n 
1 64  GLY n 
1 65  ASN n 
1 66  ALA n 
1 67  MET n 
1 68  ILE n 
1 69  ALA n 
1 70  LYS n 
1 71  GLU n 
1 72  GLU n 
1 73  ILE n 
1 74  VAL n 
1 75  ALA n 
1 76  ILE n 
1 77  ASP n 
1 78  GLU n 
1 79  GLU n 
1 80  ASP n 
1 81  LYS n 
1 82  SER n 
1 83  VAL n 
1 84  THR n 
1 85  PHE n 
1 86  LYS n 
1 87  VAL n 
1 88  VAL n 
1 89  GLU n 
1 90  GLY n 
1 91  HIS n 
1 92  LEU n 
1 93  PHE n 
1 94  GLU n 
1 95  GLU n 
1 96  PHE n 
1 97  LYS n 
1 98  SER n 
1 99  ILE n 
1 100 VAL n 
1 101 PHE n 
1 102 SER n 
1 103 VAL n 
1 104 HIS n 
1 105 VAL n 
1 106 ASP n 
1 107 THR n 
1 108 LYS n 
1 109 GLY n 
1 110 GLU n 
1 111 ASP n 
1 112 ASN n 
1 113 LEU n 
1 114 VAL n 
1 115 THR n 
1 116 TRP n 
1 117 SER n 
1 118 ILE n 
1 119 ASP n 
1 120 TYR n 
1 121 GLU n 
1 122 LYS n 
1 123 LEU n 
1 124 ASN n 
1 125 GLU n 
1 126 SER n 
1 127 VAL n 
1 128 LYS n 
1 129 ASP n 
1 130 PRO n 
1 131 THR n 
1 132 SER n 
1 133 TYR n 
1 134 LEU n 
1 135 ASP n 
1 136 PHE n 
1 137 LEU n 
1 138 LEU n 
1 139 SER n 
1 140 VAL n 
1 141 THR n 
1 142 ARG n 
1 143 ASP n 
1 144 ILE n 
1 145 GLU n 
1 146 ALA n 
1 147 HIS n 
1 148 HIS n 
1 149 LEU n 
1 150 PRO n 
1 151 LYS n 
# 
_entity_src_gen.entity_id                          1 
_entity_src_gen.pdbx_src_id                        1 
_entity_src_gen.pdbx_alt_source_flag               sample 
_entity_src_gen.pdbx_seq_type                      ? 
_entity_src_gen.pdbx_beg_seq_num                   ? 
_entity_src_gen.pdbx_end_seq_num                   ? 
_entity_src_gen.gene_src_common_name               'Chinese ginseng,Korean ginseng,ginseng,hong shen,insam,ninjin,ren seng' 
_entity_src_gen.gene_src_genus                     ? 
_entity_src_gen.pdbx_gene_src_gene                 mlp151 
_entity_src_gen.gene_src_species                   ? 
_entity_src_gen.gene_src_strain                    ? 
_entity_src_gen.gene_src_tissue                    ? 
_entity_src_gen.gene_src_tissue_fraction           ? 
_entity_src_gen.gene_src_details                   ? 
_entity_src_gen.pdbx_gene_src_fragment             ? 
_entity_src_gen.pdbx_gene_src_scientific_name      'Panax ginseng' 
_entity_src_gen.pdbx_gene_src_ncbi_taxonomy_id     4054 
_entity_src_gen.pdbx_gene_src_variant              ? 
_entity_src_gen.pdbx_gene_src_cell_line            ? 
_entity_src_gen.pdbx_gene_src_atcc                 ? 
_entity_src_gen.pdbx_gene_src_organ                ? 
_entity_src_gen.pdbx_gene_src_organelle            ? 
_entity_src_gen.pdbx_gene_src_cell                 ? 
_entity_src_gen.pdbx_gene_src_cellular_location    ? 
_entity_src_gen.host_org_common_name               ? 
_entity_src_gen.pdbx_host_org_scientific_name      'Escherichia coli' 
_entity_src_gen.pdbx_host_org_ncbi_taxonomy_id     562 
_entity_src_gen.host_org_genus                     ? 
_entity_src_gen.pdbx_host_org_gene                 ? 
_entity_src_gen.pdbx_host_org_organ                ? 
_entity_src_gen.host_org_species                   ? 
_entity_src_gen.pdbx_host_org_tissue               ? 
_entity_src_gen.pdbx_host_org_tissue_fraction      ? 
_entity_src_gen.pdbx_host_org_strain               ? 
_entity_src_gen.pdbx_host_org_variant              ? 
_entity_src_gen.pdbx_host_org_cell_line            ? 
_entity_src_gen.pdbx_host_org_atcc                 ? 
_entity_src_gen.pdbx_host_org_culture_collection   ? 
_entity_src_gen.pdbx_host_org_cell                 ? 
_entity_src_gen.pdbx_host_org_organelle            ? 
_entity_src_gen.pdbx_host_org_cellular_location    ? 
_entity_src_gen.pdbx_host_org_vector_type          ? 
_entity_src_gen.pdbx_host_org_vector               ? 
_entity_src_gen.host_org_details                   ? 
_entity_src_gen.expression_system_id               ? 
_entity_src_gen.plasmid_name                       ? 
_entity_src_gen.plasmid_details                    ? 
_entity_src_gen.pdbx_description                   ? 
# 
loop_
_chem_comp.id 
_chem_comp.type 
_chem_comp.mon_nstd_flag 
_chem_comp.name 
_chem_comp.pdbx_synonyms 
_chem_comp.formula 
_chem_comp.formula_weight 
3MV non-polymer         . '(3R,5R)-3-ethyl-2,5-dimethylheptane' ? 'C11 H24'        156.308 
ALA 'L-peptide linking' y ALANINE                               ? 'C3 H7 N O2'     89.093  
ARG 'L-peptide linking' y ARGININE                              ? 'C6 H15 N4 O2 1' 175.209 
ASN 'L-peptide linking' y ASPARAGINE                            ? 'C4 H8 N2 O3'    132.118 
ASP 'L-peptide linking' y 'ASPARTIC ACID'                       ? 'C4 H7 N O4'     133.103 
CYS 'L-peptide linking' y CYSTEINE                              ? 'C3 H7 N O2 S'   121.158 
GLN 'L-peptide linking' y GLUTAMINE                             ? 'C5 H10 N2 O3'   146.144 
GLU 'L-peptide linking' y 'GLUTAMIC ACID'                       ? 'C5 H9 N O4'     147.129 
GLY 'peptide linking'   y GLYCINE                               ? 'C2 H5 N O2'     75.067  
HIS 'L-peptide linking' y HISTIDINE                             ? 'C6 H10 N3 O2 1' 156.162 
HOH non-polymer         . WATER                                 ? 'H2 O'           18.015  
ILE 'L-peptide linking' y ISOLEUCINE                            ? 'C6 H13 N O2'    131.173 
LEU 'L-peptide linking' y LEUCINE                               ? 'C6 H13 N O2'    131.173 
LYS 'L-peptide linking' y LYSINE                                ? 'C6 H15 N2 O2 1' 147.195 
MET 'L-peptide linking' y METHIONINE                            ? 'C5 H11 N O2 S'  149.211 
PHE 'L-peptide linking' y PHENYLALANINE                         ? 'C9 H11 N O2'    165.189 
PRO 'L-peptide linking' y PROLINE                               ? 'C5 H9 N O2'     115.130 
SER 'L-peptide linking' y SERINE                                ? 'C3 H7 N O3'     105.093 
THR 'L-peptide linking' y THREONINE                             ? 'C4 H9 N O3'     119.119 
TRP 'L-peptide linking' y TRYPTOPHAN                            ? 'C11 H12 N2 O2'  204.225 
TYR 'L-peptide linking' y TYROSINE                              ? 'C9 H11 N O3'    181.189 
VAL 'L-peptide linking' y VALINE                                ? 'C5 H11 N O2'    117.146 
# 
loop_
_pdbx_poly_seq_scheme.asym_id 
_pdbx_poly_seq_scheme.entity_id 
_pdbx_poly_seq_scheme.seq_id 
_pdbx_poly_seq_scheme.mon_id 
_pdbx_poly_seq_scheme.ndb_seq_num 
_pdbx_poly_seq_scheme.pdb_seq_num 
_pdbx_poly_seq_scheme.auth_seq_num 
_pdbx_poly_seq_scheme.pdb_mon_id 
_pdbx_poly_seq_scheme.auth_mon_id 
_pdbx_poly_seq_scheme.pdb_strand_id 
_pdbx_poly_seq_scheme.pdb_ins_code 
_pdbx_poly_seq_scheme.hetero 
A 1 1   MET 1   1   ?   ?   ?   A . n 
A 1 2   GLY 2   2   2   GLY GLY A . n 
A 1 3   LEU 3   3   3   LEU LEU A . n 
A 1 4   THR 4   4   4   THR THR A . n 
A 1 5   GLY 5   5   5   GLY GLY A . n 
A 1 6   LYS 6   6   6   LYS LYS A . n 
A 1 7   LEU 7   7   7   LEU LEU A . n 
A 1 8   ILE 8   8   8   ILE ILE A . n 
A 1 9   CYS 9   9   9   CYS CYS A . n 
A 1 10  GLN 10  10  10  GLN GLN A . n 
A 1 11  THR 11  11  11  THR THR A . n 
A 1 12  GLY 12  12  12  GLY GLY A . n 
A 1 13  ILE 13  13  13  ILE ILE A . n 
A 1 14  LYS 14  14  14  LYS LYS A . n 
A 1 15  SER 15  15  15  SER SER A . n 
A 1 16  ASP 16  16  16  ASP ASP A . n 
A 1 17  GLY 17  17  17  GLY GLY A . n 
A 1 18  ASP 18  18  18  ASP ASP A . n 
A 1 19  VAL 19  19  19  VAL VAL A . n 
A 1 20  PHE 20  20  20  PHE PHE A . n 
A 1 21  HIS 21  21  21  HIS HIS A . n 
A 1 22  GLU 22  22  22  GLU GLU A . n 
A 1 23  LEU 23  23  23  LEU LEU A . n 
A 1 24  PHE 24  24  24  PHE PHE A . n 
A 1 25  GLY 25  25  25  GLY GLY A . n 
A 1 26  THR 26  26  26  THR THR A . n 
A 1 27  ARG 27  27  27  ARG ARG A . n 
A 1 28  PRO 28  28  28  PRO PRO A . n 
A 1 29  HIS 29  29  29  HIS HIS A . n 
A 1 30  HIS 30  30  30  HIS HIS A . n 
A 1 31  VAL 31  31  31  VAL VAL A . n 
A 1 32  PRO 32  32  32  PRO PRO A . n 
A 1 33  ASN 33  33  33  ASN ASN A . n 
A 1 34  ILE 34  34  34  ILE ILE A . n 
A 1 35  THR 35  35  35  THR THR A . n 
A 1 36  PRO 36  36  36  PRO PRO A . n 
A 1 37  ALA 37  37  37  ALA ALA A . n 
A 1 38  ASN 38  38  38  ASN ASN A . n 
A 1 39  ILE 39  39  39  ILE ILE A . n 
A 1 40  GLN 40  40  40  GLN GLN A . n 
A 1 41  GLY 41  41  41  GLY GLY A . n 
A 1 42  CYS 42  42  42  CYS CYS A . n 
A 1 43  ASP 43  43  43  ASP ASP A . n 
A 1 44  LEU 44  44  44  LEU LEU A . n 
A 1 45  HIS 45  45  45  HIS HIS A . n 
A 1 46  GLU 46  46  46  GLU GLU A . n 
A 1 47  GLY 47  47  47  GLY GLY A . n 
A 1 48  GLU 48  48  48  GLU GLU A . n 
A 1 49  PHE 49  49  49  PHE PHE A . n 
A 1 50  GLY 50  50  50  GLY GLY A . n 
A 1 51  LYS 51  51  51  LYS LYS A . n 
A 1 52  VAL 52  52  52  VAL VAL A . n 
A 1 53  GLY 53  53  53  GLY GLY A . n 
A 1 54  SER 54  54  54  SER SER A . n 
A 1 55  VAL 55  55  55  VAL VAL A . n 
A 1 56  VAL 56  56  56  VAL VAL A . n 
A 1 57  ILE 57  57  57  ILE ILE A . n 
A 1 58  TRP 58  58  58  TRP TRP A . n 
A 1 59  ASN 59  59  59  ASN ASN A . n 
A 1 60  TYR 60  60  60  TYR TYR A . n 
A 1 61  SER 61  61  61  SER SER A . n 
A 1 62  ILE 62  62  62  ILE ILE A . n 
A 1 63  ASP 63  63  63  ASP ASP A . n 
A 1 64  GLY 64  64  64  GLY GLY A . n 
A 1 65  ASN 65  65  65  ASN ASN A . n 
A 1 66  ALA 66  66  66  ALA ALA A . n 
A 1 67  MET 67  67  67  MET MET A . n 
A 1 68  ILE 68  68  68  ILE ILE A . n 
A 1 69  ALA 69  69  69  ALA ALA A . n 
A 1 70  LYS 70  70  70  LYS LYS A . n 
A 1 71  GLU 71  71  71  GLU GLU A . n 
A 1 72  GLU 72  72  72  GLU GLU A . n 
A 1 73  ILE 73  73  73  ILE ILE A . n 
A 1 74  VAL 74  74  74  VAL VAL A . n 
A 1 75  ALA 75  75  75  ALA ALA A . n 
A 1 76  ILE 76  76  76  ILE ILE A . n 
A 1 77  ASP 77  77  77  ASP ASP A . n 
A 1 78  GLU 78  78  78  GLU GLU A . n 
A 1 79  GLU 79  79  79  GLU GLU A . n 
A 1 80  ASP 80  80  80  ASP ASP A . n 
A 1 81  LYS 81  81  81  LYS LYS A . n 
A 1 82  SER 82  82  82  SER SER A . n 
A 1 83  VAL 83  83  83  VAL VAL A . n 
A 1 84  THR 84  84  84  THR THR A . n 
A 1 85  PHE 85  85  85  PHE PHE A . n 
A 1 86  LYS 86  86  86  LYS LYS A . n 
A 1 87  VAL 87  87  87  VAL VAL A . n 
A 1 88  VAL 88  88  88  VAL VAL A . n 
A 1 89  GLU 89  89  89  GLU GLU A . n 
A 1 90  GLY 90  90  90  GLY GLY A . n 
A 1 91  HIS 91  91  91  HIS HIS A . n 
A 1 92  LEU 92  92  92  LEU LEU A . n 
A 1 93  PHE 93  93  93  PHE PHE A . n 
A 1 94  GLU 94  94  94  GLU GLU A . n 
A 1 95  GLU 95  95  95  GLU GLU A . n 
A 1 96  PHE 96  96  96  PHE PHE A . n 
A 1 97  LYS 97  97  97  LYS LYS A . n 
A 1 98  SER 98  98  98  SER SER A . n 
A 1 99  ILE 99  99  99  ILE ILE A . n 
A 1 100 VAL 100 100 100 VAL VAL A . n 
A 1 101 PHE 101 101 101 PHE PHE A . n 
A 1 102 SER 102 102 102 SER SER A . n 
A 1 103 VAL 103 103 103 VAL VAL A . n 
A 1 104 HIS 104 104 104 HIS HIS A . n 
A 1 105 VAL 105 105 105 VAL VAL A . n 
A 1 106 ASP 106 106 106 ASP ASP A . n 
A 1 107 THR 107 107 107 THR THR A . n 
A 1 108 LYS 108 108 108 LYS LYS A . n 
A 1 109 GLY 109 109 ?   ?   ?   A . n 
A 1 110 GLU 110 110 ?   ?   ?   A . n 
A 1 111 ASP 111 111 ?   ?   ?   A . n 
A 1 112 ASN 112 112 112 ASN ASN A . n 
A 1 113 LEU 113 113 113 LEU LEU A . n 
A 1 114 VAL 114 114 114 VAL VAL A . n 
A 1 115 THR 115 115 115 THR THR A . n 
A 1 116 TRP 116 116 116 TRP TRP A . n 
A 1 117 SER 117 117 117 SER SER A . n 
A 1 118 ILE 118 118 118 ILE ILE A . n 
A 1 119 ASP 119 119 119 ASP ASP A . n 
A 1 120 TYR 120 120 120 TYR TYR A . n 
A 1 121 GLU 121 121 121 GLU GLU A . n 
A 1 122 LYS 122 122 122 LYS LYS A . n 
A 1 123 LEU 123 123 123 LEU LEU A . n 
A 1 124 ASN 124 124 124 ASN ASN A . n 
A 1 125 GLU 125 125 125 GLU GLU A . n 
A 1 126 SER 126 126 126 SER SER A . n 
A 1 127 VAL 127 127 127 VAL VAL A . n 
A 1 128 LYS 128 128 128 LYS LYS A . n 
A 1 129 ASP 129 129 129 ASP ASP A . n 
A 1 130 PRO 130 130 130 PRO PRO A . n 
A 1 131 THR 131 131 131 THR THR A . n 
A 1 132 SER 132 132 132 SER SER A . n 
A 1 133 TYR 133 133 133 TYR TYR A . n 
A 1 134 LEU 134 134 134 LEU LEU A . n 
A 1 135 ASP 135 135 135 ASP ASP A . n 
A 1 136 PHE 136 136 136 PHE PHE A . n 
A 1 137 LEU 137 137 137 LEU LEU A . n 
A 1 138 LEU 138 138 138 LEU LEU A . n 
A 1 139 SER 139 139 139 SER SER A . n 
A 1 140 VAL 140 140 140 VAL VAL A . n 
A 1 141 THR 141 141 141 THR THR A . n 
A 1 142 ARG 142 142 142 ARG ARG A . n 
A 1 143 ASP 143 143 143 ASP ASP A . n 
A 1 144 ILE 144 144 144 ILE ILE A . n 
A 1 145 GLU 145 145 145 GLU GLU A . n 
A 1 146 ALA 146 146 146 ALA ALA A . n 
A 1 147 HIS 147 147 147 HIS HIS A . n 
A 1 148 HIS 148 148 148 HIS HIS A . n 
A 1 149 LEU 149 149 149 LEU LEU A . n 
A 1 150 PRO 150 150 150 PRO PRO A . n 
A 1 151 LYS 151 151 ?   ?   ?   A . n 
# 
loop_
_pdbx_nonpoly_scheme.asym_id 
_pdbx_nonpoly_scheme.entity_id 
_pdbx_nonpoly_scheme.mon_id 
_pdbx_nonpoly_scheme.ndb_seq_num 
_pdbx_nonpoly_scheme.pdb_seq_num 
_pdbx_nonpoly_scheme.auth_seq_num 
_pdbx_nonpoly_scheme.pdb_mon_id 
_pdbx_nonpoly_scheme.auth_mon_id 
_pdbx_nonpoly_scheme.pdb_strand_id 
_pdbx_nonpoly_scheme.pdb_ins_code 
B 2 3MV 1   201 1   3MV DRG A . 
C 3 HOH 1   301 1   HOH HOH A . 
C 3 HOH 2   302 2   HOH HOH A . 
C 3 HOH 3   303 3   HOH HOH A . 
C 3 HOH 4   304 4   HOH HOH A . 
C 3 HOH 5   305 5   HOH HOH A . 
C 3 HOH 6   306 6   HOH HOH A . 
C 3 HOH 7   307 7   HOH HOH A . 
C 3 HOH 8   308 8   HOH HOH A . 
C 3 HOH 9   309 9   HOH HOH A . 
C 3 HOH 10  310 10  HOH HOH A . 
C 3 HOH 11  311 11  HOH HOH A . 
C 3 HOH 12  312 12  HOH HOH A . 
C 3 HOH 13  313 13  HOH HOH A . 
C 3 HOH 14  314 14  HOH HOH A . 
C 3 HOH 15  315 15  HOH HOH A . 
C 3 HOH 16  316 16  HOH HOH A . 
C 3 HOH 17  317 17  HOH HOH A . 
C 3 HOH 18  318 18  HOH HOH A . 
C 3 HOH 19  319 19  HOH HOH A . 
C 3 HOH 20  320 20  HOH HOH A . 
C 3 HOH 21  321 21  HOH HOH A . 
C 3 HOH 22  322 22  HOH HOH A . 
C 3 HOH 23  323 23  HOH HOH A . 
C 3 HOH 24  324 24  HOH HOH A . 
C 3 HOH 25  325 25  HOH HOH A . 
C 3 HOH 26  326 26  HOH HOH A . 
C 3 HOH 27  327 27  HOH HOH A . 
C 3 HOH 28  328 28  HOH HOH A . 
C 3 HOH 29  329 29  HOH HOH A . 
C 3 HOH 30  330 30  HOH HOH A . 
C 3 HOH 31  331 31  HOH HOH A . 
C 3 HOH 32  332 32  HOH HOH A . 
C 3 HOH 33  333 33  HOH HOH A . 
C 3 HOH 34  334 34  HOH HOH A . 
C 3 HOH 35  335 35  HOH HOH A . 
C 3 HOH 36  336 36  HOH HOH A . 
C 3 HOH 37  337 37  HOH HOH A . 
C 3 HOH 38  338 38  HOH HOH A . 
C 3 HOH 39  339 39  HOH HOH A . 
C 3 HOH 40  340 40  HOH HOH A . 
C 3 HOH 41  341 41  HOH HOH A . 
C 3 HOH 42  342 42  HOH HOH A . 
C 3 HOH 43  343 43  HOH HOH A . 
C 3 HOH 44  344 44  HOH HOH A . 
C 3 HOH 45  345 45  HOH HOH A . 
C 3 HOH 46  346 46  HOH HOH A . 
C 3 HOH 47  347 47  HOH HOH A . 
C 3 HOH 48  348 48  HOH HOH A . 
C 3 HOH 49  349 49  HOH HOH A . 
C 3 HOH 50  350 50  HOH HOH A . 
C 3 HOH 51  351 51  HOH HOH A . 
C 3 HOH 52  352 52  HOH HOH A . 
C 3 HOH 53  353 53  HOH HOH A . 
C 3 HOH 54  354 54  HOH HOH A . 
C 3 HOH 55  355 55  HOH HOH A . 
C 3 HOH 56  356 56  HOH HOH A . 
C 3 HOH 57  357 57  HOH HOH A . 
C 3 HOH 58  358 58  HOH HOH A . 
C 3 HOH 59  359 59  HOH HOH A . 
C 3 HOH 60  360 60  HOH HOH A . 
C 3 HOH 61  361 61  HOH HOH A . 
C 3 HOH 62  362 62  HOH HOH A . 
C 3 HOH 63  363 63  HOH HOH A . 
C 3 HOH 64  364 64  HOH HOH A . 
C 3 HOH 65  365 65  HOH HOH A . 
C 3 HOH 66  366 66  HOH HOH A . 
C 3 HOH 67  367 67  HOH HOH A . 
C 3 HOH 68  368 68  HOH HOH A . 
C 3 HOH 69  369 69  HOH HOH A . 
C 3 HOH 70  370 70  HOH HOH A . 
C 3 HOH 71  371 71  HOH HOH A . 
C 3 HOH 72  372 72  HOH HOH A . 
C 3 HOH 73  373 73  HOH HOH A . 
C 3 HOH 74  374 74  HOH HOH A . 
C 3 HOH 75  375 75  HOH HOH A . 
C 3 HOH 76  376 76  HOH HOH A . 
C 3 HOH 77  377 77  HOH HOH A . 
C 3 HOH 78  378 78  HOH HOH A . 
C 3 HOH 79  379 79  HOH HOH A . 
C 3 HOH 80  380 80  HOH HOH A . 
C 3 HOH 81  381 81  HOH HOH A . 
C 3 HOH 82  382 82  HOH HOH A . 
C 3 HOH 83  383 83  HOH HOH A . 
C 3 HOH 84  384 84  HOH HOH A . 
C 3 HOH 85  385 85  HOH HOH A . 
C 3 HOH 86  386 86  HOH HOH A . 
C 3 HOH 87  387 87  HOH HOH A . 
C 3 HOH 88  388 88  HOH HOH A . 
C 3 HOH 89  389 89  HOH HOH A . 
C 3 HOH 90  390 90  HOH HOH A . 
C 3 HOH 91  391 91  HOH HOH A . 
C 3 HOH 92  392 92  HOH HOH A . 
C 3 HOH 93  393 93  HOH HOH A . 
C 3 HOH 94  394 94  HOH HOH A . 
C 3 HOH 95  395 95  HOH HOH A . 
C 3 HOH 96  396 96  HOH HOH A . 
C 3 HOH 97  397 97  HOH HOH A . 
C 3 HOH 98  398 98  HOH HOH A . 
C 3 HOH 99  399 99  HOH HOH A . 
C 3 HOH 100 400 100 HOH HOH A . 
C 3 HOH 101 401 101 HOH HOH A . 
C 3 HOH 102 402 102 HOH HOH A . 
C 3 HOH 103 403 103 HOH HOH A . 
C 3 HOH 104 404 104 HOH HOH A . 
C 3 HOH 105 405 105 HOH HOH A . 
C 3 HOH 106 406 106 HOH HOH A . 
C 3 HOH 107 407 107 HOH HOH A . 
C 3 HOH 108 408 108 HOH HOH A . 
C 3 HOH 109 409 109 HOH HOH A . 
C 3 HOH 110 410 110 HOH HOH A . 
C 3 HOH 111 411 111 HOH HOH A . 
C 3 HOH 112 412 112 HOH HOH A . 
C 3 HOH 113 413 113 HOH HOH A . 
C 3 HOH 114 414 114 HOH HOH A . 
C 3 HOH 115 415 115 HOH HOH A . 
C 3 HOH 116 416 116 HOH HOH A . 
C 3 HOH 117 417 117 HOH HOH A . 
C 3 HOH 118 418 118 HOH HOH A . 
C 3 HOH 119 419 119 HOH HOH A . 
C 3 HOH 120 420 120 HOH HOH A . 
C 3 HOH 121 421 121 HOH HOH A . 
C 3 HOH 122 422 122 HOH HOH A . 
C 3 HOH 123 423 123 HOH HOH A . 
C 3 HOH 124 424 124 HOH HOH A . 
C 3 HOH 125 425 125 HOH HOH A . 
C 3 HOH 126 426 126 HOH HOH A . 
C 3 HOH 127 427 127 HOH HOH A . 
C 3 HOH 128 428 128 HOH HOH A . 
C 3 HOH 129 429 129 HOH HOH A . 
C 3 HOH 130 430 130 HOH HOH A . 
C 3 HOH 131 431 131 HOH HOH A . 
C 3 HOH 132 432 132 HOH HOH A . 
C 3 HOH 133 433 133 HOH HOH A . 
C 3 HOH 134 434 134 HOH HOH A . 
C 3 HOH 135 435 135 HOH HOH A . 
C 3 HOH 136 436 136 HOH HOH A . 
C 3 HOH 137 437 137 HOH HOH A . 
C 3 HOH 138 438 138 HOH HOH A . 
C 3 HOH 139 439 139 HOH HOH A . 
C 3 HOH 140 440 140 HOH HOH A . 
C 3 HOH 141 441 141 HOH HOH A . 
C 3 HOH 142 442 142 HOH HOH A . 
C 3 HOH 143 443 143 HOH HOH A . 
# 
loop_
_software.name 
_software.classification 
_software.version 
_software.citation_id 
_software.pdbx_ordinal 
HKL-2000 'data collection' .        ? 1 
MOLREP   phasing           .        ? 2 
REFMAC   refinement        5.7.0029 ? 3 
HKL-2000 'data reduction'  .        ? 4 
HKL-2000 'data scaling'    .        ? 5 
# 
_cell.entry_id           4REI 
_cell.length_a           61.945 
_cell.length_b           61.945 
_cell.length_c           91.885 
_cell.angle_alpha        90.00 
_cell.angle_beta         90.00 
_cell.angle_gamma        120.00 
_cell.Z_PDB              6 
_cell.pdbx_unique_axis   ? 
_cell.length_a_esd       ? 
_cell.length_b_esd       ? 
_cell.length_c_esd       ? 
_cell.angle_alpha_esd    ? 
_cell.angle_beta_esd     ? 
_cell.angle_gamma_esd    ? 
# 
_symmetry.entry_id                         4REI 
_symmetry.space_group_name_H-M             'P 31 2 1' 
_symmetry.pdbx_full_space_group_name_H-M   ? 
_symmetry.cell_setting                     ? 
_symmetry.Int_Tables_number                152 
_symmetry.space_group_name_Hall            ? 
# 
_exptl.entry_id          4REI 
_exptl.method            'X-RAY DIFFRACTION' 
_exptl.crystals_number   1 
# 
_exptl_crystal.id                    1 
_exptl_crystal.density_meas          ? 
_exptl_crystal.density_Matthews      3.01 
_exptl_crystal.density_percent_sol   59.17 
_exptl_crystal.description           ? 
_exptl_crystal.F_000                 ? 
_exptl_crystal.preparation           ? 
# 
_exptl_crystal_grow.crystal_id      1 
_exptl_crystal_grow.method          'VAPOR DIFFUSION, SITTING DROP' 
_exptl_crystal_grow.temp            287 
_exptl_crystal_grow.temp_details    ? 
_exptl_crystal_grow.pH              7.0 
_exptl_crystal_grow.pdbx_details    '2.1 M DL-Malic acid, pH 7.0, VAPOR DIFFUSION, SITTING DROP, temperature 287K' 
_exptl_crystal_grow.pdbx_pH_range   ? 
# 
_diffrn.id                     1 
_diffrn.ambient_temp           100 
_diffrn.ambient_temp_details   ? 
_diffrn.crystal_id             1 
# 
_diffrn_detector.diffrn_id              1 
_diffrn_detector.detector               CCD 
_diffrn_detector.type                   'ADSC QUANTUM 315r' 
_diffrn_detector.pdbx_collection_date   2013-05-08 
_diffrn_detector.details                ? 
# 
_diffrn_radiation.diffrn_id                        1 
_diffrn_radiation.wavelength_id                    1 
_diffrn_radiation.pdbx_monochromatic_or_laue_m_l   M 
_diffrn_radiation.monochromator                    ? 
_diffrn_radiation.pdbx_diffrn_protocol             'SINGLE WAVELENGTH' 
_diffrn_radiation.pdbx_scattering_type             x-ray 
# 
_diffrn_radiation_wavelength.id           1 
_diffrn_radiation_wavelength.wavelength   0.97949 
_diffrn_radiation_wavelength.wt           1.0 
# 
_diffrn_source.diffrn_id                   1 
_diffrn_source.source                      SYNCHROTRON 
_diffrn_source.type                        'PAL/PLS BEAMLINE 5C (4A)' 
_diffrn_source.pdbx_synchrotron_site       PAL/PLS 
_diffrn_source.pdbx_synchrotron_beamline   '5C (4A)' 
_diffrn_source.pdbx_wavelength             ? 
_diffrn_source.pdbx_wavelength_list        0.97949 
# 
_reflns.entry_id                     4REI 
_reflns.observed_criterion_sigma_I   1361.8 
_reflns.observed_criterion_sigma_F   21.9 
_reflns.d_resolution_low             50.00 
_reflns.d_resolution_high            1.50 
_reflns.number_obs                   33189 
_reflns.number_all                   334110 
_reflns.percent_possible_obs         98.6 
_reflns.pdbx_Rmerge_I_obs            ? 
_reflns.pdbx_Rsym_value              ? 
_reflns.pdbx_netI_over_sigmaI        ? 
_reflns.B_iso_Wilson_estimate        ? 
_reflns.pdbx_redundancy              ? 
_reflns.R_free_details               ? 
_reflns.limit_h_max                  ? 
_reflns.limit_h_min                  ? 
_reflns.limit_k_max                  ? 
_reflns.limit_k_min                  ? 
_reflns.limit_l_max                  ? 
_reflns.limit_l_min                  ? 
_reflns.observed_criterion_F_max     ? 
_reflns.observed_criterion_F_min     ? 
_reflns.pdbx_chi_squared             ? 
_reflns.pdbx_scaling_rejects         ? 
_reflns.pdbx_ordinal                 1 
_reflns.pdbx_diffrn_id               1 
# 
_reflns_shell.d_res_high             1.50 
_reflns_shell.d_res_low              1.53 
_reflns_shell.percent_possible_all   100 
_reflns_shell.Rmerge_I_obs           ? 
_reflns_shell.pdbx_Rsym_value        ? 
_reflns_shell.meanI_over_sigI_obs    ? 
_reflns_shell.pdbx_redundancy        ? 
_reflns_shell.percent_possible_obs   ? 
_reflns_shell.number_unique_all      ? 
_reflns_shell.number_measured_all    ? 
_reflns_shell.number_measured_obs    ? 
_reflns_shell.number_unique_obs      ? 
_reflns_shell.pdbx_chi_squared       ? 
_reflns_shell.pdbx_ordinal           1 
_reflns_shell.pdbx_diffrn_id         1 
# 
_refine.entry_id                                 4REI 
_refine.ls_number_reflns_obs                     31458 
_refine.ls_number_reflns_all                     ? 
_refine.pdbx_ls_sigma_I                          ? 
_refine.pdbx_ls_sigma_F                          . 
_refine.pdbx_data_cutoff_high_absF               ? 
_refine.pdbx_data_cutoff_low_absF                ? 
_refine.pdbx_data_cutoff_high_rms_absF           ? 
_refine.ls_d_res_low                             26.82 
_refine.ls_d_res_high                            1.49 
_refine.ls_percent_reflns_obs                    98.51 
_refine.ls_R_factor_obs                          0.19474 
_refine.ls_R_factor_all                          ? 
_refine.ls_R_factor_R_work                       0.19329 
_refine.ls_R_factor_R_free                       0.22138 
_refine.ls_R_factor_R_free_error                 ? 
_refine.ls_R_factor_R_free_error_details         ? 
_refine.ls_percent_reflns_R_free                 5.1 
_refine.ls_number_reflns_R_free                  1683 
_refine.ls_number_parameters                     ? 
_refine.ls_number_restraints                     ? 
_refine.occupancy_min                            ? 
_refine.occupancy_max                            ? 
_refine.correlation_coeff_Fo_to_Fc               0.960 
_refine.correlation_coeff_Fo_to_Fc_free          0.950 
_refine.B_iso_mean                               22.033 
_refine.aniso_B[1][1]                            0.00 
_refine.aniso_B[2][2]                            0.00 
_refine.aniso_B[3][3]                            -0.00 
_refine.aniso_B[1][2]                            0.00 
_refine.aniso_B[1][3]                            0.00 
_refine.aniso_B[2][3]                            0.00 
_refine.solvent_model_details                    MASK 
_refine.solvent_model_param_ksol                 ? 
_refine.solvent_model_param_bsol                 ? 
_refine.pdbx_solvent_vdw_probe_radii             1.20 
_refine.pdbx_solvent_ion_probe_radii             0.80 
_refine.pdbx_solvent_shrinkage_radii             0.80 
_refine.pdbx_ls_cross_valid_method               THROUGHOUT 
_refine.details                                  'HYDROGENS HAVE BEEN ADDED IN THE RIDING POSITIONS' 
_refine.pdbx_starting_model                      ? 
_refine.pdbx_method_to_determine_struct          'MOLECULAR REPLACEMENT' 
_refine.pdbx_isotropic_thermal_model             ? 
_refine.pdbx_stereochemistry_target_values       'MAXIMUM LIKELIHOOD' 
_refine.pdbx_stereochem_target_val_spec_case     ? 
_refine.pdbx_R_Free_selection_details            RANDOM 
_refine.pdbx_overall_ESU_R                       0.066 
_refine.pdbx_overall_ESU_R_Free                  0.069 
_refine.overall_SU_ML                            0.045 
_refine.pdbx_overall_phase_error                 ? 
_refine.overall_SU_B                             1.203 
_refine.overall_SU_R_Cruickshank_DPI             ? 
_refine.ls_redundancy_reflns_obs                 ? 
_refine.B_iso_min                                ? 
_refine.B_iso_max                                ? 
_refine.overall_SU_R_free                        ? 
_refine.ls_wR_factor_R_free                      ? 
_refine.ls_wR_factor_R_work                      ? 
_refine.overall_FOM_free_R_set                   ? 
_refine.overall_FOM_work_R_set                   ? 
_refine.pdbx_diffrn_id                           1 
_refine.pdbx_refine_id                           'X-RAY DIFFRACTION' 
_refine.pdbx_TLS_residual_ADP_flag               ? 
_refine.pdbx_overall_SU_R_free_Cruickshank_DPI   ? 
_refine.pdbx_overall_SU_R_Blow_DPI               ? 
_refine.pdbx_overall_SU_R_free_Blow_DPI          ? 
# 
_refine_hist.pdbx_refine_id                   'X-RAY DIFFRACTION' 
_refine_hist.cycle_id                         LAST 
_refine_hist.pdbx_number_atoms_protein        1151 
_refine_hist.pdbx_number_atoms_nucleic_acid   0 
_refine_hist.pdbx_number_atoms_ligand         11 
_refine_hist.number_atoms_solvent             143 
_refine_hist.number_atoms_total               1305 
_refine_hist.d_res_high                       1.49 
_refine_hist.d_res_low                        26.82 
# 
loop_
_refine_ls_restr.type 
_refine_ls_restr.dev_ideal 
_refine_ls_restr.dev_ideal_target 
_refine_ls_restr.weight 
_refine_ls_restr.number 
_refine_ls_restr.pdbx_restraint_function 
_refine_ls_restr.pdbx_refine_id 
r_bond_refined_d             0.031  0.019  ? 1187 ? 'X-RAY DIFFRACTION' 
r_bond_other_d               0.001  0.020  ? 1128 ? 'X-RAY DIFFRACTION' 
r_angle_refined_deg          2.798  1.946  ? 1608 ? 'X-RAY DIFFRACTION' 
r_angle_other_deg            1.011  3.000  ? 2608 ? 'X-RAY DIFFRACTION' 
r_dihedral_angle_1_deg       6.355  5.000  ? 144  ? 'X-RAY DIFFRACTION' 
r_dihedral_angle_2_deg       40.652 25.455 ? 55   ? 'X-RAY DIFFRACTION' 
r_dihedral_angle_3_deg       12.378 15.000 ? 199  ? 'X-RAY DIFFRACTION' 
r_dihedral_angle_4_deg       9.578  15.000 ? 2    ? 'X-RAY DIFFRACTION' 
r_chiral_restr               0.150  0.200  ? 185  ? 'X-RAY DIFFRACTION' 
r_gen_planes_refined         0.013  0.020  ? 1315 ? 'X-RAY DIFFRACTION' 
r_gen_planes_other           0.001  0.020  ? 259  ? 'X-RAY DIFFRACTION' 
r_nbd_refined                ?      ?      ? ?    ? 'X-RAY DIFFRACTION' 
r_nbd_other                  ?      ?      ? ?    ? 'X-RAY DIFFRACTION' 
r_nbtor_refined              ?      ?      ? ?    ? 'X-RAY DIFFRACTION' 
r_nbtor_other                ?      ?      ? ?    ? 'X-RAY DIFFRACTION' 
r_xyhbond_nbd_refined        ?      ?      ? ?    ? 'X-RAY DIFFRACTION' 
r_xyhbond_nbd_other          ?      ?      ? ?    ? 'X-RAY DIFFRACTION' 
r_metal_ion_refined          ?      ?      ? ?    ? 'X-RAY DIFFRACTION' 
r_metal_ion_other            ?      ?      ? ?    ? 'X-RAY DIFFRACTION' 
r_symmetry_vdw_refined       ?      ?      ? ?    ? 'X-RAY DIFFRACTION' 
r_symmetry_vdw_other         ?      ?      ? ?    ? 'X-RAY DIFFRACTION' 
r_symmetry_hbond_refined     ?      ?      ? ?    ? 'X-RAY DIFFRACTION' 
r_symmetry_hbond_other       ?      ?      ? ?    ? 'X-RAY DIFFRACTION' 
r_symmetry_metal_ion_refined ?      ?      ? ?    ? 'X-RAY DIFFRACTION' 
r_symmetry_metal_ion_other   ?      ?      ? ?    ? 'X-RAY DIFFRACTION' 
r_mcbond_it                  ?      ?      ? ?    ? 'X-RAY DIFFRACTION' 
r_mcbond_other               ?      ?      ? ?    ? 'X-RAY DIFFRACTION' 
r_mcangle_it                 ?      ?      ? ?    ? 'X-RAY DIFFRACTION' 
r_mcangle_other              ?      ?      ? ?    ? 'X-RAY DIFFRACTION' 
r_scbond_it                  ?      ?      ? ?    ? 'X-RAY DIFFRACTION' 
r_scbond_other               ?      ?      ? ?    ? 'X-RAY DIFFRACTION' 
r_scangle_it                 ?      ?      ? ?    ? 'X-RAY DIFFRACTION' 
r_scangle_other              ?      ?      ? ?    ? 'X-RAY DIFFRACTION' 
r_long_range_B_refined       ?      ?      ? ?    ? 'X-RAY DIFFRACTION' 
r_long_range_B_other         ?      ?      ? ?    ? 'X-RAY DIFFRACTION' 
r_rigid_bond_restr           ?      ?      ? ?    ? 'X-RAY DIFFRACTION' 
r_sphericity_free            ?      ?      ? ?    ? 'X-RAY DIFFRACTION' 
r_sphericity_bonded          ?      ?      ? ?    ? 'X-RAY DIFFRACTION' 
# 
_refine_ls_shell.pdbx_total_number_of_bins_used   20 
_refine_ls_shell.d_res_high                       1.495 
_refine_ls_shell.d_res_low                        1.534 
_refine_ls_shell.number_reflns_R_work             2326 
_refine_ls_shell.R_factor_R_work                  0.240 
_refine_ls_shell.percent_reflns_obs               99.43 
_refine_ls_shell.R_factor_R_free                  0.296 
_refine_ls_shell.R_factor_R_free_error            ? 
_refine_ls_shell.percent_reflns_R_free            ? 
_refine_ls_shell.number_reflns_R_free             112 
_refine_ls_shell.number_reflns_all                ? 
_refine_ls_shell.R_factor_all                     ? 
_refine_ls_shell.number_reflns_obs                ? 
_refine_ls_shell.redundancy_reflns_obs            ? 
_refine_ls_shell.pdbx_refine_id                   'X-RAY DIFFRACTION' 
# 
_struct.entry_id                  4REI 
_struct.title                     'Crystal structure of ginseng major latex-like protein 151 (GLP) from Panax ginseng. (crystal-2)' 
_struct.pdbx_model_details        ? 
_struct.pdbx_CASP_flag            ? 
_struct.pdbx_model_type_details   ? 
# 
_struct_keywords.entry_id        4REI 
_struct_keywords.pdbx_keywords   'PROTEIN BINDING' 
_struct_keywords.text            'major latex-like protein, PROTEIN BINDING' 
# 
loop_
_struct_asym.id 
_struct_asym.pdbx_blank_PDB_chainid_flag 
_struct_asym.pdbx_modified 
_struct_asym.entity_id 
_struct_asym.details 
A N N 1 ? 
B N N 2 ? 
C N N 3 ? 
# 
_struct_ref.id                         1 
_struct_ref.db_name                    UNP 
_struct_ref.db_code                    B5THI3_PANGI 
_struct_ref.pdbx_db_accession          B5THI3 
_struct_ref.entity_id                  1 
_struct_ref.pdbx_seq_one_letter_code   
;MGLTGKLICQTGIKSDGDVFHELFGTRPHHVPNITPANIQGCDLHEGEFGKVGSVVIWNYSIDGNAMIAKEEIVAIDEED
KSVTFKVVEGHLFEEFKSIVFSVHVDTKGEDNLVTWSIDYEKLNESVKDPTSYLDFLLSVTRDIEAHHLPK
;
_struct_ref.pdbx_align_begin           1 
_struct_ref.pdbx_db_isoform            ? 
# 
_struct_ref_seq.align_id                      1 
_struct_ref_seq.ref_id                        1 
_struct_ref_seq.pdbx_PDB_id_code              4REI 
_struct_ref_seq.pdbx_strand_id                A 
_struct_ref_seq.seq_align_beg                 1 
_struct_ref_seq.pdbx_seq_align_beg_ins_code   ? 
_struct_ref_seq.seq_align_end                 151 
_struct_ref_seq.pdbx_seq_align_end_ins_code   ? 
_struct_ref_seq.pdbx_db_accession             B5THI3 
_struct_ref_seq.db_align_beg                  1 
_struct_ref_seq.pdbx_db_align_beg_ins_code    ? 
_struct_ref_seq.db_align_end                  151 
_struct_ref_seq.pdbx_db_align_end_ins_code    ? 
_struct_ref_seq.pdbx_auth_seq_align_beg       1 
_struct_ref_seq.pdbx_auth_seq_align_end       151 
# 
_pdbx_struct_assembly.id                   1 
_pdbx_struct_assembly.details              author_and_software_defined_assembly 
_pdbx_struct_assembly.method_details       PISA 
_pdbx_struct_assembly.oligomeric_details   monomeric 
_pdbx_struct_assembly.oligomeric_count     1 
# 
_pdbx_struct_assembly_gen.assembly_id       1 
_pdbx_struct_assembly_gen.oper_expression   1 
_pdbx_struct_assembly_gen.asym_id_list      A,B,C 
# 
_pdbx_struct_oper_list.id                   1 
_pdbx_struct_oper_list.type                 'identity operation' 
_pdbx_struct_oper_list.name                 1_555 
_pdbx_struct_oper_list.symmetry_operation   x,y,z 
_pdbx_struct_oper_list.matrix[1][1]         1.0000000000 
_pdbx_struct_oper_list.matrix[1][2]         0.0000000000 
_pdbx_struct_oper_list.matrix[1][3]         0.0000000000 
_pdbx_struct_oper_list.vector[1]            0.0000000000 
_pdbx_struct_oper_list.matrix[2][1]         0.0000000000 
_pdbx_struct_oper_list.matrix[2][2]         1.0000000000 
_pdbx_struct_oper_list.matrix[2][3]         0.0000000000 
_pdbx_struct_oper_list.vector[2]            0.0000000000 
_pdbx_struct_oper_list.matrix[3][1]         0.0000000000 
_pdbx_struct_oper_list.matrix[3][2]         0.0000000000 
_pdbx_struct_oper_list.matrix[3][3]         1.0000000000 
_pdbx_struct_oper_list.vector[3]            0.0000000000 
# 
_struct_biol.id        1 
_struct_biol.details   ? 
# 
loop_
_struct_conf.conf_type_id 
_struct_conf.id 
_struct_conf.pdbx_PDB_helix_id 
_struct_conf.beg_label_comp_id 
_struct_conf.beg_label_asym_id 
_struct_conf.beg_label_seq_id 
_struct_conf.pdbx_beg_PDB_ins_code 
_struct_conf.end_label_comp_id 
_struct_conf.end_label_asym_id 
_struct_conf.end_label_seq_id 
_struct_conf.pdbx_end_PDB_ins_code 
_struct_conf.beg_auth_comp_id 
_struct_conf.beg_auth_asym_id 
_struct_conf.beg_auth_seq_id 
_struct_conf.end_auth_comp_id 
_struct_conf.end_auth_asym_id 
_struct_conf.end_auth_seq_id 
_struct_conf.pdbx_PDB_helix_class 
_struct_conf.details 
_struct_conf.pdbx_PDB_helix_length 
HELX_P HELX_P1 1 ASP A 16  ? ARG A 27  ? ASP A 16  ARG A 27  1 ? 12 
HELX_P HELX_P2 2 HIS A 30  ? THR A 35  ? HIS A 30  THR A 35  1 ? 6  
HELX_P HELX_P3 3 LEU A 92  ? GLU A 94  ? LEU A 92  GLU A 94  5 ? 3  
HELX_P HELX_P4 4 PRO A 130 ? LEU A 149 ? PRO A 130 LEU A 149 1 ? 20 
# 
_struct_conf_type.id          HELX_P 
_struct_conf_type.criteria    ? 
_struct_conf_type.reference   ? 
# 
_struct_sheet.id               A 
_struct_sheet.type             ? 
_struct_sheet.number_strands   7 
_struct_sheet.details          ? 
# 
loop_
_struct_sheet_order.sheet_id 
_struct_sheet_order.range_id_1 
_struct_sheet_order.range_id_2 
_struct_sheet_order.offset 
_struct_sheet_order.sense 
A 1 2 ? anti-parallel 
A 2 3 ? anti-parallel 
A 3 4 ? anti-parallel 
A 4 5 ? anti-parallel 
A 5 6 ? anti-parallel 
A 6 7 ? anti-parallel 
# 
loop_
_struct_sheet_range.sheet_id 
_struct_sheet_range.id 
_struct_sheet_range.beg_label_comp_id 
_struct_sheet_range.beg_label_asym_id 
_struct_sheet_range.beg_label_seq_id 
_struct_sheet_range.pdbx_beg_PDB_ins_code 
_struct_sheet_range.end_label_comp_id 
_struct_sheet_range.end_label_asym_id 
_struct_sheet_range.end_label_seq_id 
_struct_sheet_range.pdbx_end_PDB_ins_code 
_struct_sheet_range.beg_auth_comp_id 
_struct_sheet_range.beg_auth_asym_id 
_struct_sheet_range.beg_auth_seq_id 
_struct_sheet_range.end_auth_comp_id 
_struct_sheet_range.end_auth_asym_id 
_struct_sheet_range.end_auth_seq_id 
A 1 THR A 4   ? GLY A 12  ? THR A 4   GLY A 12  
A 2 LEU A 113 ? LYS A 122 ? LEU A 113 LYS A 122 
A 3 PHE A 96  ? ASP A 106 ? PHE A 96  ASP A 106 
A 4 SER A 82  ? GLY A 90  ? SER A 82  GLY A 90  
A 5 ASN A 65  ? ASP A 77  ? ASN A 65  ASP A 77  
A 6 VAL A 55  ? ILE A 62  ? VAL A 55  ILE A 62  
A 7 ILE A 39  ? GLU A 46  ? ILE A 39  GLU A 46  
# 
loop_
_pdbx_struct_sheet_hbond.sheet_id 
_pdbx_struct_sheet_hbond.range_id_1 
_pdbx_struct_sheet_hbond.range_id_2 
_pdbx_struct_sheet_hbond.range_1_label_atom_id 
_pdbx_struct_sheet_hbond.range_1_label_comp_id 
_pdbx_struct_sheet_hbond.range_1_label_asym_id 
_pdbx_struct_sheet_hbond.range_1_label_seq_id 
_pdbx_struct_sheet_hbond.range_1_PDB_ins_code 
_pdbx_struct_sheet_hbond.range_1_auth_atom_id 
_pdbx_struct_sheet_hbond.range_1_auth_comp_id 
_pdbx_struct_sheet_hbond.range_1_auth_asym_id 
_pdbx_struct_sheet_hbond.range_1_auth_seq_id 
_pdbx_struct_sheet_hbond.range_2_label_atom_id 
_pdbx_struct_sheet_hbond.range_2_label_comp_id 
_pdbx_struct_sheet_hbond.range_2_label_asym_id 
_pdbx_struct_sheet_hbond.range_2_label_seq_id 
_pdbx_struct_sheet_hbond.range_2_PDB_ins_code 
_pdbx_struct_sheet_hbond.range_2_auth_atom_id 
_pdbx_struct_sheet_hbond.range_2_auth_comp_id 
_pdbx_struct_sheet_hbond.range_2_auth_asym_id 
_pdbx_struct_sheet_hbond.range_2_auth_seq_id 
A 1 2 N THR A 11  ? N THR A 11  O VAL A 114 ? O VAL A 114 
A 2 3 O LEU A 113 ? O LEU A 113 N ASP A 106 ? N ASP A 106 
A 3 4 O PHE A 101 ? O PHE A 101 N PHE A 85  ? N PHE A 85  
A 4 5 O VAL A 88  ? O VAL A 88  N LYS A 70  ? N LYS A 70  
A 5 6 O MET A 67  ? O MET A 67  N TYR A 60  ? N TYR A 60  
A 6 7 O VAL A 55  ? O VAL A 55  N HIS A 45  ? N HIS A 45  
# 
_struct_site.id                   AC1 
_struct_site.pdbx_evidence_code   Software 
_struct_site.pdbx_auth_asym_id    A 
_struct_site.pdbx_auth_comp_id    3MV 
_struct_site.pdbx_auth_seq_id     201 
_struct_site.pdbx_auth_ins_code   ? 
_struct_site.pdbx_num_residues    8 
_struct_site.details              'BINDING SITE FOR RESIDUE 3MV A 201' 
# 
loop_
_struct_site_gen.id 
_struct_site_gen.site_id 
_struct_site_gen.pdbx_num_res 
_struct_site_gen.label_comp_id 
_struct_site_gen.label_asym_id 
_struct_site_gen.label_seq_id 
_struct_site_gen.pdbx_auth_ins_code 
_struct_site_gen.auth_comp_id 
_struct_site_gen.auth_asym_id 
_struct_site_gen.auth_seq_id 
_struct_site_gen.label_atom_id 
_struct_site_gen.label_alt_id 
_struct_site_gen.symmetry 
_struct_site_gen.details 
1 AC1 8 PHE A 24  ? PHE A 24  . ? 1_555 ? 
2 AC1 8 TRP A 58  ? TRP A 58  . ? 1_555 ? 
3 AC1 8 ALA A 69  ? ALA A 69  . ? 1_555 ? 
4 AC1 8 GLU A 71  ? GLU A 71  . ? 1_555 ? 
5 AC1 8 PHE A 85  ? PHE A 85  . ? 1_555 ? 
6 AC1 8 PHE A 101 ? PHE A 101 . ? 1_555 ? 
7 AC1 8 PHE A 136 ? PHE A 136 . ? 1_555 ? 
8 AC1 8 LEU A 137 ? LEU A 137 . ? 1_555 ? 
# 
loop_
_pdbx_validate_rmsd_angle.id 
_pdbx_validate_rmsd_angle.PDB_model_num 
_pdbx_validate_rmsd_angle.auth_atom_id_1 
_pdbx_validate_rmsd_angle.auth_asym_id_1 
_pdbx_validate_rmsd_angle.auth_comp_id_1 
_pdbx_validate_rmsd_angle.auth_seq_id_1 
_pdbx_validate_rmsd_angle.PDB_ins_code_1 
_pdbx_validate_rmsd_angle.label_alt_id_1 
_pdbx_validate_rmsd_angle.auth_atom_id_2 
_pdbx_validate_rmsd_angle.auth_asym_id_2 
_pdbx_validate_rmsd_angle.auth_comp_id_2 
_pdbx_validate_rmsd_angle.auth_seq_id_2 
_pdbx_validate_rmsd_angle.PDB_ins_code_2 
_pdbx_validate_rmsd_angle.label_alt_id_2 
_pdbx_validate_rmsd_angle.auth_atom_id_3 
_pdbx_validate_rmsd_angle.auth_asym_id_3 
_pdbx_validate_rmsd_angle.auth_comp_id_3 
_pdbx_validate_rmsd_angle.auth_seq_id_3 
_pdbx_validate_rmsd_angle.PDB_ins_code_3 
_pdbx_validate_rmsd_angle.label_alt_id_3 
_pdbx_validate_rmsd_angle.angle_value 
_pdbx_validate_rmsd_angle.angle_target_value 
_pdbx_validate_rmsd_angle.angle_deviation 
_pdbx_validate_rmsd_angle.angle_standard_deviation 
_pdbx_validate_rmsd_angle.linker_flag 
1 1 CB  A ASP 16  ? ? CG A ASP 16  ? ? OD1 A ASP 16  ? ? 133.40 118.30 15.10 0.90 N 
2 1 CB  A ASP 16  ? ? CG A ASP 16  ? ? OD2 A ASP 16  ? ? 111.94 118.30 -6.36 0.90 N 
3 1 NE  A ARG 27  ? ? CZ A ARG 27  ? ? NH1 A ARG 27  ? ? 116.44 120.30 -3.86 0.50 N 
4 1 OE1 A GLU 71  ? ? CD A GLU 71  ? ? OE2 A GLU 71  ? ? 116.01 123.30 -7.29 1.20 N 
5 1 OE1 A GLU 94  ? ? CD A GLU 94  ? ? OE2 A GLU 94  ? ? 114.50 123.30 -8.80 1.20 N 
6 1 CB  A ASP 129 ? ? CG A ASP 129 ? ? OD2 A ASP 129 ? ? 126.65 118.30 8.35  0.90 N 
7 1 CB  A ASP 135 ? ? CG A ASP 135 ? ? OD2 A ASP 135 ? ? 110.83 118.30 -7.47 0.90 N 
# 
loop_
_pdbx_unobs_or_zero_occ_residues.id 
_pdbx_unobs_or_zero_occ_residues.PDB_model_num 
_pdbx_unobs_or_zero_occ_residues.polymer_flag 
_pdbx_unobs_or_zero_occ_residues.occupancy_flag 
_pdbx_unobs_or_zero_occ_residues.auth_asym_id 
_pdbx_unobs_or_zero_occ_residues.auth_comp_id 
_pdbx_unobs_or_zero_occ_residues.auth_seq_id 
_pdbx_unobs_or_zero_occ_residues.PDB_ins_code 
_pdbx_unobs_or_zero_occ_residues.label_asym_id 
_pdbx_unobs_or_zero_occ_residues.label_comp_id 
_pdbx_unobs_or_zero_occ_residues.label_seq_id 
1 1 Y 1 A MET 1   ? A MET 1   
2 1 Y 1 A GLY 109 ? A GLY 109 
3 1 Y 1 A GLU 110 ? A GLU 110 
4 1 Y 1 A ASP 111 ? A ASP 111 
5 1 Y 1 A LYS 151 ? A LYS 151 
# 
loop_
_chem_comp_atom.comp_id 
_chem_comp_atom.atom_id 
_chem_comp_atom.type_symbol 
_chem_comp_atom.pdbx_aromatic_flag 
_chem_comp_atom.pdbx_stereo_config 
_chem_comp_atom.pdbx_ordinal 
3MV CAA  C N N 1   
3MV CAF  C N N 2   
3MV CAI  C N R 3   
3MV CAC  C N N 4   
3MV CAH  C N N 5   
3MV CAK  C N R 6   
3MV CAG  C N N 7   
3MV CAB  C N N 8   
3MV CAJ  C N N 9   
3MV CAE  C N N 10  
3MV CAD  C N N 11  
3MV H1   H N N 12  
3MV H2   H N N 13  
3MV H3   H N N 14  
3MV H4   H N N 15  
3MV H5   H N N 16  
3MV H6   H N N 17  
3MV H7   H N N 18  
3MV H8   H N N 19  
3MV H9   H N N 20  
3MV H10  H N N 21  
3MV H11  H N N 22  
3MV H12  H N N 23  
3MV H13  H N N 24  
3MV H14  H N N 25  
3MV H15  H N N 26  
3MV H16  H N N 27  
3MV H17  H N N 28  
3MV H18  H N N 29  
3MV H19  H N N 30  
3MV H20  H N N 31  
3MV H21  H N N 32  
3MV H22  H N N 33  
3MV H23  H N N 34  
3MV H24  H N N 35  
ALA N    N N N 36  
ALA CA   C N S 37  
ALA C    C N N 38  
ALA O    O N N 39  
ALA CB   C N N 40  
ALA OXT  O N N 41  
ALA H    H N N 42  
ALA H2   H N N 43  
ALA HA   H N N 44  
ALA HB1  H N N 45  
ALA HB2  H N N 46  
ALA HB3  H N N 47  
ALA HXT  H N N 48  
ARG N    N N N 49  
ARG CA   C N S 50  
ARG C    C N N 51  
ARG O    O N N 52  
ARG CB   C N N 53  
ARG CG   C N N 54  
ARG CD   C N N 55  
ARG NE   N N N 56  
ARG CZ   C N N 57  
ARG NH1  N N N 58  
ARG NH2  N N N 59  
ARG OXT  O N N 60  
ARG H    H N N 61  
ARG H2   H N N 62  
ARG HA   H N N 63  
ARG HB2  H N N 64  
ARG HB3  H N N 65  
ARG HG2  H N N 66  
ARG HG3  H N N 67  
ARG HD2  H N N 68  
ARG HD3  H N N 69  
ARG HE   H N N 70  
ARG HH11 H N N 71  
ARG HH12 H N N 72  
ARG HH21 H N N 73  
ARG HH22 H N N 74  
ARG HXT  H N N 75  
ASN N    N N N 76  
ASN CA   C N S 77  
ASN C    C N N 78  
ASN O    O N N 79  
ASN CB   C N N 80  
ASN CG   C N N 81  
ASN OD1  O N N 82  
ASN ND2  N N N 83  
ASN OXT  O N N 84  
ASN H    H N N 85  
ASN H2   H N N 86  
ASN HA   H N N 87  
ASN HB2  H N N 88  
ASN HB3  H N N 89  
ASN HD21 H N N 90  
ASN HD22 H N N 91  
ASN HXT  H N N 92  
ASP N    N N N 93  
ASP CA   C N S 94  
ASP C    C N N 95  
ASP O    O N N 96  
ASP CB   C N N 97  
ASP CG   C N N 98  
ASP OD1  O N N 99  
ASP OD2  O N N 100 
ASP OXT  O N N 101 
ASP H    H N N 102 
ASP H2   H N N 103 
ASP HA   H N N 104 
ASP HB2  H N N 105 
ASP HB3  H N N 106 
ASP HD2  H N N 107 
ASP HXT  H N N 108 
CYS N    N N N 109 
CYS CA   C N R 110 
CYS C    C N N 111 
CYS O    O N N 112 
CYS CB   C N N 113 
CYS SG   S N N 114 
CYS OXT  O N N 115 
CYS H    H N N 116 
CYS H2   H N N 117 
CYS HA   H N N 118 
CYS HB2  H N N 119 
CYS HB3  H N N 120 
CYS HG   H N N 121 
CYS HXT  H N N 122 
GLN N    N N N 123 
GLN CA   C N S 124 
GLN C    C N N 125 
GLN O    O N N 126 
GLN CB   C N N 127 
GLN CG   C N N 128 
GLN CD   C N N 129 
GLN OE1  O N N 130 
GLN NE2  N N N 131 
GLN OXT  O N N 132 
GLN H    H N N 133 
GLN H2   H N N 134 
GLN HA   H N N 135 
GLN HB2  H N N 136 
GLN HB3  H N N 137 
GLN HG2  H N N 138 
GLN HG3  H N N 139 
GLN HE21 H N N 140 
GLN HE22 H N N 141 
GLN HXT  H N N 142 
GLU N    N N N 143 
GLU CA   C N S 144 
GLU C    C N N 145 
GLU O    O N N 146 
GLU CB   C N N 147 
GLU CG   C N N 148 
GLU CD   C N N 149 
GLU OE1  O N N 150 
GLU OE2  O N N 151 
GLU OXT  O N N 152 
GLU H    H N N 153 
GLU H2   H N N 154 
GLU HA   H N N 155 
GLU HB2  H N N 156 
GLU HB3  H N N 157 
GLU HG2  H N N 158 
GLU HG3  H N N 159 
GLU HE2  H N N 160 
GLU HXT  H N N 161 
GLY N    N N N 162 
GLY CA   C N N 163 
GLY C    C N N 164 
GLY O    O N N 165 
GLY OXT  O N N 166 
GLY H    H N N 167 
GLY H2   H N N 168 
GLY HA2  H N N 169 
GLY HA3  H N N 170 
GLY HXT  H N N 171 
HIS N    N N N 172 
HIS CA   C N S 173 
HIS C    C N N 174 
HIS O    O N N 175 
HIS CB   C N N 176 
HIS CG   C Y N 177 
HIS ND1  N Y N 178 
HIS CD2  C Y N 179 
HIS CE1  C Y N 180 
HIS NE2  N Y N 181 
HIS OXT  O N N 182 
HIS H    H N N 183 
HIS H2   H N N 184 
HIS HA   H N N 185 
HIS HB2  H N N 186 
HIS HB3  H N N 187 
HIS HD1  H N N 188 
HIS HD2  H N N 189 
HIS HE1  H N N 190 
HIS HE2  H N N 191 
HIS HXT  H N N 192 
HOH O    O N N 193 
HOH H1   H N N 194 
HOH H2   H N N 195 
ILE N    N N N 196 
ILE CA   C N S 197 
ILE C    C N N 198 
ILE O    O N N 199 
ILE CB   C N S 200 
ILE CG1  C N N 201 
ILE CG2  C N N 202 
ILE CD1  C N N 203 
ILE OXT  O N N 204 
ILE H    H N N 205 
ILE H2   H N N 206 
ILE HA   H N N 207 
ILE HB   H N N 208 
ILE HG12 H N N 209 
ILE HG13 H N N 210 
ILE HG21 H N N 211 
ILE HG22 H N N 212 
ILE HG23 H N N 213 
ILE HD11 H N N 214 
ILE HD12 H N N 215 
ILE HD13 H N N 216 
ILE HXT  H N N 217 
LEU N    N N N 218 
LEU CA   C N S 219 
LEU C    C N N 220 
LEU O    O N N 221 
LEU CB   C N N 222 
LEU CG   C N N 223 
LEU CD1  C N N 224 
LEU CD2  C N N 225 
LEU OXT  O N N 226 
LEU H    H N N 227 
LEU H2   H N N 228 
LEU HA   H N N 229 
LEU HB2  H N N 230 
LEU HB3  H N N 231 
LEU HG   H N N 232 
LEU HD11 H N N 233 
LEU HD12 H N N 234 
LEU HD13 H N N 235 
LEU HD21 H N N 236 
LEU HD22 H N N 237 
LEU HD23 H N N 238 
LEU HXT  H N N 239 
LYS N    N N N 240 
LYS CA   C N S 241 
LYS C    C N N 242 
LYS O    O N N 243 
LYS CB   C N N 244 
LYS CG   C N N 245 
LYS CD   C N N 246 
LYS CE   C N N 247 
LYS NZ   N N N 248 
LYS OXT  O N N 249 
LYS H    H N N 250 
LYS H2   H N N 251 
LYS HA   H N N 252 
LYS HB2  H N N 253 
LYS HB3  H N N 254 
LYS HG2  H N N 255 
LYS HG3  H N N 256 
LYS HD2  H N N 257 
LYS HD3  H N N 258 
LYS HE2  H N N 259 
LYS HE3  H N N 260 
LYS HZ1  H N N 261 
LYS HZ2  H N N 262 
LYS HZ3  H N N 263 
LYS HXT  H N N 264 
MET N    N N N 265 
MET CA   C N S 266 
MET C    C N N 267 
MET O    O N N 268 
MET CB   C N N 269 
MET CG   C N N 270 
MET SD   S N N 271 
MET CE   C N N 272 
MET OXT  O N N 273 
MET H    H N N 274 
MET H2   H N N 275 
MET HA   H N N 276 
MET HB2  H N N 277 
MET HB3  H N N 278 
MET HG2  H N N 279 
MET HG3  H N N 280 
MET HE1  H N N 281 
MET HE2  H N N 282 
MET HE3  H N N 283 
MET HXT  H N N 284 
PHE N    N N N 285 
PHE CA   C N S 286 
PHE C    C N N 287 
PHE O    O N N 288 
PHE CB   C N N 289 
PHE CG   C Y N 290 
PHE CD1  C Y N 291 
PHE CD2  C Y N 292 
PHE CE1  C Y N 293 
PHE CE2  C Y N 294 
PHE CZ   C Y N 295 
PHE OXT  O N N 296 
PHE H    H N N 297 
PHE H2   H N N 298 
PHE HA   H N N 299 
PHE HB2  H N N 300 
PHE HB3  H N N 301 
PHE HD1  H N N 302 
PHE HD2  H N N 303 
PHE HE1  H N N 304 
PHE HE2  H N N 305 
PHE HZ   H N N 306 
PHE HXT  H N N 307 
PRO N    N N N 308 
PRO CA   C N S 309 
PRO C    C N N 310 
PRO O    O N N 311 
PRO CB   C N N 312 
PRO CG   C N N 313 
PRO CD   C N N 314 
PRO OXT  O N N 315 
PRO H    H N N 316 
PRO HA   H N N 317 
PRO HB2  H N N 318 
PRO HB3  H N N 319 
PRO HG2  H N N 320 
PRO HG3  H N N 321 
PRO HD2  H N N 322 
PRO HD3  H N N 323 
PRO HXT  H N N 324 
SER N    N N N 325 
SER CA   C N S 326 
SER C    C N N 327 
SER O    O N N 328 
SER CB   C N N 329 
SER OG   O N N 330 
SER OXT  O N N 331 
SER H    H N N 332 
SER H2   H N N 333 
SER HA   H N N 334 
SER HB2  H N N 335 
SER HB3  H N N 336 
SER HG   H N N 337 
SER HXT  H N N 338 
THR N    N N N 339 
THR CA   C N S 340 
THR C    C N N 341 
THR O    O N N 342 
THR CB   C N R 343 
THR OG1  O N N 344 
THR CG2  C N N 345 
THR OXT  O N N 346 
THR H    H N N 347 
THR H2   H N N 348 
THR HA   H N N 349 
THR HB   H N N 350 
THR HG1  H N N 351 
THR HG21 H N N 352 
THR HG22 H N N 353 
THR HG23 H N N 354 
THR HXT  H N N 355 
TRP N    N N N 356 
TRP CA   C N S 357 
TRP C    C N N 358 
TRP O    O N N 359 
TRP CB   C N N 360 
TRP CG   C Y N 361 
TRP CD1  C Y N 362 
TRP CD2  C Y N 363 
TRP NE1  N Y N 364 
TRP CE2  C Y N 365 
TRP CE3  C Y N 366 
TRP CZ2  C Y N 367 
TRP CZ3  C Y N 368 
TRP CH2  C Y N 369 
TRP OXT  O N N 370 
TRP H    H N N 371 
TRP H2   H N N 372 
TRP HA   H N N 373 
TRP HB2  H N N 374 
TRP HB3  H N N 375 
TRP HD1  H N N 376 
TRP HE1  H N N 377 
TRP HE3  H N N 378 
TRP HZ2  H N N 379 
TRP HZ3  H N N 380 
TRP HH2  H N N 381 
TRP HXT  H N N 382 
TYR N    N N N 383 
TYR CA   C N S 384 
TYR C    C N N 385 
TYR O    O N N 386 
TYR CB   C N N 387 
TYR CG   C Y N 388 
TYR CD1  C Y N 389 
TYR CD2  C Y N 390 
TYR CE1  C Y N 391 
TYR CE2  C Y N 392 
TYR CZ   C Y N 393 
TYR OH   O N N 394 
TYR OXT  O N N 395 
TYR H    H N N 396 
TYR H2   H N N 397 
TYR HA   H N N 398 
TYR HB2  H N N 399 
TYR HB3  H N N 400 
TYR HD1  H N N 401 
TYR HD2  H N N 402 
TYR HE1  H N N 403 
TYR HE2  H N N 404 
TYR HH   H N N 405 
TYR HXT  H N N 406 
VAL N    N N N 407 
VAL CA   C N S 408 
VAL C    C N N 409 
VAL O    O N N 410 
VAL CB   C N N 411 
VAL CG1  C N N 412 
VAL CG2  C N N 413 
VAL OXT  O N N 414 
VAL H    H N N 415 
VAL H2   H N N 416 
VAL HA   H N N 417 
VAL HB   H N N 418 
VAL HG11 H N N 419 
VAL HG12 H N N 420 
VAL HG13 H N N 421 
VAL HG21 H N N 422 
VAL HG22 H N N 423 
VAL HG23 H N N 424 
VAL HXT  H N N 425 
# 
loop_
_chem_comp_bond.comp_id 
_chem_comp_bond.atom_id_1 
_chem_comp_bond.atom_id_2 
_chem_comp_bond.value_order 
_chem_comp_bond.pdbx_aromatic_flag 
_chem_comp_bond.pdbx_stereo_config 
_chem_comp_bond.pdbx_ordinal 
3MV CAD CAJ  sing N N 1   
3MV CAG CAK  sing N N 2   
3MV CAG CAB  sing N N 3   
3MV CAH CAI  sing N N 4   
3MV CAH CAK  sing N N 5   
3MV CAJ CAK  sing N N 6   
3MV CAJ CAE  sing N N 7   
3MV CAF CAI  sing N N 8   
3MV CAF CAA  sing N N 9   
3MV CAI CAC  sing N N 10  
3MV CAA H1   sing N N 11  
3MV CAA H2   sing N N 12  
3MV CAA H3   sing N N 13  
3MV CAF H4   sing N N 14  
3MV CAF H5   sing N N 15  
3MV CAI H6   sing N N 16  
3MV CAC H7   sing N N 17  
3MV CAC H8   sing N N 18  
3MV CAC H9   sing N N 19  
3MV CAH H10  sing N N 20  
3MV CAH H11  sing N N 21  
3MV CAK H12  sing N N 22  
3MV CAG H13  sing N N 23  
3MV CAG H14  sing N N 24  
3MV CAB H15  sing N N 25  
3MV CAB H16  sing N N 26  
3MV CAB H17  sing N N 27  
3MV CAJ H18  sing N N 28  
3MV CAE H19  sing N N 29  
3MV CAE H20  sing N N 30  
3MV CAE H21  sing N N 31  
3MV CAD H22  sing N N 32  
3MV CAD H23  sing N N 33  
3MV CAD H24  sing N N 34  
ALA N   CA   sing N N 35  
ALA N   H    sing N N 36  
ALA N   H2   sing N N 37  
ALA CA  C    sing N N 38  
ALA CA  CB   sing N N 39  
ALA CA  HA   sing N N 40  
ALA C   O    doub N N 41  
ALA C   OXT  sing N N 42  
ALA CB  HB1  sing N N 43  
ALA CB  HB2  sing N N 44  
ALA CB  HB3  sing N N 45  
ALA OXT HXT  sing N N 46  
ARG N   CA   sing N N 47  
ARG N   H    sing N N 48  
ARG N   H2   sing N N 49  
ARG CA  C    sing N N 50  
ARG CA  CB   sing N N 51  
ARG CA  HA   sing N N 52  
ARG C   O    doub N N 53  
ARG C   OXT  sing N N 54  
ARG CB  CG   sing N N 55  
ARG CB  HB2  sing N N 56  
ARG CB  HB3  sing N N 57  
ARG CG  CD   sing N N 58  
ARG CG  HG2  sing N N 59  
ARG CG  HG3  sing N N 60  
ARG CD  NE   sing N N 61  
ARG CD  HD2  sing N N 62  
ARG CD  HD3  sing N N 63  
ARG NE  CZ   sing N N 64  
ARG NE  HE   sing N N 65  
ARG CZ  NH1  sing N N 66  
ARG CZ  NH2  doub N N 67  
ARG NH1 HH11 sing N N 68  
ARG NH1 HH12 sing N N 69  
ARG NH2 HH21 sing N N 70  
ARG NH2 HH22 sing N N 71  
ARG OXT HXT  sing N N 72  
ASN N   CA   sing N N 73  
ASN N   H    sing N N 74  
ASN N   H2   sing N N 75  
ASN CA  C    sing N N 76  
ASN CA  CB   sing N N 77  
ASN CA  HA   sing N N 78  
ASN C   O    doub N N 79  
ASN C   OXT  sing N N 80  
ASN CB  CG   sing N N 81  
ASN CB  HB2  sing N N 82  
ASN CB  HB3  sing N N 83  
ASN CG  OD1  doub N N 84  
ASN CG  ND2  sing N N 85  
ASN ND2 HD21 sing N N 86  
ASN ND2 HD22 sing N N 87  
ASN OXT HXT  sing N N 88  
ASP N   CA   sing N N 89  
ASP N   H    sing N N 90  
ASP N   H2   sing N N 91  
ASP CA  C    sing N N 92  
ASP CA  CB   sing N N 93  
ASP CA  HA   sing N N 94  
ASP C   O    doub N N 95  
ASP C   OXT  sing N N 96  
ASP CB  CG   sing N N 97  
ASP CB  HB2  sing N N 98  
ASP CB  HB3  sing N N 99  
ASP CG  OD1  doub N N 100 
ASP CG  OD2  sing N N 101 
ASP OD2 HD2  sing N N 102 
ASP OXT HXT  sing N N 103 
CYS N   CA   sing N N 104 
CYS N   H    sing N N 105 
CYS N   H2   sing N N 106 
CYS CA  C    sing N N 107 
CYS CA  CB   sing N N 108 
CYS CA  HA   sing N N 109 
CYS C   O    doub N N 110 
CYS C   OXT  sing N N 111 
CYS CB  SG   sing N N 112 
CYS CB  HB2  sing N N 113 
CYS CB  HB3  sing N N 114 
CYS SG  HG   sing N N 115 
CYS OXT HXT  sing N N 116 
GLN N   CA   sing N N 117 
GLN N   H    sing N N 118 
GLN N   H2   sing N N 119 
GLN CA  C    sing N N 120 
GLN CA  CB   sing N N 121 
GLN CA  HA   sing N N 122 
GLN C   O    doub N N 123 
GLN C   OXT  sing N N 124 
GLN CB  CG   sing N N 125 
GLN CB  HB2  sing N N 126 
GLN CB  HB3  sing N N 127 
GLN CG  CD   sing N N 128 
GLN CG  HG2  sing N N 129 
GLN CG  HG3  sing N N 130 
GLN CD  OE1  doub N N 131 
GLN CD  NE2  sing N N 132 
GLN NE2 HE21 sing N N 133 
GLN NE2 HE22 sing N N 134 
GLN OXT HXT  sing N N 135 
GLU N   CA   sing N N 136 
GLU N   H    sing N N 137 
GLU N   H2   sing N N 138 
GLU CA  C    sing N N 139 
GLU CA  CB   sing N N 140 
GLU CA  HA   sing N N 141 
GLU C   O    doub N N 142 
GLU C   OXT  sing N N 143 
GLU CB  CG   sing N N 144 
GLU CB  HB2  sing N N 145 
GLU CB  HB3  sing N N 146 
GLU CG  CD   sing N N 147 
GLU CG  HG2  sing N N 148 
GLU CG  HG3  sing N N 149 
GLU CD  OE1  doub N N 150 
GLU CD  OE2  sing N N 151 
GLU OE2 HE2  sing N N 152 
GLU OXT HXT  sing N N 153 
GLY N   CA   sing N N 154 
GLY N   H    sing N N 155 
GLY N   H2   sing N N 156 
GLY CA  C    sing N N 157 
GLY CA  HA2  sing N N 158 
GLY CA  HA3  sing N N 159 
GLY C   O    doub N N 160 
GLY C   OXT  sing N N 161 
GLY OXT HXT  sing N N 162 
HIS N   CA   sing N N 163 
HIS N   H    sing N N 164 
HIS N   H2   sing N N 165 
HIS CA  C    sing N N 166 
HIS CA  CB   sing N N 167 
HIS CA  HA   sing N N 168 
HIS C   O    doub N N 169 
HIS C   OXT  sing N N 170 
HIS CB  CG   sing N N 171 
HIS CB  HB2  sing N N 172 
HIS CB  HB3  sing N N 173 
HIS CG  ND1  sing Y N 174 
HIS CG  CD2  doub Y N 175 
HIS ND1 CE1  doub Y N 176 
HIS ND1 HD1  sing N N 177 
HIS CD2 NE2  sing Y N 178 
HIS CD2 HD2  sing N N 179 
HIS CE1 NE2  sing Y N 180 
HIS CE1 HE1  sing N N 181 
HIS NE2 HE2  sing N N 182 
HIS OXT HXT  sing N N 183 
HOH O   H1   sing N N 184 
HOH O   H2   sing N N 185 
ILE N   CA   sing N N 186 
ILE N   H    sing N N 187 
ILE N   H2   sing N N 188 
ILE CA  C    sing N N 189 
ILE CA  CB   sing N N 190 
ILE CA  HA   sing N N 191 
ILE C   O    doub N N 192 
ILE C   OXT  sing N N 193 
ILE CB  CG1  sing N N 194 
ILE CB  CG2  sing N N 195 
ILE CB  HB   sing N N 196 
ILE CG1 CD1  sing N N 197 
ILE CG1 HG12 sing N N 198 
ILE CG1 HG13 sing N N 199 
ILE CG2 HG21 sing N N 200 
ILE CG2 HG22 sing N N 201 
ILE CG2 HG23 sing N N 202 
ILE CD1 HD11 sing N N 203 
ILE CD1 HD12 sing N N 204 
ILE CD1 HD13 sing N N 205 
ILE OXT HXT  sing N N 206 
LEU N   CA   sing N N 207 
LEU N   H    sing N N 208 
LEU N   H2   sing N N 209 
LEU CA  C    sing N N 210 
LEU CA  CB   sing N N 211 
LEU CA  HA   sing N N 212 
LEU C   O    doub N N 213 
LEU C   OXT  sing N N 214 
LEU CB  CG   sing N N 215 
LEU CB  HB2  sing N N 216 
LEU CB  HB3  sing N N 217 
LEU CG  CD1  sing N N 218 
LEU CG  CD2  sing N N 219 
LEU CG  HG   sing N N 220 
LEU CD1 HD11 sing N N 221 
LEU CD1 HD12 sing N N 222 
LEU CD1 HD13 sing N N 223 
LEU CD2 HD21 sing N N 224 
LEU CD2 HD22 sing N N 225 
LEU CD2 HD23 sing N N 226 
LEU OXT HXT  sing N N 227 
LYS N   CA   sing N N 228 
LYS N   H    sing N N 229 
LYS N   H2   sing N N 230 
LYS CA  C    sing N N 231 
LYS CA  CB   sing N N 232 
LYS CA  HA   sing N N 233 
LYS C   O    doub N N 234 
LYS C   OXT  sing N N 235 
LYS CB  CG   sing N N 236 
LYS CB  HB2  sing N N 237 
LYS CB  HB3  sing N N 238 
LYS CG  CD   sing N N 239 
LYS CG  HG2  sing N N 240 
LYS CG  HG3  sing N N 241 
LYS CD  CE   sing N N 242 
LYS CD  HD2  sing N N 243 
LYS CD  HD3  sing N N 244 
LYS CE  NZ   sing N N 245 
LYS CE  HE2  sing N N 246 
LYS CE  HE3  sing N N 247 
LYS NZ  HZ1  sing N N 248 
LYS NZ  HZ2  sing N N 249 
LYS NZ  HZ3  sing N N 250 
LYS OXT HXT  sing N N 251 
MET N   CA   sing N N 252 
MET N   H    sing N N 253 
MET N   H2   sing N N 254 
MET CA  C    sing N N 255 
MET CA  CB   sing N N 256 
MET CA  HA   sing N N 257 
MET C   O    doub N N 258 
MET C   OXT  sing N N 259 
MET CB  CG   sing N N 260 
MET CB  HB2  sing N N 261 
MET CB  HB3  sing N N 262 
MET CG  SD   sing N N 263 
MET CG  HG2  sing N N 264 
MET CG  HG3  sing N N 265 
MET SD  CE   sing N N 266 
MET CE  HE1  sing N N 267 
MET CE  HE2  sing N N 268 
MET CE  HE3  sing N N 269 
MET OXT HXT  sing N N 270 
PHE N   CA   sing N N 271 
PHE N   H    sing N N 272 
PHE N   H2   sing N N 273 
PHE CA  C    sing N N 274 
PHE CA  CB   sing N N 275 
PHE CA  HA   sing N N 276 
PHE C   O    doub N N 277 
PHE C   OXT  sing N N 278 
PHE CB  CG   sing N N 279 
PHE CB  HB2  sing N N 280 
PHE CB  HB3  sing N N 281 
PHE CG  CD1  doub Y N 282 
PHE CG  CD2  sing Y N 283 
PHE CD1 CE1  sing Y N 284 
PHE CD1 HD1  sing N N 285 
PHE CD2 CE2  doub Y N 286 
PHE CD2 HD2  sing N N 287 
PHE CE1 CZ   doub Y N 288 
PHE CE1 HE1  sing N N 289 
PHE CE2 CZ   sing Y N 290 
PHE CE2 HE2  sing N N 291 
PHE CZ  HZ   sing N N 292 
PHE OXT HXT  sing N N 293 
PRO N   CA   sing N N 294 
PRO N   CD   sing N N 295 
PRO N   H    sing N N 296 
PRO CA  C    sing N N 297 
PRO CA  CB   sing N N 298 
PRO CA  HA   sing N N 299 
PRO C   O    doub N N 300 
PRO C   OXT  sing N N 301 
PRO CB  CG   sing N N 302 
PRO CB  HB2  sing N N 303 
PRO CB  HB3  sing N N 304 
PRO CG  CD   sing N N 305 
PRO CG  HG2  sing N N 306 
PRO CG  HG3  sing N N 307 
PRO CD  HD2  sing N N 308 
PRO CD  HD3  sing N N 309 
PRO OXT HXT  sing N N 310 
SER N   CA   sing N N 311 
SER N   H    sing N N 312 
SER N   H2   sing N N 313 
SER CA  C    sing N N 314 
SER CA  CB   sing N N 315 
SER CA  HA   sing N N 316 
SER C   O    doub N N 317 
SER C   OXT  sing N N 318 
SER CB  OG   sing N N 319 
SER CB  HB2  sing N N 320 
SER CB  HB3  sing N N 321 
SER OG  HG   sing N N 322 
SER OXT HXT  sing N N 323 
THR N   CA   sing N N 324 
THR N   H    sing N N 325 
THR N   H2   sing N N 326 
THR CA  C    sing N N 327 
THR CA  CB   sing N N 328 
THR CA  HA   sing N N 329 
THR C   O    doub N N 330 
THR C   OXT  sing N N 331 
THR CB  OG1  sing N N 332 
THR CB  CG2  sing N N 333 
THR CB  HB   sing N N 334 
THR OG1 HG1  sing N N 335 
THR CG2 HG21 sing N N 336 
THR CG2 HG22 sing N N 337 
THR CG2 HG23 sing N N 338 
THR OXT HXT  sing N N 339 
TRP N   CA   sing N N 340 
TRP N   H    sing N N 341 
TRP N   H2   sing N N 342 
TRP CA  C    sing N N 343 
TRP CA  CB   sing N N 344 
TRP CA  HA   sing N N 345 
TRP C   O    doub N N 346 
TRP C   OXT  sing N N 347 
TRP CB  CG   sing N N 348 
TRP CB  HB2  sing N N 349 
TRP CB  HB3  sing N N 350 
TRP CG  CD1  doub Y N 351 
TRP CG  CD2  sing Y N 352 
TRP CD1 NE1  sing Y N 353 
TRP CD1 HD1  sing N N 354 
TRP CD2 CE2  doub Y N 355 
TRP CD2 CE3  sing Y N 356 
TRP NE1 CE2  sing Y N 357 
TRP NE1 HE1  sing N N 358 
TRP CE2 CZ2  sing Y N 359 
TRP CE3 CZ3  doub Y N 360 
TRP CE3 HE3  sing N N 361 
TRP CZ2 CH2  doub Y N 362 
TRP CZ2 HZ2  sing N N 363 
TRP CZ3 CH2  sing Y N 364 
TRP CZ3 HZ3  sing N N 365 
TRP CH2 HH2  sing N N 366 
TRP OXT HXT  sing N N 367 
TYR N   CA   sing N N 368 
TYR N   H    sing N N 369 
TYR N   H2   sing N N 370 
TYR CA  C    sing N N 371 
TYR CA  CB   sing N N 372 
TYR CA  HA   sing N N 373 
TYR C   O    doub N N 374 
TYR C   OXT  sing N N 375 
TYR CB  CG   sing N N 376 
TYR CB  HB2  sing N N 377 
TYR CB  HB3  sing N N 378 
TYR CG  CD1  doub Y N 379 
TYR CG  CD2  sing Y N 380 
TYR CD1 CE1  sing Y N 381 
TYR CD1 HD1  sing N N 382 
TYR CD2 CE2  doub Y N 383 
TYR CD2 HD2  sing N N 384 
TYR CE1 CZ   doub Y N 385 
TYR CE1 HE1  sing N N 386 
TYR CE2 CZ   sing Y N 387 
TYR CE2 HE2  sing N N 388 
TYR CZ  OH   sing N N 389 
TYR OH  HH   sing N N 390 
TYR OXT HXT  sing N N 391 
VAL N   CA   sing N N 392 
VAL N   H    sing N N 393 
VAL N   H2   sing N N 394 
VAL CA  C    sing N N 395 
VAL CA  CB   sing N N 396 
VAL CA  HA   sing N N 397 
VAL C   O    doub N N 398 
VAL C   OXT  sing N N 399 
VAL CB  CG1  sing N N 400 
VAL CB  CG2  sing N N 401 
VAL CB  HB   sing N N 402 
VAL CG1 HG11 sing N N 403 
VAL CG1 HG12 sing N N 404 
VAL CG1 HG13 sing N N 405 
VAL CG2 HG21 sing N N 406 
VAL CG2 HG22 sing N N 407 
VAL CG2 HG23 sing N N 408 
VAL OXT HXT  sing N N 409 
# 
_atom_sites.entry_id                    4REI 
_atom_sites.fract_transf_matrix[1][1]   -0.01320142 
_atom_sites.fract_transf_matrix[1][2]   0.00190155 
_atom_sites.fract_transf_matrix[1][3]   0.01302173 
_atom_sites.fract_transf_matrix[2][1]   0.00421152 
_atom_sites.fract_transf_matrix[2][2]   0.00756953 
_atom_sites.fract_transf_matrix[2][3]   0.01650612 
_atom_sites.fract_transf_matrix[3][1]   -0.00242965 
_atom_sites.fract_transf_matrix[3][2]   0.00986400 
_atom_sites.fract_transf_matrix[3][3]   -0.00390360 
_atom_sites.fract_transf_vector[1]      0.388875 
_atom_sites.fract_transf_vector[2]      0.241632 
_atom_sites.fract_transf_vector[3]      0.125906 
# 
loop_
_atom_type.symbol 
C 
N 
O 
S 
# 
loop_
_atom_site.group_PDB 
_atom_site.id 
_atom_site.type_symbol 
_atom_site.label_atom_id 
_atom_site.label_alt_id 
_atom_site.label_comp_id 
_atom_site.label_asym_id 
_atom_site.label_entity_id 
_atom_site.label_seq_id 
_atom_site.pdbx_PDB_ins_code 
_atom_site.Cartn_x 
_atom_site.Cartn_y 
_atom_site.Cartn_z 
_atom_site.occupancy 
_atom_site.B_iso_or_equiv 
_atom_site.pdbx_formal_charge 
_atom_site.auth_seq_id 
_atom_site.auth_comp_id 
_atom_site.auth_asym_id 
_atom_site.auth_atom_id 
_atom_site.pdbx_PDB_model_num 
ATOM   1    N N   . GLY A 1 2   ? 24.020  3.875   3.380   1.00 37.84 ? 2   GLY A N   1 
ATOM   2    C CA  . GLY A 1 2   ? 23.775  3.563   4.793   1.00 22.47 ? 2   GLY A CA  1 
ATOM   3    C C   . GLY A 1 2   ? 22.304  3.700   5.191   1.00 29.16 ? 2   GLY A C   1 
ATOM   4    O O   . GLY A 1 2   ? 21.820  3.193   6.239   1.00 34.56 ? 2   GLY A O   1 
ATOM   5    N N   . LEU A 1 3   ? 21.562  4.428   4.371   1.00 24.67 ? 3   LEU A N   1 
ATOM   6    C CA  . LEU A 1 3   ? 20.273  4.902   4.851   1.00 22.58 ? 3   LEU A CA  1 
ATOM   7    C C   . LEU A 1 3   ? 19.170  4.038   4.120   1.00 23.16 ? 3   LEU A C   1 
ATOM   8    O O   . LEU A 1 3   ? 18.013  4.184   4.385   1.00 17.51 ? 3   LEU A O   1 
ATOM   9    C CB  . LEU A 1 3   ? 20.159  6.359   4.483   1.00 27.05 ? 3   LEU A CB  1 
ATOM   10   C CG  . LEU A 1 3   ? 21.343  7.176   5.208   1.00 29.68 ? 3   LEU A CG  1 
ATOM   11   C CD1 . LEU A 1 3   ? 21.282  8.657   4.925   1.00 34.14 ? 3   LEU A CD1 1 
ATOM   12   C CD2 . LEU A 1 3   ? 21.136  6.830   6.674   1.00 31.45 ? 3   LEU A CD2 1 
ATOM   13   N N   . THR A 1 4   ? 19.539  3.175   3.205   1.00 21.24 ? 4   THR A N   1 
ATOM   14   C CA  . THR A 1 4   ? 18.596  2.542   2.276   1.00 20.68 ? 4   THR A CA  1 
ATOM   15   C C   . THR A 1 4   ? 18.246  1.196   2.757   1.00 19.80 ? 4   THR A C   1 
ATOM   16   O O   . THR A 1 4   ? 19.111  0.405   3.238   1.00 22.73 ? 4   THR A O   1 
ATOM   17   C CB  . THR A 1 4   ? 19.266  2.446   0.870   1.00 22.92 ? 4   THR A CB  1 
ATOM   18   O OG1 . THR A 1 4   ? 19.344  3.811   0.472   1.00 28.70 ? 4   THR A OG1 1 
ATOM   19   C CG2 . THR A 1 4   ? 18.402  1.865   -0.203  1.00 25.91 ? 4   THR A CG2 1 
ATOM   20   N N   . GLY A 1 5   ? 16.976  0.753   2.574   1.00 17.13 ? 5   GLY A N   1 
ATOM   21   C CA  . GLY A 1 5   ? 16.634  -0.583  2.889   1.00 16.43 ? 5   GLY A CA  1 
ATOM   22   C C   . GLY A 1 5   ? 15.374  -0.994  2.091   1.00 14.05 ? 5   GLY A C   1 
ATOM   23   O O   . GLY A 1 5   ? 14.799  -0.192  1.397   1.00 14.82 ? 5   GLY A O   1 
ATOM   24   N N   . LYS A 1 6   ? 15.041  -2.251  2.194   1.00 14.52 ? 6   LYS A N   1 
ATOM   25   C CA  . LYS A 1 6   ? 13.864  -2.839  1.485   1.00 13.88 ? 6   LYS A CA  1 
ATOM   26   C C   . LYS A 1 6   ? 13.278  -3.905  2.422   1.00 14.95 ? 6   LYS A C   1 
ATOM   27   O O   . LYS A 1 6   ? 14.054  -4.694  3.015   1.00 15.34 ? 6   LYS A O   1 
ATOM   28   C CB  . LYS A 1 6   ? 14.247  -3.454  0.194   1.00 14.52 ? 6   LYS A CB  1 
ATOM   29   C CG  . LYS A 1 6   ? 13.059  -3.981  -0.590  1.00 18.79 ? 6   LYS A CG  1 
ATOM   30   C CD  . LYS A 1 6   ? 13.430  -4.376  -1.998  1.00 22.96 ? 6   LYS A CD  1 
ATOM   31   C CE  . LYS A 1 6   ? 12.157  -4.619  -2.789  1.00 29.23 ? 6   LYS A CE  1 
ATOM   32   N NZ  . LYS A 1 6   ? 12.461  -5.067  -4.164  1.00 33.55 ? 6   LYS A NZ  1 
ATOM   33   N N   . LEU A 1 7   ? 11.947  -3.959  2.611   1.00 12.75 ? 7   LEU A N   1 
ATOM   34   C CA  . LEU A 1 7   ? 11.240  -4.896  3.387   1.00 12.61 ? 7   LEU A CA  1 
ATOM   35   C C   . LEU A 1 7   ? 10.186  -5.542  2.491   1.00 12.21 ? 7   LEU A C   1 
ATOM   36   O O   . LEU A 1 7   ? 9.549   -4.825  1.736   1.00 15.35 ? 7   LEU A O   1 
ATOM   37   C CB  . LEU A 1 7   ? 10.522  -4.261  4.590   1.00 13.76 ? 7   LEU A CB  1 
ATOM   38   C CG  . LEU A 1 7   ? 11.520  -3.746  5.638   1.00 14.15 ? 7   LEU A CG  1 
ATOM   39   C CD1 . LEU A 1 7   ? 10.838  -2.798  6.594   1.00 16.83 ? 7   LEU A CD1 1 
ATOM   40   C CD2 . LEU A 1 7   ? 12.243  -4.894  6.345   1.00 16.10 ? 7   LEU A CD2 1 
ATOM   41   N N   . ILE A 1 8   ? 10.040  -6.793  2.619   1.00 12.87 ? 8   ILE A N   1 
ATOM   42   C CA  . ILE A 1 8   ? 9.090   -7.557  1.763   1.00 13.45 ? 8   ILE A CA  1 
ATOM   43   C C   . ILE A 1 8   ? 8.340   -8.557  2.590   1.00 14.35 ? 8   ILE A C   1 
ATOM   44   O O   . ILE A 1 8   ? 8.894   -9.241  3.488   1.00 13.97 ? 8   ILE A O   1 
ATOM   45   C CB  . ILE A 1 8   ? 9.824   -8.335  0.660   1.00 13.13 ? 8   ILE A CB  1 
ATOM   46   C CG1 . ILE A 1 8   ? 10.575  -7.428  -0.270  1.00 16.69 ? 8   ILE A CG1 1 
ATOM   47   C CG2 . ILE A 1 8   ? 8.775   -9.228  -0.123  1.00 17.42 ? 8   ILE A CG2 1 
ATOM   48   C CD1 . ILE A 1 8   ? 11.563  -8.125  -1.149  1.00 19.42 ? 8   ILE A CD1 1 
ATOM   49   N N   . CYS A 1 9   ? 6.996   -8.643  2.375   1.00 14.58 ? 9   CYS A N   1 
ATOM   50   C CA  . CYS A 1 9   ? 6.167   -9.709  2.945   1.00 15.01 ? 9   CYS A CA  1 
ATOM   51   C C   . CYS A 1 9   ? 5.392   -10.370 1.836   1.00 14.35 ? 9   CYS A C   1 
ATOM   52   O O   . CYS A 1 9   ? 4.925   -9.710  0.953   1.00 16.63 ? 9   CYS A O   1 
ATOM   53   C CB  . CYS A 1 9   ? 5.270   -9.258  4.043   1.00 15.61 ? 9   CYS A CB  1 
ATOM   54   S SG  . CYS A 1 9   ? 4.042   -7.938  3.622   1.00 17.70 ? 9   CYS A SG  1 
ATOM   55   N N   . GLN A 1 10  ? 5.327   -11.673 1.915   1.00 15.00 ? 10  GLN A N   1 
ATOM   56   C CA  . GLN A 1 10  ? 4.556   -12.475 0.987   1.00 18.40 ? 10  GLN A CA  1 
ATOM   57   C C   . GLN A 1 10  ? 3.645   -13.369 1.726   1.00 17.94 ? 10  GLN A C   1 
ATOM   58   O O   . GLN A 1 10  ? 4.008   -14.051 2.703   1.00 16.80 ? 10  GLN A O   1 
ATOM   59   C CB  . GLN A 1 10  ? 5.489   -13.337 0.238   1.00 20.60 ? 10  GLN A CB  1 
ATOM   60   C CG  . GLN A 1 10  ? 6.457   -12.792 -0.710  1.00 29.78 ? 10  GLN A CG  1 
ATOM   61   C CD  . GLN A 1 10  ? 7.059   -13.985 -1.460  1.00 45.52 ? 10  GLN A CD  1 
ATOM   62   O OE1 . GLN A 1 10  ? 8.269   -13.988 -1.712  1.00 47.15 ? 10  GLN A OE1 1 
ATOM   63   N NE2 . GLN A 1 10  ? 6.220   -15.085 -1.693  1.00 41.23 ? 10  GLN A NE2 1 
ATOM   64   N N   . THR A 1 11  ? 2.362   -13.506 1.271   1.00 16.99 ? 11  THR A N   1 
ATOM   65   C CA  . THR A 1 11  ? 1.413   -14.397 1.905   1.00 16.72 ? 11  THR A CA  1 
ATOM   66   C C   . THR A 1 11  ? 0.413   -14.840 0.819   1.00 17.20 ? 11  THR A C   1 
ATOM   67   O O   . THR A 1 11  ? 0.380   -14.256 -0.249  1.00 18.51 ? 11  THR A O   1 
ATOM   68   C CB  . THR A 1 11  ? 0.598   -13.617 3.033   1.00 19.39 ? 11  THR A CB  1 
ATOM   69   O OG1 . THR A 1 11  ? -0.173  -14.481 3.855   1.00 19.92 ? 11  THR A OG1 1 
ATOM   70   C CG2 . THR A 1 11  ? -0.270  -12.487 2.430   1.00 20.66 ? 11  THR A CG2 1 
ATOM   71   N N   . GLY A 1 12  ? -0.246  -15.945 1.093   1.00 19.60 ? 12  GLY A N   1 
ATOM   72   C CA  . GLY A 1 12  ? -1.244  -16.410 0.087   1.00 20.31 ? 12  GLY A CA  1 
ATOM   73   C C   . GLY A 1 12  ? -2.572  -15.790 0.405   1.00 19.83 ? 12  GLY A C   1 
ATOM   74   O O   . GLY A 1 12  ? -2.868  -15.392 1.466   1.00 21.26 ? 12  GLY A O   1 
ATOM   75   N N   . ILE A 1 13  ? -3.396  -15.760 -0.675  1.00 20.79 ? 13  ILE A N   1 
ATOM   76   C CA  . ILE A 1 13  ? -4.812  -15.452 -0.560  1.00 18.82 ? 13  ILE A CA  1 
ATOM   77   C C   . ILE A 1 13  ? -5.596  -16.598 -1.273  1.00 17.39 ? 13  ILE A C   1 
ATOM   78   O O   . ILE A 1 13  ? -5.180  -16.988 -2.289  1.00 19.74 ? 13  ILE A O   1 
ATOM   79   C CB  . ILE A 1 13  ? -5.161  -14.020 -1.109  1.00 17.32 ? 13  ILE A CB  1 
ATOM   80   C CG1 . ILE A 1 13  ? -4.843  -13.850 -2.563  1.00 17.35 ? 13  ILE A CG1 1 
ATOM   81   C CG2 . ILE A 1 13  ? -4.460  -12.899 -0.248  1.00 18.69 ? 13  ILE A CG2 1 
ATOM   82   C CD1 . ILE A 1 13  ? -5.338  -12.613 -3.250  1.00 17.76 ? 13  ILE A CD1 1 
ATOM   83   N N   . LYS A 1 14  ? -6.735  -16.831 -0.703  1.00 20.42 ? 14  LYS A N   1 
ATOM   84   C CA  . LYS A 1 14  ? -7.638  -17.873 -1.304  1.00 20.11 ? 14  LYS A CA  1 
ATOM   85   C C   . LYS A 1 14  ? -8.691  -17.168 -2.154  1.00 25.15 ? 14  LYS A C   1 
ATOM   86   O O   . LYS A 1 14  ? -9.420  -17.831 -2.868  1.00 25.13 ? 14  LYS A O   1 
ATOM   87   C CB  . LYS A 1 14  ? -8.266  -18.639 -0.155  1.00 24.25 ? 14  LYS A CB  1 
ATOM   88   C CG  . LYS A 1 14  ? -7.283  -19.553 0.513   1.00 29.44 ? 14  LYS A CG  1 
ATOM   89   C CD  . LYS A 1 14  ? -8.072  -20.316 1.569   1.00 38.65 ? 14  LYS A CD  1 
ATOM   90   C CE  . LYS A 1 14  ? -7.688  -21.792 1.541   1.00 47.55 ? 14  LYS A CE  1 
ATOM   91   N NZ  . LYS A 1 14  ? -6.277  -21.926 1.975   1.00 46.94 ? 14  LYS A NZ  1 
ATOM   92   N N   . SER A 1 15  ? -8.783  -15.830 -2.083  1.00 21.22 ? 15  SER A N   1 
ATOM   93   C CA  . SER A 1 15  ? -9.670  -15.058 -2.935  1.00 19.07 ? 15  SER A CA  1 
ATOM   94   C C   . SER A 1 15  ? -9.085  -14.763 -4.259  1.00 18.78 ? 15  SER A C   1 
ATOM   95   O O   . SER A 1 15  ? -7.925  -15.029 -4.552  1.00 20.72 ? 15  SER A O   1 
ATOM   96   C CB  . SER A 1 15  ? -10.027 -13.791 -2.282  1.00 20.04 ? 15  SER A CB  1 
ATOM   97   O OG  . SER A 1 15  ? -8.858  -13.084 -1.818  1.00 20.73 ? 15  SER A OG  1 
ATOM   98   N N   . ASP A 1 16  ? -9.883  -14.182 -5.196  1.00 17.66 ? 16  ASP A N   1 
ATOM   99   C CA  . ASP A 1 16  ? -9.488  -14.003 -6.512  1.00 18.22 ? 16  ASP A CA  1 
ATOM   100  C C   . ASP A 1 16  ? -8.345  -12.984 -6.648  1.00 19.33 ? 16  ASP A C   1 
ATOM   101  O O   . ASP A 1 16  ? -8.476  -11.816 -6.181  1.00 18.39 ? 16  ASP A O   1 
ATOM   102  C CB  . ASP A 1 16  ? -10.777 -13.642 -7.377  1.00 18.70 ? 16  ASP A CB  1 
ATOM   103  C CG  . ASP A 1 16  ? -10.476 -13.421 -8.749  1.00 19.04 ? 16  ASP A CG  1 
ATOM   104  O OD1 . ASP A 1 16  ? -9.746  -12.596 -9.348  1.00 22.58 ? 16  ASP A OD1 1 
ATOM   105  O OD2 . ASP A 1 16  ? -11.045 -14.308 -9.524  1.00 32.75 ? 16  ASP A OD2 1 
ATOM   106  N N   . GLY A 1 17  ? -7.318  -13.328 -7.358  1.00 18.53 ? 17  GLY A N   1 
ATOM   107  C CA  . GLY A 1 17  ? -6.119  -12.457 -7.399  1.00 20.72 ? 17  GLY A CA  1 
ATOM   108  C C   . GLY A 1 17  ? -6.228  -11.299 -8.368  1.00 20.92 ? 17  GLY A C   1 
ATOM   109  O O   . GLY A 1 17  ? -5.662  -10.223 -8.171  1.00 19.22 ? 17  GLY A O   1 
ATOM   110  N N   . ASP A 1 18  ? -7.007  -11.451 -9.466  1.00 19.35 ? 18  ASP A N   1 
ATOM   111  C CA  . ASP A 1 18  ? -7.339  -10.383 -10.326 1.00 20.46 ? 18  ASP A CA  1 
ATOM   112  C C   . ASP A 1 18  ? -8.173  -9.334  -9.630  1.00 15.17 ? 18  ASP A C   1 
ATOM   113  O O   . ASP A 1 18  ? -7.905  -8.092  -9.807  1.00 16.78 ? 18  ASP A O   1 
ATOM   114  C CB  . ASP A 1 18  ? -8.094  -10.936 -11.588 1.00 22.75 ? 18  ASP A CB  1 
ATOM   115  C CG  . ASP A 1 18  ? -7.218  -11.902 -12.376 1.00 34.22 ? 18  ASP A CG  1 
ATOM   116  O OD1 . ASP A 1 18  ? -6.224  -11.381 -12.907 1.00 42.22 ? 18  ASP A OD1 1 
ATOM   117  O OD2 . ASP A 1 18  ? -7.495  -13.156 -12.416 1.00 38.19 ? 18  ASP A OD2 1 
ATOM   118  N N   . VAL A 1 19  ? -9.120  -9.747  -8.833  1.00 16.47 ? 19  VAL A N   1 
ATOM   119  C CA  . VAL A 1 19  ? -10.010 -8.831  -8.137  1.00 16.53 ? 19  VAL A CA  1 
ATOM   120  C C   . VAL A 1 19  ? -9.138  -8.057  -7.098  1.00 15.19 ? 19  VAL A C   1 
ATOM   121  O O   . VAL A 1 19  ? -9.341  -6.856  -6.917  1.00 15.25 ? 19  VAL A O   1 
ATOM   122  C CB  . VAL A 1 19  ? -11.140 -9.515  -7.452  1.00 16.74 ? 19  VAL A CB  1 
ATOM   123  C CG1 . VAL A 1 19  ? -12.028 -8.615  -6.625  1.00 18.05 ? 19  VAL A CG1 1 
ATOM   124  C CG2 . VAL A 1 19  ? -12.061 -10.186 -8.558  1.00 19.35 ? 19  VAL A CG2 1 
ATOM   125  N N   . PHE A 1 20  ? -8.158  -8.732  -6.479  1.00 15.33 ? 20  PHE A N   1 
ATOM   126  C CA  . PHE A 1 20  ? -7.241  -8.083  -5.511  1.00 14.76 ? 20  PHE A CA  1 
ATOM   127  C C   . PHE A 1 20  ? -6.405  -7.027  -6.223  1.00 14.08 ? 20  PHE A C   1 
ATOM   128  O O   . PHE A 1 20  ? -6.293  -5.838  -5.741  1.00 13.41 ? 20  PHE A O   1 
ATOM   129  C CB  . PHE A 1 20  ? -6.313  -9.130  -4.892  1.00 13.88 ? 20  PHE A CB  1 
ATOM   130  C CG  . PHE A 1 20  ? -5.602  -8.666  -3.626  1.00 13.88 ? 20  PHE A CG  1 
ATOM   131  C CD1 . PHE A 1 20  ? -6.059  -8.990  -2.420  1.00 15.41 ? 20  PHE A CD1 1 
ATOM   132  C CD2 . PHE A 1 20  ? -4.439  -7.922  -3.802  1.00 15.81 ? 20  PHE A CD2 1 
ATOM   133  C CE1 . PHE A 1 20  ? -5.385  -8.607  -1.270  1.00 14.31 ? 20  PHE A CE1 1 
ATOM   134  C CE2 . PHE A 1 20  ? -3.782  -7.526  -2.600  1.00 14.29 ? 20  PHE A CE2 1 
ATOM   135  C CZ  . PHE A 1 20  ? -4.247  -7.836  -1.434  1.00 13.51 ? 20  PHE A CZ  1 
ATOM   136  N N   . HIS A 1 21  ? -5.789  -7.316  -7.352  1.00 13.20 ? 21  HIS A N   1 
ATOM   137  C CA  . HIS A 1 21  ? -4.996  -6.432  -8.068  1.00 13.20 ? 21  HIS A CA  1 
ATOM   138  C C   . HIS A 1 21  ? -5.755  -5.210  -8.470  1.00 15.36 ? 21  HIS A C   1 
ATOM   139  O O   . HIS A 1 21  ? -5.387  -4.083  -8.335  1.00 14.77 ? 21  HIS A O   1 
ATOM   140  C CB  . HIS A 1 21  ? -4.355  -7.101  -9.316  1.00 14.87 ? 21  HIS A CB  1 
ATOM   141  C CG  . HIS A 1 21  ? -3.839  -6.131  -10.316 1.00 18.15 ? 21  HIS A CG  1 
ATOM   142  N ND1 . HIS A 1 21  ? -2.830  -5.233  -10.040 1.00 17.44 ? 21  HIS A ND1 1 
ATOM   143  C CD2 . HIS A 1 21  ? -4.236  -5.816  -11.575 1.00 18.84 ? 21  HIS A CD2 1 
ATOM   144  C CE1 . HIS A 1 21  ? -2.549  -4.484  -11.088 1.00 18.92 ? 21  HIS A CE1 1 
ATOM   145  N NE2 . HIS A 1 21  ? -3.383  -4.857  -12.070 1.00 20.44 ? 21  HIS A NE2 1 
ATOM   146  N N   . GLU A 1 22  ? -6.945  -5.426  -9.081  1.00 16.08 ? 22  GLU A N   1 
ATOM   147  C CA  . GLU A 1 22  ? -7.722  -4.304  -9.579  1.00 16.00 ? 22  GLU A CA  1 
ATOM   148  C C   . GLU A 1 22  ? -8.328  -3.500  -8.490  1.00 14.11 ? 22  GLU A C   1 
ATOM   149  O O   . GLU A 1 22  ? -8.543  -2.316  -8.715  1.00 15.25 ? 22  GLU A O   1 
ATOM   150  C CB  . GLU A 1 22  ? -8.857  -4.842  -10.474 1.00 17.39 ? 22  GLU A CB  1 
ATOM   151  C CG  . GLU A 1 22  ? -8.336  -5.388  -11.776 1.00 21.20 ? 22  GLU A CG  1 
ATOM   152  C CD  . GLU A 1 22  ? -7.839  -4.351  -12.776 1.00 25.04 ? 22  GLU A CD  1 
ATOM   153  O OE1 . GLU A 1 22  ? -8.049  -3.111  -12.618 1.00 25.66 ? 22  GLU A OE1 1 
ATOM   154  O OE2 . GLU A 1 22  ? -7.144  -4.752  -13.763 1.00 31.36 ? 22  GLU A OE2 1 
ATOM   155  N N   . LEU A 1 23  ? -8.504  -4.005  -7.276  1.00 13.75 ? 23  LEU A N   1 
ATOM   156  C CA  . LEU A 1 23  ? -8.874  -3.238  -6.112  1.00 12.58 ? 23  LEU A CA  1 
ATOM   157  C C   . LEU A 1 23  ? -7.871  -2.070  -5.933  1.00 13.92 ? 23  LEU A C   1 
ATOM   158  O O   . LEU A 1 23  ? -8.240  -0.872  -5.841  1.00 13.87 ? 23  LEU A O   1 
ATOM   159  C CB  . LEU A 1 23  ? -9.018  -4.057  -4.849  1.00 13.25 ? 23  LEU A CB  1 
ATOM   160  C CG  . LEU A 1 23  ? -9.148  -3.296  -3.526  1.00 13.58 ? 23  LEU A CG  1 
ATOM   161  C CD1 . LEU A 1 23  ? -10.468 -2.499  -3.590  1.00 14.59 ? 23  LEU A CD1 1 
ATOM   162  C CD2 . LEU A 1 23  ? -9.147  -4.236  -2.402  1.00 14.83 ? 23  LEU A CD2 1 
ATOM   163  N N   . PHE A 1 24  ? -6.584  -2.459  -5.922  1.00 13.85 ? 24  PHE A N   1 
ATOM   164  C CA  . PHE A 1 24  ? -5.565  -1.432  -5.763  1.00 13.05 ? 24  PHE A CA  1 
ATOM   165  C C   . PHE A 1 24  ? -5.281  -0.654  -7.016  1.00 14.32 ? 24  PHE A C   1 
ATOM   166  O O   . PHE A 1 24  ? -5.016  0.532   -6.932  1.00 17.11 ? 24  PHE A O   1 
ATOM   167  C CB  . PHE A 1 24  ? -4.251  -2.081  -5.259  1.00 13.87 ? 24  PHE A CB  1 
ATOM   168  C CG  . PHE A 1 24  ? -4.342  -2.459  -3.811  1.00 14.02 ? 24  PHE A CG  1 
ATOM   169  C CD1 . PHE A 1 24  ? -4.184  -1.494  -2.821  1.00 13.93 ? 24  PHE A CD1 1 
ATOM   170  C CD2 . PHE A 1 24  ? -4.633  -3.750  -3.403  1.00 12.76 ? 24  PHE A CD2 1 
ATOM   171  C CE1 . PHE A 1 24  ? -4.352  -1.822  -1.518  1.00 13.54 ? 24  PHE A CE1 1 
ATOM   172  C CE2 . PHE A 1 24  ? -4.764  -4.099  -2.059  1.00 14.59 ? 24  PHE A CE2 1 
ATOM   173  C CZ  . PHE A 1 24  ? -4.599  -3.083  -1.131  1.00 13.55 ? 24  PHE A CZ  1 
ATOM   174  N N   . GLY A 1 25  ? -5.451  -1.197  -8.205  1.00 14.75 ? 25  GLY A N   1 
ATOM   175  C CA  . GLY A 1 25  ? -5.147  -0.560  -9.412  1.00 15.96 ? 25  GLY A CA  1 
ATOM   176  C C   . GLY A 1 25  ? -6.241  0.340   -9.971  1.00 16.94 ? 25  GLY A C   1 
ATOM   177  O O   . GLY A 1 25  ? -5.916  1.404   -10.467 1.00 18.84 ? 25  GLY A O   1 
ATOM   178  N N   . THR A 1 26  ? -7.501  -0.034  -9.813  1.00 16.81 ? 26  THR A N   1 
ATOM   179  C CA  . THR A 1 26  ? -8.653  0.781   -10.308 1.00 16.04 ? 26  THR A CA  1 
ATOM   180  C C   . THR A 1 26  ? -9.631  1.195   -9.261  1.00 17.50 ? 26  THR A C   1 
ATOM   181  O O   . THR A 1 26  ? -10.444 2.092   -9.536  1.00 22.42 ? 26  THR A O   1 
ATOM   182  C CB  . THR A 1 26  ? -9.340  0.024   -11.547 1.00 17.93 ? 26  THR A CB  1 
ATOM   183  O OG1 . THR A 1 26  ? -9.830  -1.209  -11.134 1.00 21.11 ? 26  THR A OG1 1 
ATOM   184  C CG2 . THR A 1 26  ? -8.401  -0.128  -12.620 1.00 23.66 ? 26  THR A CG2 1 
ATOM   185  N N   . ARG A 1 27  ? -9.662  0.612   -8.075  1.00 15.03 ? 27  ARG A N   1 
ATOM   186  C CA  . ARG A 1 27  ? -10.632 0.896   -7.047  1.00 15.31 ? 27  ARG A CA  1 
ATOM   187  C C   . ARG A 1 27  ? -10.029 1.231   -5.588  1.00 12.75 ? 27  ARG A C   1 
ATOM   188  O O   . ARG A 1 27  ? -10.576 0.797   -4.626  1.00 13.95 ? 27  ARG A O   1 
ATOM   189  C CB  . ARG A 1 27  ? -11.600 -0.220  -6.881  1.00 16.74 ? 27  ARG A CB  1 
ATOM   190  C CG  . ARG A 1 27  ? -12.175 -0.739  -8.228  1.00 16.44 ? 27  ARG A CG  1 
ATOM   191  C CD  . ARG A 1 27  ? -13.170 -1.829  -7.983  1.00 16.51 ? 27  ARG A CD  1 
ATOM   192  N NE  . ARG A 1 27  ? -12.800 -2.984  -7.188  1.00 15.72 ? 27  ARG A NE  1 
ATOM   193  C CZ  . ARG A 1 27  ? -12.140 -4.022  -7.665  1.00 14.97 ? 27  ARG A CZ  1 
ATOM   194  N NH1 . ARG A 1 27  ? -11.965 -5.027  -6.847  1.00 14.34 ? 27  ARG A NH1 1 
ATOM   195  N NH2 . ARG A 1 27  ? -11.759 -4.086  -8.906  1.00 16.56 ? 27  ARG A NH2 1 
ATOM   196  N N   . PRO A 1 28  ? -8.909  2.006   -5.633  1.00 14.49 ? 28  PRO A N   1 
ATOM   197  C CA  . PRO A 1 28  ? -8.255  2.122   -4.328  1.00 14.39 ? 28  PRO A CA  1 
ATOM   198  C C   . PRO A 1 28  ? -9.128  2.823   -3.285  1.00 13.79 ? 28  PRO A C   1 
ATOM   199  O O   . PRO A 1 28  ? -9.000  2.546   -2.080  1.00 14.93 ? 28  PRO A O   1 
ATOM   200  C CB  . PRO A 1 28  ? -6.959  2.879   -4.648  1.00 16.36 ? 28  PRO A CB  1 
ATOM   201  C CG  . PRO A 1 28  ? -7.341  3.699   -5.814  1.00 15.27 ? 28  PRO A CG  1 
ATOM   202  C CD  . PRO A 1 28  ? -8.148  2.660   -6.645  1.00 15.01 ? 28  PRO A CD  1 
ATOM   203  N N   . HIS A 1 29  ? -10.029 3.704   -3.731  1.00 15.15 ? 29  HIS A N   1 
ATOM   204  C CA  . HIS A 1 29  ? -10.962 4.340   -2.885  1.00 16.17 ? 29  HIS A CA  1 
ATOM   205  C C   . HIS A 1 29  ? -11.984 3.438   -2.214  1.00 14.97 ? 29  HIS A C   1 
ATOM   206  O O   . HIS A 1 29  ? -12.745 3.853   -1.360  1.00 16.11 ? 29  HIS A O   1 
ATOM   207  C CB  . HIS A 1 29  ? -11.700 5.476   -3.629  1.00 17.03 ? 29  HIS A CB  1 
ATOM   208  C CG  . HIS A 1 29  ? -12.406 4.997   -4.851  1.00 17.70 ? 29  HIS A CG  1 
ATOM   209  N ND1 . HIS A 1 29  ? -11.762 4.371   -5.876  1.00 17.82 ? 29  HIS A ND1 1 
ATOM   210  C CD2 . HIS A 1 29  ? -13.681 5.226   -5.263  1.00 22.12 ? 29  HIS A CD2 1 
ATOM   211  C CE1 . HIS A 1 29  ? -12.622 4.212   -6.890  1.00 21.70 ? 29  HIS A CE1 1 
ATOM   212  N NE2 . HIS A 1 29  ? -13.794 4.673   -6.494  1.00 23.30 ? 29  HIS A NE2 1 
ATOM   213  N N   . HIS A 1 30  ? -12.062 2.121   -2.619  1.00 13.03 ? 30  HIS A N   1 
ATOM   214  C CA  . HIS A 1 30  ? -12.874 1.173   -1.918  1.00 12.89 ? 30  HIS A CA  1 
ATOM   215  C C   . HIS A 1 30  ? -12.206 0.441   -0.754  1.00 10.86 ? 30  HIS A C   1 
ATOM   216  O O   . HIS A 1 30  ? -12.815 -0.123  0.121   1.00 12.87 ? 30  HIS A O   1 
ATOM   217  C CB  . HIS A 1 30  ? -13.339 0.040   -2.892  1.00 12.91 ? 30  HIS A CB  1 
ATOM   218  C CG  . HIS A 1 30  ? -14.230 0.542   -4.000  1.00 14.38 ? 30  HIS A CG  1 
ATOM   219  N ND1 . HIS A 1 30  ? -14.844 -0.377  -4.795  1.00 15.70 ? 30  HIS A ND1 1 
ATOM   220  C CD2 . HIS A 1 30  ? -14.652 1.761   -4.405  1.00 16.12 ? 30  HIS A CD2 1 
ATOM   221  C CE1 . HIS A 1 30  ? -15.531 0.261   -5.744  1.00 17.20 ? 30  HIS A CE1 1 
ATOM   222  N NE2 . HIS A 1 30  ? -15.456 1.537   -5.520  1.00 16.47 ? 30  HIS A NE2 1 
ATOM   223  N N   . VAL A 1 31  ? -10.821 0.612   -0.766  1.00 13.57 ? 31  VAL A N   1 
ATOM   224  C CA  . VAL A 1 31  ? -10.019 -0.043  0.320   1.00 15.45 ? 31  VAL A CA  1 
ATOM   225  C C   . VAL A 1 31  ? -10.459 0.340   1.731   1.00 12.11 ? 31  VAL A C   1 
ATOM   226  O O   . VAL A 1 31  ? -10.623 -0.473  2.599   1.00 14.13 ? 31  VAL A O   1 
ATOM   227  C CB  . VAL A 1 31  ? -8.572  0.151   0.052   1.00 13.72 ? 31  VAL A CB  1 
ATOM   228  C CG1 . VAL A 1 31  ? -7.744  -0.366  1.261   1.00 14.64 ? 31  VAL A CG1 1 
ATOM   229  C CG2 . VAL A 1 31  ? -8.128  -0.557  -1.200  1.00 13.45 ? 31  VAL A CG2 1 
ATOM   230  N N   . PRO A 1 32  ? -10.730 1.653   1.946   1.00 13.02 ? 32  PRO A N   1 
ATOM   231  C CA  . PRO A 1 32  ? -11.217 1.996   3.308   1.00 13.66 ? 32  PRO A CA  1 
ATOM   232  C C   . PRO A 1 32  ? -12.483 1.387   3.760   1.00 14.36 ? 32  PRO A C   1 
ATOM   233  O O   . PRO A 1 32  ? -12.789 1.208   4.926   1.00 17.30 ? 32  PRO A O   1 
ATOM   234  C CB  . PRO A 1 32  ? -11.384 3.540   3.251   1.00 14.62 ? 32  PRO A CB  1 
ATOM   235  C CG  . PRO A 1 32  ? -10.680 4.021   2.135   1.00 15.84 ? 32  PRO A CG  1 
ATOM   236  C CD  . PRO A 1 32  ? -10.663 2.855   1.127   1.00 16.09 ? 32  PRO A CD  1 
ATOM   237  N N   . ASN A 1 33  ? -13.355 1.009   2.771   1.00 15.43 ? 33  ASN A N   1 
ATOM   238  C CA  . ASN A 1 33  ? -14.614 0.405   3.135   1.00 15.23 ? 33  ASN A CA  1 
ATOM   239  C C   . ASN A 1 33  ? -14.507 -1.046  3.595   1.00 12.76 ? 33  ASN A C   1 
ATOM   240  O O   . ASN A 1 33  ? -15.280 -1.553  4.335   1.00 17.40 ? 33  ASN A O   1 
ATOM   241  C CB  . ASN A 1 33  ? -15.550 0.356   1.882   1.00 13.85 ? 33  ASN A CB  1 
ATOM   242  C CG  . ASN A 1 33  ? -15.700 1.689   1.205   1.00 17.45 ? 33  ASN A CG  1 
ATOM   243  O OD1 . ASN A 1 33  ? -15.589 2.795   1.848   1.00 18.52 ? 33  ASN A OD1 1 
ATOM   244  N ND2 . ASN A 1 33  ? -15.965 1.671   -0.069  1.00 15.75 ? 33  ASN A ND2 1 
ATOM   245  N N   . ILE A 1 34  ? -13.395 -1.678  3.073   1.00 14.87 ? 34  ILE A N   1 
ATOM   246  C CA  . ILE A 1 34  ? -13.097 -3.104  3.322   1.00 15.59 ? 34  ILE A CA  1 
ATOM   247  C C   . ILE A 1 34  ? -12.190 -3.346  4.581   1.00 15.62 ? 34  ILE A C   1 
ATOM   248  O O   . ILE A 1 34  ? -12.349 -4.317  5.237   1.00 18.37 ? 34  ILE A O   1 
ATOM   249  C CB  . ILE A 1 34  ? -12.384 -3.653  2.078   1.00 17.00 ? 34  ILE A CB  1 
ATOM   250  C CG1 . ILE A 1 34  ? -13.376 -3.655  0.912   1.00 18.11 ? 34  ILE A CG1 1 
ATOM   251  C CG2 . ILE A 1 34  ? -11.849 -5.031  2.332   1.00 19.43 ? 34  ILE A CG2 1 
ATOM   252  C CD1 . ILE A 1 34  ? -12.646 -3.731  -0.330  1.00 18.21 ? 34  ILE A CD1 1 
ATOM   253  N N   . THR A 1 35  ? -11.335 -2.360  4.882   1.00 15.27 ? 35  THR A N   1 
ATOM   254  C CA  . THR A 1 35  ? -10.362 -2.525  6.040   1.00 15.65 ? 35  THR A CA  1 
ATOM   255  C C   . THR A 1 35  ? -10.442 -1.289  6.930   1.00 16.20 ? 35  THR A C   1 
ATOM   256  O O   . THR A 1 35  ? -9.431  -0.613  7.191   1.00 14.80 ? 35  THR A O   1 
ATOM   257  C CB  . THR A 1 35  ? -8.998  -2.958  5.500   1.00 14.40 ? 35  THR A CB  1 
ATOM   258  O OG1 . THR A 1 35  ? -8.158  -3.321  6.625   1.00 16.21 ? 35  THR A OG1 1 
ATOM   259  C CG2 . THR A 1 35  ? -8.318  -2.000  4.718   1.00 14.31 ? 35  THR A CG2 1 
ATOM   260  N N   . PRO A 1 36  ? -11.606 -0.900  7.397   1.00 15.36 ? 36  PRO A N   1 
ATOM   261  C CA  . PRO A 1 36  ? -11.744 0.404   8.076   1.00 16.85 ? 36  PRO A CA  1 
ATOM   262  C C   . PRO A 1 36  ? -10.944 0.537   9.405   1.00 17.41 ? 36  PRO A C   1 
ATOM   263  O O   . PRO A 1 36  ? -10.741 1.671   9.793   1.00 18.59 ? 36  PRO A O   1 
ATOM   264  C CB  . PRO A 1 36  ? -13.280 0.457   8.339   1.00 18.36 ? 36  PRO A CB  1 
ATOM   265  C CG  . PRO A 1 36  ? -13.690 -0.926  8.342   1.00 17.62 ? 36  PRO A CG  1 
ATOM   266  C CD  . PRO A 1 36  ? -12.928 -1.626  7.285   1.00 16.96 ? 36  PRO A CD  1 
ATOM   267  N N   . ALA A 1 37  ? -10.574 -0.524  10.010  1.00 17.35 ? 37  ALA A N   1 
ATOM   268  C CA  . ALA A 1 37  ? -9.745  -0.376  11.238  1.00 18.86 ? 37  ALA A CA  1 
ATOM   269  C C   . ALA A 1 37  ? -8.357  0.083   10.844  1.00 17.81 ? 37  ALA A C   1 
ATOM   270  O O   . ALA A 1 37  ? -7.668  0.730   11.627  1.00 17.19 ? 37  ALA A O   1 
ATOM   271  C CB  . ALA A 1 37  ? -9.664  -1.640  12.027  1.00 20.57 ? 37  ALA A CB  1 
ATOM   272  N N   . ASN A 1 38  ? -7.857  -0.269  9.667   1.00 15.65 ? 38  ASN A N   1 
ATOM   273  C CA  . ASN A 1 38  ? -6.560  0.113   9.191   1.00 13.77 ? 38  ASN A CA  1 
ATOM   274  C C   . ASN A 1 38  ? -6.506  1.408   8.401   1.00 13.34 ? 38  ASN A C   1 
ATOM   275  O O   . ASN A 1 38  ? -5.628  2.260   8.522   1.00 15.12 ? 38  ASN A O   1 
ATOM   276  C CB  . ASN A 1 38  ? -5.919  -1.026  8.375   1.00 14.70 ? 38  ASN A CB  1 
ATOM   277  C CG  . ASN A 1 38  ? -5.690  -2.243  9.165   1.00 14.40 ? 38  ASN A CG  1 
ATOM   278  O OD1 . ASN A 1 38  ? -5.077  -2.183  10.226  1.00 17.47 ? 38  ASN A OD1 1 
ATOM   279  N ND2 . ASN A 1 38  ? -6.064  -3.388  8.670   1.00 14.16 ? 38  ASN A ND2 1 
ATOM   280  N N   . ILE A 1 39  ? -7.494  1.602   7.433   1.00 13.84 ? 39  ILE A N   1 
ATOM   281  C CA  . ILE A 1 39  ? -7.520  2.625   6.490   1.00 12.68 ? 39  ILE A CA  1 
ATOM   282  C C   . ILE A 1 39  ? -8.871  3.318   6.580   1.00 14.36 ? 39  ILE A C   1 
ATOM   283  O O   . ILE A 1 39  ? -9.912  2.667   6.359   1.00 15.06 ? 39  ILE A O   1 
ATOM   284  C CB  . ILE A 1 39  ? -7.180  2.138   5.084   1.00 14.09 ? 39  ILE A CB  1 
ATOM   285  C CG1 . ILE A 1 39  ? -5.718  1.623   5.072   1.00 15.81 ? 39  ILE A CG1 1 
ATOM   286  C CG2 . ILE A 1 39  ? -7.321  3.314   4.132   1.00 15.04 ? 39  ILE A CG2 1 
ATOM   287  C CD1 . ILE A 1 39  ? -5.326  0.921   3.798   1.00 14.92 ? 39  ILE A CD1 1 
ATOM   288  N N   . GLN A 1 40  ? -8.932  4.545   7.052   1.00 14.15 ? 40  GLN A N   1 
ATOM   289  C CA  . GLN A 1 40  ? -10.194 5.302   7.217   1.00 14.80 ? 40  GLN A CA  1 
ATOM   290  C C   . GLN A 1 40  ? -10.567 6.157   6.070   1.00 15.96 ? 40  GLN A C   1 
ATOM   291  O O   . GLN A 1 40  ? -11.784 6.529   5.956   1.00 19.54 ? 40  GLN A O   1 
ATOM   292  C CB  . GLN A 1 40  ? -9.977  6.196   8.442   1.00 17.24 ? 40  GLN A CB  1 
ATOM   293  C CG  . GLN A 1 40  ? -9.857  5.376   9.712   1.00 18.01 ? 40  GLN A CG  1 
ATOM   294  C CD  . GLN A 1 40  ? -8.455  4.777   9.981   1.00 16.84 ? 40  GLN A CD  1 
ATOM   295  O OE1 . GLN A 1 40  ? -7.455  5.484   9.759   1.00 17.03 ? 40  GLN A OE1 1 
ATOM   296  N NE2 . GLN A 1 40  ? -8.413  3.503   10.308  1.00 18.26 ? 40  GLN A NE2 1 
ATOM   297  N N   . GLY A 1 41  ? -9.743  6.462   5.143   1.00 14.56 ? 41  GLY A N   1 
ATOM   298  C CA  . GLY A 1 41  ? -10.095 7.271   3.938   1.00 16.91 ? 41  GLY A CA  1 
ATOM   299  C C   . GLY A 1 41  ? -9.136  7.164   2.869   1.00 17.24 ? 41  GLY A C   1 
ATOM   300  O O   . GLY A 1 41  ? -7.912  6.876   3.048   1.00 16.80 ? 41  GLY A O   1 
ATOM   301  N N   . CYS A 1 42  ? -9.574  7.375   1.611   1.00 17.25 ? 42  CYS A N   1 
ATOM   302  C CA  . CYS A 1 42  ? -8.800  7.462   0.454   1.00 16.72 ? 42  CYS A CA  1 
ATOM   303  C C   . CYS A 1 42  ? -9.428  8.513   -0.471  1.00 24.74 ? 42  CYS A C   1 
ATOM   304  O O   . CYS A 1 42  ? -10.478 8.178   -1.084  1.00 31.12 ? 42  CYS A O   1 
ATOM   305  C CB  . CYS A 1 42  ? -8.703  6.138   -0.276  1.00 19.59 ? 42  CYS A CB  1 
ATOM   306  S SG  . CYS A 1 42  ? -7.745  6.232   -1.798  1.00 23.10 ? 42  CYS A SG  1 
ATOM   307  N N   . ASP A 1 43  ? -8.855  9.709   -0.548  1.00 22.92 ? 43  ASP A N   1 
ATOM   308  C CA  . ASP A 1 43  ? -9.370  10.828  -1.386  1.00 22.49 ? 43  ASP A CA  1 
ATOM   309  C C   . ASP A 1 43  ? -8.495  11.065  -2.601  1.00 25.23 ? 43  ASP A C   1 
ATOM   310  O O   . ASP A 1 43  ? -7.248  11.086  -2.546  1.00 20.95 ? 43  ASP A O   1 
ATOM   311  C CB  . ASP A 1 43  ? -9.389  12.046  -0.532  1.00 22.68 ? 43  ASP A CB  1 
ATOM   312  C CG  . ASP A 1 43  ? -10.363 11.911  0.606   1.00 33.34 ? 43  ASP A CG  1 
ATOM   313  O OD1 . ASP A 1 43  ? -11.539 11.661  0.330   1.00 51.12 ? 43  ASP A OD1 1 
ATOM   314  O OD2 . ASP A 1 43  ? -9.990  11.937  1.791   1.00 37.21 ? 43  ASP A OD2 1 
ATOM   315  N N   . LEU A 1 44  ? -9.146  11.271  -3.753  1.00 23.58 ? 44  LEU A N   1 
ATOM   316  C CA  . LEU A 1 44  ? -8.490  11.647  -4.959  1.00 21.48 ? 44  LEU A CA  1 
ATOM   317  C C   . LEU A 1 44  ? -8.052  13.087  -4.860  1.00 24.54 ? 44  LEU A C   1 
ATOM   318  O O   . LEU A 1 44  ? -8.895  13.982  -4.621  1.00 28.43 ? 44  LEU A O   1 
ATOM   319  C CB  . LEU A 1 44  ? -9.517  11.514  -6.137  1.00 24.33 ? 44  LEU A CB  1 
ATOM   320  C CG  . LEU A 1 44  ? -8.870  11.542  -7.507  1.00 26.83 ? 44  LEU A CG  1 
ATOM   321  C CD1 . LEU A 1 44  ? -7.757  10.564  -7.813  1.00 27.05 ? 44  LEU A CD1 1 
ATOM   322  C CD2 . LEU A 1 44  ? -10.020 11.393  -8.508  1.00 27.09 ? 44  LEU A CD2 1 
ATOM   323  N N   . HIS A 1 45  ? -6.759  13.309  -5.014  1.00 20.88 ? 45  HIS A N   1 
ATOM   324  C CA  . HIS A 1 45  ? -6.162  14.640  -4.931  1.00 24.76 ? 45  HIS A CA  1 
ATOM   325  C C   . HIS A 1 45  ? -5.974  15.153  -6.353  1.00 23.86 ? 45  HIS A C   1 
ATOM   326  O O   . HIS A 1 45  ? -6.202  16.339  -6.585  1.00 27.75 ? 45  HIS A O   1 
ATOM   327  C CB  . HIS A 1 45  ? -4.816  14.602  -4.167  1.00 23.55 ? 45  HIS A CB  1 
ATOM   328  C CG  . HIS A 1 45  ? -4.163  15.938  -3.993  1.00 26.42 ? 45  HIS A CG  1 
ATOM   329  N ND1 . HIS A 1 45  ? -4.727  16.950  -3.256  1.00 33.11 ? 45  HIS A ND1 1 
ATOM   330  C CD2 . HIS A 1 45  ? -2.987  16.416  -4.452  1.00 29.92 ? 45  HIS A CD2 1 
ATOM   331  C CE1 . HIS A 1 45  ? -3.931  17.997  -3.269  1.00 30.04 ? 45  HIS A CE1 1 
ATOM   332  N NE2 . HIS A 1 45  ? -2.872  17.702  -3.983  1.00 33.12 ? 45  HIS A NE2 1 
ATOM   333  N N   . GLU A 1 46  ? -5.423  14.360  -7.243  1.00 21.89 ? 46  GLU A N   1 
ATOM   334  C CA  . GLU A 1 46  ? -5.109  14.783  -8.607  1.00 27.00 ? 46  GLU A CA  1 
ATOM   335  C C   . GLU A 1 46  ? -5.312  13.629  -9.511  1.00 27.77 ? 46  GLU A C   1 
ATOM   336  O O   . GLU A 1 46  ? -5.032  12.447  -9.164  1.00 23.93 ? 46  GLU A O   1 
ATOM   337  C CB  . GLU A 1 46  ? -3.690  15.213  -8.841  1.00 30.83 ? 46  GLU A CB  1 
ATOM   338  C CG  . GLU A 1 46  ? -3.149  16.414  -8.141  1.00 42.60 ? 46  GLU A CG  1 
ATOM   339  C CD  . GLU A 1 46  ? -1.629  16.534  -8.425  1.00 46.31 ? 46  GLU A CD  1 
ATOM   340  O OE1 . GLU A 1 46  ? -1.149  16.063  -9.510  1.00 46.33 ? 46  GLU A OE1 1 
ATOM   341  O OE2 . GLU A 1 46  ? -0.926  17.083  -7.534  1.00 54.14 ? 46  GLU A OE2 1 
ATOM   342  N N   . GLY A 1 47  ? -5.751  13.911  -10.731 1.00 27.46 ? 47  GLY A N   1 
ATOM   343  C CA  . GLY A 1 47  ? -5.822  12.891  -11.697 1.00 22.82 ? 47  GLY A CA  1 
ATOM   344  C C   . GLY A 1 47  ? -7.122  12.069  -11.610 1.00 20.71 ? 47  GLY A C   1 
ATOM   345  O O   . GLY A 1 47  ? -8.108  12.512  -11.093 1.00 25.64 ? 47  GLY A O   1 
ATOM   346  N N   . GLU A 1 48  ? -7.078  10.817  -12.056 1.00 23.88 ? 48  GLU A N   1 
ATOM   347  C CA  . GLU A 1 48  ? -8.247  9.939   -12.014 1.00 26.38 ? 48  GLU A CA  1 
ATOM   348  C C   . GLU A 1 48  ? -7.872  8.559   -11.444 1.00 25.21 ? 48  GLU A C   1 
ATOM   349  O O   . GLU A 1 48  ? -6.818  8.034   -11.767 1.00 23.77 ? 48  GLU A O   1 
ATOM   350  C CB  . GLU A 1 48  ? -8.817  9.742   -13.470 1.00 31.29 ? 48  GLU A CB  1 
ATOM   351  C CG  . GLU A 1 48  ? -9.355  11.028  -14.117 1.00 38.67 ? 48  GLU A CG  1 
ATOM   352  C CD  . GLU A 1 48  ? -10.386 11.796  -13.258 1.00 48.69 ? 48  GLU A CD  1 
ATOM   353  O OE1 . GLU A 1 48  ? -10.359 13.068  -13.270 1.00 56.68 ? 48  GLU A OE1 1 
ATOM   354  O OE2 . GLU A 1 48  ? -11.244 11.172  -12.573 1.00 45.69 ? 48  GLU A OE2 1 
ATOM   355  N N   . PHE A 1 49  ? -8.811  7.930   -10.757 1.00 29.36 ? 49  PHE A N   1 
ATOM   356  C CA  . PHE A 1 49  ? -8.573  6.566   -10.254 1.00 26.53 ? 49  PHE A CA  1 
ATOM   357  C C   . PHE A 1 49  ? -8.246  5.633   -11.374 1.00 28.77 ? 49  PHE A C   1 
ATOM   358  O O   . PHE A 1 49  ? -8.902  5.621   -12.427 1.00 28.64 ? 49  PHE A O   1 
ATOM   359  C CB  . PHE A 1 49  ? -9.739  6.071   -9.489  1.00 24.97 ? 49  PHE A CB  1 
ATOM   360  C CG  . PHE A 1 49  ? -9.934  6.756   -8.179  1.00 24.95 ? 49  PHE A CG  1 
ATOM   361  C CD1 . PHE A 1 49  ? -11.195 7.273   -7.803  1.00 27.19 ? 49  PHE A CD1 1 
ATOM   362  C CD2 . PHE A 1 49  ? -8.922  6.777   -7.258  1.00 27.43 ? 49  PHE A CD2 1 
ATOM   363  C CE1 . PHE A 1 49  ? -11.387 7.870   -6.579  1.00 25.13 ? 49  PHE A CE1 1 
ATOM   364  C CE2 . PHE A 1 49  ? -9.105  7.389   -6.035  1.00 24.45 ? 49  PHE A CE2 1 
ATOM   365  C CZ  . PHE A 1 49  ? -10.334 7.946   -5.682  1.00 30.38 ? 49  PHE A CZ  1 
ATOM   366  N N   . GLY A 1 50  ? -7.199  4.859   -11.261 1.00 28.31 ? 50  GLY A N   1 
ATOM   367  C CA  . GLY A 1 50  ? -6.872  3.843   -12.237 1.00 26.90 ? 50  GLY A CA  1 
ATOM   368  C C   . GLY A 1 50  ? -5.883  4.294   -13.237 1.00 27.25 ? 50  GLY A C   1 
ATOM   369  O O   . GLY A 1 50  ? -5.427  3.547   -14.136 1.00 28.73 ? 50  GLY A O   1 
ATOM   370  N N   . LYS A 1 51  ? -5.423  5.544   -13.053 1.00 27.54 ? 51  LYS A N   1 
ATOM   371  C CA  . LYS A 1 51  ? -4.445  6.076   -14.000 1.00 27.32 ? 51  LYS A CA  1 
ATOM   372  C C   . LYS A 1 51  ? -3.125  6.397   -13.341 1.00 26.74 ? 51  LYS A C   1 
ATOM   373  O O   . LYS A 1 51  ? -3.088  6.970   -12.249 1.00 26.06 ? 51  LYS A O   1 
ATOM   374  C CB  . LYS A 1 51  ? -4.965  7.331   -14.776 1.00 30.97 ? 51  LYS A CB  1 
ATOM   375  C CG  . LYS A 1 51  ? -5.981  7.014   -15.863 1.00 39.05 ? 51  LYS A CG  1 
ATOM   376  C CD  . LYS A 1 51  ? -7.407  6.918   -15.297 1.00 49.43 ? 51  LYS A CD  1 
ATOM   377  C CE  . LYS A 1 51  ? -8.529  7.107   -16.366 1.00 56.55 ? 51  LYS A CE  1 
ATOM   378  N NZ  . LYS A 1 51  ? -9.723  7.964   -15.998 1.00 52.39 ? 51  LYS A NZ  1 
ATOM   379  N N   . VAL A 1 52  ? -2.054  5.980   -14.003 1.00 26.56 ? 52  VAL A N   1 
ATOM   380  C CA  . VAL A 1 52  ? -0.713  6.348   -13.628 1.00 25.65 ? 52  VAL A CA  1 
ATOM   381  C C   . VAL A 1 52  ? -0.638  7.814   -13.516 1.00 26.85 ? 52  VAL A C   1 
ATOM   382  O O   . VAL A 1 52  ? -1.128  8.563   -14.372 1.00 25.35 ? 52  VAL A O   1 
ATOM   383  C CB  . VAL A 1 52  ? 0.350   5.790   -14.543 1.00 27.81 ? 52  VAL A CB  1 
ATOM   384  C CG1 . VAL A 1 52  ? 1.748   6.330   -14.220 1.00 31.05 ? 52  VAL A CG1 1 
ATOM   385  C CG2 . VAL A 1 52  ? 0.366   4.284   -14.415 1.00 28.00 ? 52  VAL A CG2 1 
ATOM   386  N N   . GLY A 1 53  ? -0.050  8.255   -12.417 1.00 24.95 ? 53  GLY A N   1 
ATOM   387  C CA  . GLY A 1 53  ? 0.070   9.694   -12.160 1.00 21.71 ? 53  GLY A CA  1 
ATOM   388  C C   . GLY A 1 53  ? -1.015  10.287  -11.317 1.00 20.12 ? 53  GLY A C   1 
ATOM   389  O O   . GLY A 1 53  ? -0.967  11.471  -10.889 1.00 22.96 ? 53  GLY A O   1 
ATOM   390  N N   . SER A 1 54  ? -2.027  9.509   -10.948 1.00 20.30 ? 54  SER A N   1 
ATOM   391  C CA  . SER A 1 54  ? -3.026  9.932   -10.028 1.00 20.29 ? 54  SER A CA  1 
ATOM   392  C C   . SER A 1 54  ? -2.343  10.072  -8.630  1.00 19.67 ? 54  SER A C   1 
ATOM   393  O O   . SER A 1 54  ? -1.345  9.382   -8.435  1.00 19.83 ? 54  SER A O   1 
ATOM   394  C CB  . SER A 1 54  ? -4.237  9.029   -9.876  1.00 22.48 ? 54  SER A CB  1 
ATOM   395  O OG  . SER A 1 54  ? -3.869  7.617   -9.743  1.00 21.79 ? 54  SER A OG  1 
ATOM   396  N N   . VAL A 1 55  ? -2.943  10.869  -7.804  1.00 19.84 ? 55  VAL A N   1 
ATOM   397  C CA  . VAL A 1 55  ? -2.446  11.132  -6.469  1.00 20.56 ? 55  VAL A CA  1 
ATOM   398  C C   . VAL A 1 55  ? -3.593  11.002  -5.552  1.00 22.20 ? 55  VAL A C   1 
ATOM   399  O O   . VAL A 1 55  ? -4.649  11.643  -5.740  1.00 20.45 ? 55  VAL A O   1 
ATOM   400  C CB  . VAL A 1 55  ? -1.828  12.519  -6.348  1.00 21.03 ? 55  VAL A CB  1 
ATOM   401  C CG1 . VAL A 1 55  ? -1.339  12.770  -4.923  1.00 21.55 ? 55  VAL A CG1 1 
ATOM   402  C CG2 . VAL A 1 55  ? -0.712  12.659  -7.361  1.00 19.31 ? 55  VAL A CG2 1 
ATOM   403  N N   . VAL A 1 56  ? -3.446  10.201  -4.495  1.00 18.34 ? 56  VAL A N   1 
ATOM   404  C CA  . VAL A 1 56  ? -4.413  9.951   -3.543  1.00 18.41 ? 56  VAL A CA  1 
ATOM   405  C C   . VAL A 1 56  ? -3.914  10.308  -2.150  1.00 17.75 ? 56  VAL A C   1 
ATOM   406  O O   . VAL A 1 56  ? -2.679  10.262  -1.939  1.00 18.43 ? 56  VAL A O   1 
ATOM   407  C CB  . VAL A 1 56  ? -4.928  8.470   -3.565  1.00 16.97 ? 56  VAL A CB  1 
ATOM   408  C CG1 . VAL A 1 56  ? -5.618  8.236   -4.947  1.00 19.48 ? 56  VAL A CG1 1 
ATOM   409  C CG2 . VAL A 1 56  ? -3.857  7.415   -3.254  1.00 20.53 ? 56  VAL A CG2 1 
ATOM   410  N N   . ILE A 1 57  ? -4.813  10.601  -1.255  1.00 16.09 ? 57  ILE A N   1 
ATOM   411  C CA  . ILE A 1 57  ? -4.478  10.901  0.139   1.00 18.27 ? 57  ILE A CA  1 
ATOM   412  C C   . ILE A 1 57  ? -5.121  9.807   0.957   1.00 17.18 ? 57  ILE A C   1 
ATOM   413  O O   . ILE A 1 57  ? -6.326  9.638   1.045   1.00 17.76 ? 57  ILE A O   1 
ATOM   414  C CB  . ILE A 1 57  ? -4.976  12.297  0.600   1.00 20.59 ? 57  ILE A CB  1 
ATOM   415  C CG1 . ILE A 1 57  ? -4.302  13.341  -0.247  1.00 22.27 ? 57  ILE A CG1 1 
ATOM   416  C CG2 . ILE A 1 57  ? -4.737  12.477  2.104   1.00 19.49 ? 57  ILE A CG2 1 
ATOM   417  C CD1 . ILE A 1 57  ? -4.836  14.803  -0.137  1.00 26.60 ? 57  ILE A CD1 1 
ATOM   418  N N   . TRP A 1 58  ? -4.297  9.019   1.673   1.00 14.46 ? 58  TRP A N   1 
ATOM   419  C CA  . TRP A 1 58  ? -4.728  8.018   2.571   1.00 13.80 ? 58  TRP A CA  1 
ATOM   420  C C   . TRP A 1 58  ? -4.781  8.503   3.991   1.00 15.79 ? 58  TRP A C   1 
ATOM   421  O O   . TRP A 1 58  ? -3.730  9.068   4.437   1.00 16.65 ? 58  TRP A O   1 
ATOM   422  C CB  . TRP A 1 58  ? -3.825  6.809   2.532   1.00 14.98 ? 58  TRP A CB  1 
ATOM   423  C CG  . TRP A 1 58  ? -3.592  6.082   1.250   1.00 14.56 ? 58  TRP A CG  1 
ATOM   424  C CD1 . TRP A 1 58  ? -2.583  6.208   0.409   1.00 14.84 ? 58  TRP A CD1 1 
ATOM   425  C CD2 . TRP A 1 58  ? -4.527  5.109   0.644   1.00 17.53 ? 58  TRP A CD2 1 
ATOM   426  N NE1 . TRP A 1 58  ? -2.744  5.341   -0.698  1.00 16.37 ? 58  TRP A NE1 1 
ATOM   427  C CE2 . TRP A 1 58  ? -3.909  4.653   -0.496  1.00 16.91 ? 58  TRP A CE2 1 
ATOM   428  C CE3 . TRP A 1 58  ? -5.691  4.540   1.099   1.00 18.45 ? 58  TRP A CE3 1 
ATOM   429  C CZ2 . TRP A 1 58  ? -4.461  3.682   -1.303  1.00 18.32 ? 58  TRP A CZ2 1 
ATOM   430  C CZ3 . TRP A 1 58  ? -6.280  3.550   0.273   1.00 20.33 ? 58  TRP A CZ3 1 
ATOM   431  C CH2 . TRP A 1 58  ? -5.578  3.116   -0.860  1.00 19.53 ? 58  TRP A CH2 1 
ATOM   432  N N   . ASN A 1 59  ? -5.829  8.236   4.691   1.00 13.45 ? 59  ASN A N   1 
ATOM   433  C CA  . ASN A 1 59  ? -5.992  8.414   6.120   1.00 15.22 ? 59  ASN A CA  1 
ATOM   434  C C   . ASN A 1 59  ? -5.994  7.063   6.745   1.00 15.30 ? 59  ASN A C   1 
ATOM   435  O O   . ASN A 1 59  ? -6.788  6.171   6.387   1.00 15.10 ? 59  ASN A O   1 
ATOM   436  C CB  . ASN A 1 59  ? -7.279  9.168   6.559   1.00 17.47 ? 59  ASN A CB  1 
ATOM   437  C CG  . ASN A 1 59  ? -7.081  10.650  6.459   1.00 20.63 ? 59  ASN A CG  1 
ATOM   438  O OD1 . ASN A 1 59  ? -6.700  11.228  7.466   1.00 24.66 ? 59  ASN A OD1 1 
ATOM   439  N ND2 . ASN A 1 59  ? -7.187  11.221  5.312   1.00 20.01 ? 59  ASN A ND2 1 
ATOM   440  N N   . TYR A 1 60  ? -5.007  6.691   7.604   1.00 12.54 ? 60  TYR A N   1 
ATOM   441  C CA  . TYR A 1 60  ? -4.816  5.391   8.083   1.00 13.03 ? 60  TYR A CA  1 
ATOM   442  C C   . TYR A 1 60  ? -4.364  5.408   9.512   1.00 14.63 ? 60  TYR A C   1 
ATOM   443  O O   . TYR A 1 60  ? -4.143  6.559   10.020  1.00 16.12 ? 60  TYR A O   1 
ATOM   444  C CB  . TYR A 1 60  ? -3.784  4.600   7.200   1.00 13.24 ? 60  TYR A CB  1 
ATOM   445  C CG  . TYR A 1 60  ? -2.348  5.113   7.249   1.00 13.85 ? 60  TYR A CG  1 
ATOM   446  C CD1 . TYR A 1 60  ? -1.417  4.398   7.998   1.00 14.89 ? 60  TYR A CD1 1 
ATOM   447  C CD2 . TYR A 1 60  ? -1.910  6.221   6.554   1.00 14.80 ? 60  TYR A CD2 1 
ATOM   448  C CE1 . TYR A 1 60  ? -0.097  4.886   8.038   1.00 14.78 ? 60  TYR A CE1 1 
ATOM   449  C CE2 . TYR A 1 60  ? -0.649  6.685   6.576   1.00 17.48 ? 60  TYR A CE2 1 
ATOM   450  C CZ  . TYR A 1 60  ? 0.270   5.992   7.360   1.00 16.66 ? 60  TYR A CZ  1 
ATOM   451  O OH  . TYR A 1 60  ? 1.588   6.446   7.401   1.00 16.26 ? 60  TYR A OH  1 
ATOM   452  N N   . SER A 1 61  ? -4.270  4.268   10.129  1.00 14.16 ? 61  SER A N   1 
ATOM   453  C CA  . SER A 1 61  ? -3.976  4.241   11.574  1.00 18.73 ? 61  SER A CA  1 
ATOM   454  C C   . SER A 1 61  ? -3.071  3.080   11.824  1.00 21.21 ? 61  SER A C   1 
ATOM   455  O O   . SER A 1 61  ? -3.204  1.972   11.195  1.00 20.57 ? 61  SER A O   1 
ATOM   456  C CB  . SER A 1 61  ? -5.288  4.118   12.357  1.00 22.26 ? 61  SER A CB  1 
ATOM   457  O OG  . SER A 1 61  ? -5.084  4.088   13.786  1.00 33.37 ? 61  SER A OG  1 
ATOM   458  N N   . ILE A 1 62  ? -2.081  3.284   12.694  1.00 20.50 ? 62  ILE A N   1 
ATOM   459  C CA  . ILE A 1 62  ? -1.255  2.194   13.200  1.00 21.90 ? 62  ILE A CA  1 
ATOM   460  C C   . ILE A 1 62  ? -1.091  2.308   14.666  1.00 21.19 ? 62  ILE A C   1 
ATOM   461  O O   . ILE A 1 62  ? -0.759  3.434   15.141  1.00 20.49 ? 62  ILE A O   1 
ATOM   462  C CB  . ILE A 1 62  ? 0.101   2.269   12.657  1.00 20.26 ? 62  ILE A CB  1 
ATOM   463  C CG1 . ILE A 1 62  ? 0.015   1.768   11.221  1.00 25.51 ? 62  ILE A CG1 1 
ATOM   464  C CG2 . ILE A 1 62  ? 0.982   1.325   13.539  1.00 24.45 ? 62  ILE A CG2 1 
ATOM   465  C CD1 . ILE A 1 62  ? 1.187   1.695   10.353  1.00 22.73 ? 62  ILE A CD1 1 
ATOM   466  N N   . ASP A 1 63  ? -1.461  1.270   15.419  1.00 26.28 ? 63  ASP A N   1 
ATOM   467  C CA  . ASP A 1 63  ? -1.494  1.322   16.929  1.00 28.41 ? 63  ASP A CA  1 
ATOM   468  C C   . ASP A 1 63  ? -2.285  2.428   17.519  1.00 31.82 ? 63  ASP A C   1 
ATOM   469  O O   . ASP A 1 63  ? -1.869  3.034   18.527  1.00 35.24 ? 63  ASP A O   1 
ATOM   470  C CB  . ASP A 1 63  ? -0.093  1.421   17.528  1.00 31.81 ? 63  ASP A CB  1 
ATOM   471  C CG  . ASP A 1 63  ? 0.782   0.265   17.148  1.00 39.43 ? 63  ASP A CG  1 
ATOM   472  O OD1 . ASP A 1 63  ? 0.269   -0.894  17.058  1.00 45.79 ? 63  ASP A OD1 1 
ATOM   473  O OD2 . ASP A 1 63  ? 1.978   0.512   16.903  1.00 48.80 ? 63  ASP A OD2 1 
ATOM   474  N N   . GLY A 1 64  ? -3.382  2.756   16.873  1.00 28.04 ? 64  GLY A N   1 
ATOM   475  C CA  . GLY A 1 64  ? -4.264  3.716   17.424  1.00 28.44 ? 64  GLY A CA  1 
ATOM   476  C C   . GLY A 1 64  ? -3.900  5.120   17.100  1.00 28.75 ? 64  GLY A C   1 
ATOM   477  O O   . GLY A 1 64  ? -4.639  6.034   17.440  1.00 32.94 ? 64  GLY A O   1 
ATOM   478  N N   . ASN A 1 65  ? -2.790  5.322   16.347  1.00 21.59 ? 65  ASN A N   1 
ATOM   479  C CA  . ASN A 1 65  ? -2.336  6.659   15.916  1.00 20.20 ? 65  ASN A CA  1 
ATOM   480  C C   . ASN A 1 65  ? -2.695  6.902   14.443  1.00 19.55 ? 65  ASN A C   1 
ATOM   481  O O   . ASN A 1 65  ? -2.213  6.252   13.531  1.00 18.19 ? 65  ASN A O   1 
ATOM   482  C CB  . ASN A 1 65  ? -0.838  6.822   16.094  1.00 19.71 ? 65  ASN A CB  1 
ATOM   483  C CG  . ASN A 1 65  ? -0.398  6.595   17.548  1.00 24.57 ? 65  ASN A CG  1 
ATOM   484  O OD1 . ASN A 1 65  ? 0.502   5.787   17.800  1.00 31.46 ? 65  ASN A OD1 1 
ATOM   485  N ND2 . ASN A 1 65  ? -1.060  7.209   18.433  1.00 23.68 ? 65  ASN A ND2 1 
ATOM   486  N N   . ALA A 1 66  ? -3.459  7.947   14.293  1.00 18.96 ? 66  ALA A N   1 
ATOM   487  C CA  . ALA A 1 66  ? -3.908  8.399   12.954  1.00 17.08 ? 66  ALA A CA  1 
ATOM   488  C C   . ALA A 1 66  ? -2.820  9.035   12.212  1.00 18.92 ? 66  ALA A C   1 
ATOM   489  O O   . ALA A 1 66  ? -2.127  9.959   12.684  1.00 19.38 ? 66  ALA A O   1 
ATOM   490  C CB  . ALA A 1 66  ? -5.058  9.398   13.079  1.00 20.38 ? 66  ALA A CB  1 
ATOM   491  N N   . MET A 1 67  ? -2.636  8.701   10.952  1.00 15.25 ? 67  MET A N   1 
ATOM   492  C CA  . MET A 1 67  ? -1.707  9.231   10.101  1.00 16.87 ? 67  MET A CA  1 
ATOM   493  C C   . MET A 1 67  ? -2.174  9.504   8.688   1.00 13.96 ? 67  MET A C   1 
ATOM   494  O O   . MET A 1 67  ? -3.267  9.004   8.336   1.00 15.49 ? 67  MET A O   1 
ATOM   495  C CB  . MET A 1 67  ? -0.481  8.303   10.053  1.00 22.79 ? 67  MET A CB  1 
ATOM   496  C CG  . MET A 1 67  ? 0.154   8.264   11.524  1.00 25.68 ? 67  MET A CG  1 
ATOM   497  S SD  . MET A 1 67  ? 1.667   7.459   11.392  1.00 27.85 ? 67  MET A SD  1 
ATOM   498  C CE  . MET A 1 67  ? 1.083   5.846   11.639  1.00 27.29 ? 67  MET A CE  1 
ATOM   499  N N   . ILE A 1 68  ? -1.441  10.200  7.917   1.00 13.98 ? 68  ILE A N   1 
ATOM   500  C CA  . ILE A 1 68  ? -1.742  10.634  6.616   1.00 14.78 ? 68  ILE A CA  1 
ATOM   501  C C   . ILE A 1 68  ? -0.631  10.370  5.676   1.00 15.30 ? 68  ILE A C   1 
ATOM   502  O O   . ILE A 1 68  ? 0.549   10.593  5.974   1.00 13.91 ? 68  ILE A O   1 
ATOM   503  C CB  . ILE A 1 68  ? -2.164  12.130  6.491   1.00 17.77 ? 68  ILE A CB  1 
ATOM   504  C CG1 . ILE A 1 68  ? -3.335  12.344  7.435   1.00 22.52 ? 68  ILE A CG1 1 
ATOM   505  C CG2 . ILE A 1 68  ? -2.566  12.478  5.078   1.00 19.55 ? 68  ILE A CG2 1 
ATOM   506  C CD1 . ILE A 1 68  ? -4.150  13.625  7.193   1.00 30.75 ? 68  ILE A CD1 1 
ATOM   507  N N   . ALA A 1 69  ? -0.803  9.775   4.473   1.00 13.61 ? 69  ALA A N   1 
ATOM   508  C CA  . ALA A 1 69  ? 0.100   9.659   3.439   1.00 13.97 ? 69  ALA A CA  1 
ATOM   509  C C   . ALA A 1 69  ? -0.474  10.068  2.113   1.00 16.41 ? 69  ALA A C   1 
ATOM   510  O O   . ALA A 1 69  ? -1.483  9.457   1.681   1.00 16.97 ? 69  ALA A O   1 
ATOM   511  C CB  . ALA A 1 69  ? 0.599   8.225   3.276   1.00 15.42 ? 69  ALA A CB  1 
ATOM   512  N N   . LYS A 1 70  ? 0.090   11.008  1.436   1.00 15.75 ? 70  LYS A N   1 
ATOM   513  C CA  . LYS A 1 70  ? -0.242  11.372  0.089   1.00 16.20 ? 70  LYS A CA  1 
ATOM   514  C C   . LYS A 1 70  ? 0.666   10.603  -0.802  1.00 15.24 ? 70  LYS A C   1 
ATOM   515  O O   . LYS A 1 70  ? 1.920   10.573  -0.663  1.00 15.31 ? 70  LYS A O   1 
ATOM   516  C CB  . LYS A 1 70  ? -0.031  12.898  -0.117  1.00 19.52 ? 70  LYS A CB  1 
ATOM   517  C CG  . LYS A 1 70  ? -0.488  13.341  -1.547  1.00 22.25 ? 70  LYS A CG  1 
ATOM   518  C CD  . LYS A 1 70  ? -0.314  14.837  -1.833  1.00 24.36 ? 70  LYS A CD  1 
ATOM   519  C CE  . LYS A 1 70  ? -1.227  15.633  -1.020  1.00 30.39 ? 70  LYS A CE  1 
ATOM   520  N NZ  . LYS A 1 70  ? -0.883  17.057  -1.444  1.00 33.40 ? 70  LYS A NZ  1 
ATOM   521  N N   . GLU A 1 71  ? 0.113   9.817   -1.759  1.00 15.01 ? 71  GLU A N   1 
ATOM   522  C CA  . GLU A 1 71  ? 0.821   8.979   -2.644  1.00 16.74 ? 71  GLU A CA  1 
ATOM   523  C C   . GLU A 1 71  ? 0.489   9.196   -4.138  1.00 16.54 ? 71  GLU A C   1 
ATOM   524  O O   . GLU A 1 71  ? -0.721  9.297   -4.460  1.00 18.69 ? 71  GLU A O   1 
ATOM   525  C CB  . GLU A 1 71  ? 0.526   7.506   -2.269  1.00 15.62 ? 71  GLU A CB  1 
ATOM   526  C CG  . GLU A 1 71  ? 1.060   7.099   -0.916  1.00 15.29 ? 71  GLU A CG  1 
ATOM   527  C CD  . GLU A 1 71  ? 0.850   5.638   -0.656  1.00 21.22 ? 71  GLU A CD  1 
ATOM   528  O OE1 . GLU A 1 71  ? -0.035  4.970   -1.222  1.00 17.35 ? 71  GLU A OE1 1 
ATOM   529  O OE2 . GLU A 1 71  ? 1.565   5.019   0.168   1.00 19.00 ? 71  GLU A OE2 1 
ATOM   530  N N   . GLU A 1 72  ? 1.498   9.130   -4.894  1.00 14.89 ? 72  GLU A N   1 
ATOM   531  C CA  . GLU A 1 72  ? 1.412   9.144   -6.362  1.00 17.70 ? 72  GLU A CA  1 
ATOM   532  C C   . GLU A 1 72  ? 1.421   7.711   -6.794  1.00 19.79 ? 72  GLU A C   1 
ATOM   533  O O   . GLU A 1 72  ? 2.322   6.919   -6.496  1.00 16.82 ? 72  GLU A O   1 
ATOM   534  C CB  . GLU A 1 72  ? 2.502   9.949   -6.999  1.00 20.79 ? 72  GLU A CB  1 
ATOM   535  C CG  . GLU A 1 72  ? 2.361   10.083  -8.498  1.00 24.65 ? 72  GLU A CG  1 
ATOM   536  C CD  . GLU A 1 72  ? 3.513   10.865  -9.085  1.00 30.50 ? 72  GLU A CD  1 
ATOM   537  O OE1 . GLU A 1 72  ? 4.275   11.499  -8.302  1.00 35.17 ? 72  GLU A OE1 1 
ATOM   538  O OE2 . GLU A 1 72  ? 3.651   10.819  -10.335 1.00 34.44 ? 72  GLU A OE2 1 
ATOM   539  N N   . ILE A 1 73  ? 0.470   7.331   -7.674  1.00 18.43 ? 73  ILE A N   1 
ATOM   540  C CA  . ILE A 1 73  ? 0.466   5.988   -8.286  1.00 18.79 ? 73  ILE A CA  1 
ATOM   541  C C   . ILE A 1 73  ? 1.385   6.075   -9.455  1.00 20.16 ? 73  ILE A C   1 
ATOM   542  O O   . ILE A 1 73  ? 1.058   6.696   -10.501 1.00 22.17 ? 73  ILE A O   1 
ATOM   543  C CB  . ILE A 1 73  ? -0.932  5.525   -8.743  1.00 19.93 ? 73  ILE A CB  1 
ATOM   544  C CG1 . ILE A 1 73  ? -1.837  5.128   -7.578  1.00 19.93 ? 73  ILE A CG1 1 
ATOM   545  C CG2 . ILE A 1 73  ? -0.777  4.319   -9.670  1.00 23.35 ? 73  ILE A CG2 1 
ATOM   546  C CD1 . ILE A 1 73  ? -2.362  6.173   -6.730  1.00 22.28 ? 73  ILE A CD1 1 
ATOM   547  N N   . VAL A 1 74  ? 2.579   5.569   -9.317  1.00 17.79 ? 74  VAL A N   1 
ATOM   548  C CA  . VAL A 1 74  ? 3.603   5.656   -10.322 1.00 20.61 ? 74  VAL A CA  1 
ATOM   549  C C   . VAL A 1 74  ? 3.663   4.540   -11.308 1.00 21.91 ? 74  VAL A C   1 
ATOM   550  O O   . VAL A 1 74  ? 4.384   4.650   -12.333 1.00 22.64 ? 74  VAL A O   1 
ATOM   551  C CB  . VAL A 1 74  ? 4.990   5.898   -9.732  1.00 19.85 ? 74  VAL A CB  1 
ATOM   552  C CG1 . VAL A 1 74  ? 5.054   7.236   -9.025  1.00 20.99 ? 74  VAL A CG1 1 
ATOM   553  C CG2 . VAL A 1 74  ? 5.341   4.786   -8.796  1.00 21.30 ? 74  VAL A CG2 1 
ATOM   554  N N   . ALA A 1 75  ? 2.982   3.409   -11.013 1.00 20.43 ? 75  ALA A N   1 
ATOM   555  C CA  . ALA A 1 75  ? 3.001   2.271   -11.991 1.00 19.55 ? 75  ALA A CA  1 
ATOM   556  C C   . ALA A 1 75  ? 1.838   1.465   -11.706 1.00 20.58 ? 75  ALA A C   1 
ATOM   557  O O   . ALA A 1 75  ? 1.443   1.247   -10.576 1.00 19.37 ? 75  ALA A O   1 
ATOM   558  C CB  . ALA A 1 75  ? 4.240   1.434   -11.845 1.00 20.65 ? 75  ALA A CB  1 
ATOM   559  N N   . ILE A 1 76  ? 1.154   1.014   -12.788 1.00 22.73 ? 76  ILE A N   1 
ATOM   560  C CA  . ILE A 1 76  ? 0.108   0.016   -12.704 1.00 23.54 ? 76  ILE A CA  1 
ATOM   561  C C   . ILE A 1 76  ? 0.449   -1.001  -13.800 1.00 21.97 ? 76  ILE A C   1 
ATOM   562  O O   . ILE A 1 76  ? 0.390   -0.588  -14.999 1.00 31.15 ? 76  ILE A O   1 
ATOM   563  C CB  . ILE A 1 76  ? -1.248  0.600   -12.939 1.00 23.73 ? 76  ILE A CB  1 
ATOM   564  C CG1 . ILE A 1 76  ? -1.629  1.582   -11.857 1.00 24.44 ? 76  ILE A CG1 1 
ATOM   565  C CG2 . ILE A 1 76  ? -2.336  -0.483  -12.995 1.00 23.13 ? 76  ILE A CG2 1 
ATOM   566  C CD1 . ILE A 1 76  ? -2.807  2.464   -12.163 1.00 26.40 ? 76  ILE A CD1 1 
ATOM   567  N N   . ASP A 1 77  ? 0.859   -2.202  -13.511 1.00 26.07 ? 77  ASP A N   1 
ATOM   568  C CA  . ASP A 1 77  ? 1.264   -3.143  -14.561 1.00 29.63 ? 77  ASP A CA  1 
ATOM   569  C C   . ASP A 1 77  ? 0.204   -4.218  -14.582 1.00 27.97 ? 77  ASP A C   1 
ATOM   570  O O   . ASP A 1 77  ? 0.126   -5.064  -13.739 1.00 22.35 ? 77  ASP A O   1 
ATOM   571  C CB  . ASP A 1 77  ? 2.674   -3.653  -14.302 1.00 33.80 ? 77  ASP A CB  1 
ATOM   572  C CG  . ASP A 1 77  ? 3.163   -4.684  -15.359 1.00 48.41 ? 77  ASP A CG  1 
ATOM   573  O OD1 . ASP A 1 77  ? 2.385   -5.200  -16.186 1.00 47.13 ? 77  ASP A OD1 1 
ATOM   574  O OD2 . ASP A 1 77  ? 4.363   -5.025  -15.324 1.00 56.03 ? 77  ASP A OD2 1 
ATOM   575  N N   . GLU A 1 78  ? -0.692  -4.213  -15.582 1.00 29.17 ? 78  GLU A N   1 
ATOM   576  C CA  . GLU A 1 78  ? -1.730  -5.244  -15.665 1.00 37.58 ? 78  GLU A CA  1 
ATOM   577  C C   . GLU A 1 78  ? -1.144  -6.617  -15.854 1.00 33.70 ? 78  GLU A C   1 
ATOM   578  O O   . GLU A 1 78  ? -1.577  -7.576  -15.235 1.00 36.04 ? 78  GLU A O   1 
ATOM   579  C CB  . GLU A 1 78  ? -2.731  -4.929  -16.809 1.00 45.24 ? 78  GLU A CB  1 
ATOM   580  C CG  . GLU A 1 78  ? -4.107  -5.612  -16.639 1.00 55.70 ? 78  GLU A CG  1 
ATOM   581  C CD  . GLU A 1 78  ? -5.082  -5.340  -17.801 1.00 67.38 ? 78  GLU A CD  1 
ATOM   582  O OE1 . GLU A 1 78  ? -4.611  -5.061  -18.940 1.00 60.01 ? 78  GLU A OE1 1 
ATOM   583  O OE2 . GLU A 1 78  ? -6.318  -5.422  -17.572 1.00 66.88 ? 78  GLU A OE2 1 
ATOM   584  N N   . GLU A 1 79  ? -0.080  -6.711  -16.625 1.00 39.63 ? 79  GLU A N   1 
ATOM   585  C CA  . GLU A 1 79  ? 0.521   -8.034  -16.934 1.00 48.81 ? 79  GLU A CA  1 
ATOM   586  C C   . GLU A 1 79  ? 1.133   -8.723  -15.698 1.00 45.61 ? 79  GLU A C   1 
ATOM   587  O O   . GLU A 1 79  ? 0.880   -9.880  -15.430 1.00 44.28 ? 79  GLU A O   1 
ATOM   588  C CB  . GLU A 1 79  ? 1.554   -7.876  -18.057 1.00 57.45 ? 79  GLU A CB  1 
ATOM   589  C CG  . GLU A 1 79  ? 1.084   -7.044  -19.274 1.00 68.14 ? 79  GLU A CG  1 
ATOM   590  C CD  . GLU A 1 79  ? 0.893   -5.522  -19.002 1.00 75.81 ? 79  GLU A CD  1 
ATOM   591  O OE1 . GLU A 1 79  ? 1.763   -4.861  -18.383 1.00 76.98 ? 79  GLU A OE1 1 
ATOM   592  O OE2 . GLU A 1 79  ? -0.145  -4.958  -19.422 1.00 88.48 ? 79  GLU A OE2 1 
ATOM   593  N N   . ASP A 1 80  ? 1.917   -7.963  -14.925 1.00 39.54 ? 80  ASP A N   1 
ATOM   594  C CA  . ASP A 1 80  ? 2.536   -8.401  -13.666 1.00 39.09 ? 80  ASP A CA  1 
ATOM   595  C C   . ASP A 1 80  ? 1.584   -8.326  -12.437 1.00 27.80 ? 80  ASP A C   1 
ATOM   596  O O   . ASP A 1 80  ? 1.919   -8.717  -11.307 1.00 27.22 ? 80  ASP A O   1 
ATOM   597  C CB  . ASP A 1 80  ? 3.707   -7.447  -13.349 1.00 45.78 ? 80  ASP A CB  1 
ATOM   598  C CG  . ASP A 1 80  ? 5.053   -8.095  -13.378 1.00 58.50 ? 80  ASP A CG  1 
ATOM   599  O OD1 . ASP A 1 80  ? 5.189   -9.277  -13.740 1.00 67.33 ? 80  ASP A OD1 1 
ATOM   600  O OD2 . ASP A 1 80  ? 5.994   -7.369  -13.031 1.00 67.81 ? 80  ASP A OD2 1 
ATOM   601  N N   . LYS A 1 81  ? 0.409   -7.750  -12.669 1.00 22.47 ? 81  LYS A N   1 
ATOM   602  C CA  . LYS A 1 81  ? -0.561  -7.554  -11.607 1.00 17.93 ? 81  LYS A CA  1 
ATOM   603  C C   . LYS A 1 81  ? 0.097   -6.803  -10.357 1.00 17.40 ? 81  LYS A C   1 
ATOM   604  O O   . LYS A 1 81  ? 0.041   -7.305  -9.273  1.00 18.48 ? 81  LYS A O   1 
ATOM   605  C CB  . LYS A 1 81  ? -1.198  -8.773  -11.121 1.00 20.39 ? 81  LYS A CB  1 
ATOM   606  C CG  . LYS A 1 81  ? -2.035  -9.557  -12.208 1.00 26.31 ? 81  LYS A CG  1 
ATOM   607  C CD  . LYS A 1 81  ? -2.670  -10.716 -11.458 1.00 27.25 ? 81  LYS A CD  1 
ATOM   608  C CE  . LYS A 1 81  ? -3.829  -11.374 -12.161 1.00 39.16 ? 81  LYS A CE  1 
ATOM   609  N NZ  . LYS A 1 81  ? -3.311  -12.228 -13.283 1.00 36.34 ? 81  LYS A NZ  1 
ATOM   610  N N   . SER A 1 82  ? 0.629   -5.693  -10.714 1.00 17.54 ? 82  SER A N   1 
ATOM   611  C CA  . SER A 1 82  ? 1.380   -4.887  -9.686  1.00 16.50 ? 82  SER A CA  1 
ATOM   612  C C   . SER A 1 82  ? 0.913   -3.471  -9.750  1.00 17.36 ? 82  SER A C   1 
ATOM   613  O O   . SER A 1 82  ? 0.514   -2.892  -10.791 1.00 16.02 ? 82  SER A O   1 
ATOM   614  C CB  . SER A 1 82  ? 2.839   -5.005  -10.030 1.00 21.81 ? 82  SER A CB  1 
ATOM   615  O OG  . SER A 1 82  ? 3.191   -4.110  -10.990 1.00 30.07 ? 82  SER A OG  1 
ATOM   616  N N   . VAL A 1 83  ? 1.013   -2.761  -8.600  1.00 15.20 ? 83  VAL A N   1 
ATOM   617  C CA  . VAL A 1 83  ? 0.660   -1.363  -8.402  1.00 15.55 ? 83  VAL A CA  1 
ATOM   618  C C   . VAL A 1 83  ? 1.780   -0.776  -7.502  1.00 14.74 ? 83  VAL A C   1 
ATOM   619  O O   . VAL A 1 83  ? 2.087   -1.416  -6.521  1.00 15.80 ? 83  VAL A O   1 
ATOM   620  C CB  . VAL A 1 83  ? -0.703  -1.094  -7.790  1.00 15.33 ? 83  VAL A CB  1 
ATOM   621  C CG1 . VAL A 1 83  ? -1.024  0.376   -7.779  1.00 17.09 ? 83  VAL A CG1 1 
ATOM   622  C CG2 . VAL A 1 83  ? -1.794  -1.889  -8.555  1.00 17.33 ? 83  VAL A CG2 1 
ATOM   623  N N   . THR A 1 84  ? 2.290   0.337   -7.869  1.00 15.54 ? 84  THR A N   1 
ATOM   624  C CA  . THR A 1 84  ? 3.366   1.020   -7.062  1.00 14.95 ? 84  THR A CA  1 
ATOM   625  C C   . THR A 1 84  ? 2.942   2.400   -6.707  1.00 14.75 ? 84  THR A C   1 
ATOM   626  O O   . THR A 1 84  ? 2.502   3.227   -7.506  1.00 15.37 ? 84  THR A O   1 
ATOM   627  C CB  . THR A 1 84  ? 4.612   1.076   -7.905  1.00 18.18 ? 84  THR A CB  1 
ATOM   628  O OG1 . THR A 1 84  ? 5.019   -0.245  -8.301  1.00 20.71 ? 84  THR A OG1 1 
ATOM   629  C CG2 . THR A 1 84  ? 5.789   1.713   -7.073  1.00 19.51 ? 84  THR A CG2 1 
ATOM   630  N N   . PHE A 1 85  ? 3.013   2.657   -5.372  1.00 15.50 ? 85  PHE A N   1 
ATOM   631  C CA  . PHE A 1 85  ? 2.626   3.915   -4.711  1.00 14.67 ? 85  PHE A CA  1 
ATOM   632  C C   . PHE A 1 85  ? 3.837   4.661   -4.074  1.00 15.31 ? 85  PHE A C   1 
ATOM   633  O O   . PHE A 1 85  ? 4.463   4.048   -3.210  1.00 16.78 ? 85  PHE A O   1 
ATOM   634  C CB  . PHE A 1 85  ? 1.652   3.622   -3.566  1.00 15.93 ? 85  PHE A CB  1 
ATOM   635  C CG  . PHE A 1 85  ? 0.377   2.876   -3.962  1.00 17.14 ? 85  PHE A CG  1 
ATOM   636  C CD1 . PHE A 1 85  ? 0.254   1.536   -3.868  1.00 16.61 ? 85  PHE A CD1 1 
ATOM   637  C CD2 . PHE A 1 85  ? -0.723  3.625   -4.320  1.00 16.80 ? 85  PHE A CD2 1 
ATOM   638  C CE1 . PHE A 1 85  ? -0.938  0.896   -4.181  1.00 17.57 ? 85  PHE A CE1 1 
ATOM   639  C CE2 . PHE A 1 85  ? -1.961  3.027   -4.583  1.00 16.59 ? 85  PHE A CE2 1 
ATOM   640  C CZ  . PHE A 1 85  ? -2.056  1.649   -4.532  1.00 17.17 ? 85  PHE A CZ  1 
ATOM   641  N N   . LYS A 1 86  ? 4.140   5.837   -4.534  1.00 15.24 ? 86  LYS A N   1 
ATOM   642  C CA  . LYS A 1 86  ? 5.281   6.571   -4.007  1.00 16.55 ? 86  LYS A CA  1 
ATOM   643  C C   . LYS A 1 86  ? 4.753   7.599   -3.100  1.00 15.09 ? 86  LYS A C   1 
ATOM   644  O O   . LYS A 1 86  ? 3.905   8.447   -3.453  1.00 15.09 ? 86  LYS A O   1 
ATOM   645  C CB  . LYS A 1 86  ? 6.002   7.249   -5.151  1.00 17.84 ? 86  LYS A CB  1 
ATOM   646  C CG  . LYS A 1 86  ? 6.989   8.357   -4.747  1.00 20.89 ? 86  LYS A CG  1 
ATOM   647  C CD  . LYS A 1 86  ? 7.418   9.073   -6.029  1.00 29.50 ? 86  LYS A CD  1 
ATOM   648  C CE  . LYS A 1 86  ? 8.459   10.120  -5.705  1.00 38.35 ? 86  LYS A CE  1 
ATOM   649  N NZ  . LYS A 1 86  ? 8.764   11.011  -6.881  1.00 47.51 ? 86  LYS A NZ  1 
ATOM   650  N N   . VAL A 1 87  ? 5.234   7.631   -1.844  1.00 15.77 ? 87  VAL A N   1 
ATOM   651  C CA  . VAL A 1 87  ? 4.812   8.633   -0.888  1.00 15.45 ? 87  VAL A CA  1 
ATOM   652  C C   . VAL A 1 87  ? 5.494   9.971   -1.288  1.00 15.55 ? 87  VAL A C   1 
ATOM   653  O O   . VAL A 1 87  ? 6.675   10.032  -1.625  1.00 17.12 ? 87  VAL A O   1 
ATOM   654  C CB  . VAL A 1 87  ? 5.166   8.298   0.592   1.00 16.04 ? 87  VAL A CB  1 
ATOM   655  C CG1 . VAL A 1 87  ? 4.829   9.504   1.534   1.00 17.24 ? 87  VAL A CG1 1 
ATOM   656  C CG2 . VAL A 1 87  ? 4.455   6.993   1.033   1.00 15.60 ? 87  VAL A CG2 1 
ATOM   657  N N   . VAL A 1 88  ? 4.678   11.013  -1.278  1.00 16.68 ? 88  VAL A N   1 
ATOM   658  C CA  . VAL A 1 88  ? 5.139   12.378  -1.648  1.00 18.36 ? 88  VAL A CA  1 
ATOM   659  C C   . VAL A 1 88  ? 4.896   13.364  -0.515  1.00 20.16 ? 88  VAL A C   1 
ATOM   660  O O   . VAL A 1 88  ? 5.425   14.491  -0.598  1.00 22.26 ? 88  VAL A O   1 
ATOM   661  C CB  . VAL A 1 88  ? 4.409   12.886  -2.941  1.00 20.35 ? 88  VAL A CB  1 
ATOM   662  C CG1 . VAL A 1 88  ? 4.844   12.004  -4.080  1.00 22.83 ? 88  VAL A CG1 1 
ATOM   663  C CG2 . VAL A 1 88  ? 2.912   12.929  -2.787  1.00 22.13 ? 88  VAL A CG2 1 
ATOM   664  N N   . GLU A 1 89  ? 4.078   13.077  0.463   1.00 17.83 ? 89  GLU A N   1 
ATOM   665  C CA  . GLU A 1 89  ? 3.858   13.889  1.684   1.00 18.83 ? 89  GLU A CA  1 
ATOM   666  C C   . GLU A 1 89  ? 3.242   13.084  2.797   1.00 18.83 ? 89  GLU A C   1 
ATOM   667  O O   . GLU A 1 89  ? 2.563   12.065  2.503   1.00 17.50 ? 89  GLU A O   1 
ATOM   668  C CB  . GLU A 1 89  ? 2.846   15.060  1.467   1.00 23.96 ? 89  GLU A CB  1 
ATOM   669  C CG  . GLU A 1 89  ? 3.256   16.136  0.514   1.00 33.28 ? 89  GLU A CG  1 
ATOM   670  C CD  . GLU A 1 89  ? 2.209   17.270  0.462   1.00 40.78 ? 89  GLU A CD  1 
ATOM   671  O OE1 . GLU A 1 89  ? 1.411   17.437  1.449   1.00 41.93 ? 89  GLU A OE1 1 
ATOM   672  O OE2 . GLU A 1 89  ? 2.158   17.915  -0.626  1.00 51.52 ? 89  GLU A OE2 1 
ATOM   673  N N   . GLY A 1 90  ? 3.407   13.453  4.071   1.00 16.28 ? 90  GLY A N   1 
ATOM   674  C CA  . GLY A 1 90  ? 2.741   12.945  5.172   1.00 14.74 ? 90  GLY A CA  1 
ATOM   675  C C   . GLY A 1 90  ? 3.675   12.470  6.312   1.00 14.97 ? 90  GLY A C   1 
ATOM   676  O O   . GLY A 1 90  ? 4.873   12.770  6.267   1.00 15.06 ? 90  GLY A O   1 
ATOM   677  N N   . HIS A 1 91  ? 3.082   11.814  7.256   1.00 12.63 ? 91  HIS A N   1 
ATOM   678  C CA  . HIS A 1 91  ? 3.731   11.408  8.492   1.00 13.10 ? 91  HIS A CA  1 
ATOM   679  C C   . HIS A 1 91  ? 5.031   10.708  8.204   1.00 14.65 ? 91  HIS A C   1 
ATOM   680  O O   . HIS A 1 91  ? 6.043   10.862  8.918   1.00 14.10 ? 91  HIS A O   1 
ATOM   681  C CB  . HIS A 1 91  ? 2.916   10.634  9.405   1.00 13.69 ? 91  HIS A CB  1 
ATOM   682  C CG  . HIS A 1 91  ? 1.848   11.389  10.091  1.00 15.22 ? 91  HIS A CG  1 
ATOM   683  N ND1 . HIS A 1 91  ? 0.696   11.855  9.465   1.00 14.96 ? 91  HIS A ND1 1 
ATOM   684  C CD2 . HIS A 1 91  ? 1.740   11.812  11.378  1.00 15.84 ? 91  HIS A CD2 1 
ATOM   685  C CE1 . HIS A 1 91  ? -0.060  12.518  10.311  1.00 17.18 ? 91  HIS A CE1 1 
ATOM   686  N NE2 . HIS A 1 91  ? 0.567   12.518  11.491  1.00 16.91 ? 91  HIS A NE2 1 
ATOM   687  N N   . LEU A 1 92  ? 5.085   9.809   7.244   1.00 13.65 ? 92  LEU A N   1 
ATOM   688  C CA  . LEU A 1 92  ? 6.281   9.013   6.943   1.00 13.25 ? 92  LEU A CA  1 
ATOM   689  C C   . LEU A 1 92  ? 7.447   9.878   6.602   1.00 14.87 ? 92  LEU A C   1 
ATOM   690  O O   . LEU A 1 92  ? 8.610   9.463   6.795   1.00 14.37 ? 92  LEU A O   1 
ATOM   691  C CB  . LEU A 1 92  ? 6.001   7.987   5.777   1.00 12.09 ? 92  LEU A CB  1 
ATOM   692  C CG  . LEU A 1 92  ? 5.333   6.773   6.275   1.00 12.83 ? 92  LEU A CG  1 
ATOM   693  C CD1 . LEU A 1 92  ? 4.706   5.983   5.055   1.00 13.54 ? 92  LEU A CD1 1 
ATOM   694  C CD2 . LEU A 1 92  ? 6.299   5.812   7.015   1.00 14.35 ? 92  LEU A CD2 1 
ATOM   695  N N   . PHE A 1 93  ? 7.271   11.113  6.113   1.00 15.32 ? 93  PHE A N   1 
ATOM   696  C CA  . PHE A 1 93  ? 8.382   12.017  5.763   1.00 15.41 ? 93  PHE A CA  1 
ATOM   697  C C   . PHE A 1 93  ? 8.989   12.647  7.063   1.00 14.64 ? 93  PHE A C   1 
ATOM   698  O O   . PHE A 1 93  ? 9.979   13.336  6.891   1.00 15.41 ? 93  PHE A O   1 
ATOM   699  C CB  . PHE A 1 93  ? 7.886   13.052  4.766   1.00 16.41 ? 93  PHE A CB  1 
ATOM   700  C CG  . PHE A 1 93  ? 8.008   12.621  3.324   1.00 18.01 ? 93  PHE A CG  1 
ATOM   701  C CD1 . PHE A 1 93  ? 8.186   11.326  2.969   1.00 19.82 ? 93  PHE A CD1 1 
ATOM   702  C CD2 . PHE A 1 93  ? 7.812   13.519  2.293   1.00 21.84 ? 93  PHE A CD2 1 
ATOM   703  C CE1 . PHE A 1 93  ? 8.320   10.928  1.630   1.00 20.11 ? 93  PHE A CE1 1 
ATOM   704  C CE2 . PHE A 1 93  ? 7.920   13.129  0.939   1.00 23.72 ? 93  PHE A CE2 1 
ATOM   705  C CZ  . PHE A 1 93  ? 8.227   11.865  0.648   1.00 20.46 ? 93  PHE A CZ  1 
ATOM   706  N N   . GLU A 1 94  ? 8.497   12.285  8.185   1.00 12.85 ? 94  GLU A N   1 
ATOM   707  C CA  . GLU A 1 94  ? 9.191   12.597  9.485   1.00 13.37 ? 94  GLU A CA  1 
ATOM   708  C C   . GLU A 1 94  ? 10.335  11.651  9.694   1.00 16.54 ? 94  GLU A C   1 
ATOM   709  O O   . GLU A 1 94  ? 11.177  11.842  10.574  1.00 15.83 ? 94  GLU A O   1 
ATOM   710  C CB  . GLU A 1 94  ? 8.335   12.536  10.662  1.00 11.44 ? 94  GLU A CB  1 
ATOM   711  C CG  . GLU A 1 94  ? 7.207   13.564  10.649  1.00 13.52 ? 94  GLU A CG  1 
ATOM   712  C CD  . GLU A 1 94  ? 6.422   13.524  11.899  1.00 13.28 ? 94  GLU A CD  1 
ATOM   713  O OE1 . GLU A 1 94  ? 6.454   12.699  12.805  1.00 14.32 ? 94  GLU A OE1 1 
ATOM   714  O OE2 . GLU A 1 94  ? 5.571   14.510  12.087  1.00 17.41 ? 94  GLU A OE2 1 
ATOM   715  N N   . GLU A 1 95  ? 10.370  10.539  8.977   1.00 14.95 ? 95  GLU A N   1 
ATOM   716  C CA  . GLU A 1 95  ? 11.434  9.521   9.131   1.00 14.99 ? 95  GLU A CA  1 
ATOM   717  C C   . GLU A 1 95  ? 12.162  9.215   7.856   1.00 15.44 ? 95  GLU A C   1 
ATOM   718  O O   . GLU A 1 95  ? 13.345  8.777   7.881   1.00 15.73 ? 95  GLU A O   1 
ATOM   719  C CB  . GLU A 1 95  ? 10.815  8.254   9.613   1.00 16.46 ? 95  GLU A CB  1 
ATOM   720  C CG  . GLU A 1 95  ? 10.228  8.241   10.979  1.00 16.85 ? 95  GLU A CG  1 
ATOM   721  C CD  . GLU A 1 95  ? 9.483   6.948   11.240  1.00 19.69 ? 95  GLU A CD  1 
ATOM   722  O OE1 . GLU A 1 95  ? 10.083  6.011   11.816  1.00 21.76 ? 95  GLU A OE1 1 
ATOM   723  O OE2 . GLU A 1 95  ? 8.320   6.753   10.757  1.00 20.19 ? 95  GLU A OE2 1 
ATOM   724  N N   . PHE A 1 96  ? 11.529  9.273   6.691   1.00 13.82 ? 96  PHE A N   1 
ATOM   725  C CA  . PHE A 1 96  ? 12.110  8.907   5.460   1.00 13.21 ? 96  PHE A CA  1 
ATOM   726  C C   . PHE A 1 96  ? 12.299  10.045  4.489   1.00 15.62 ? 96  PHE A C   1 
ATOM   727  O O   . PHE A 1 96  ? 11.369  10.863  4.339   1.00 17.22 ? 96  PHE A O   1 
ATOM   728  C CB  . PHE A 1 96  ? 11.261  7.716   4.811   1.00 13.60 ? 96  PHE A CB  1 
ATOM   729  C CG  . PHE A 1 96  ? 11.167  6.585   5.704   1.00 12.45 ? 96  PHE A CG  1 
ATOM   730  C CD1 . PHE A 1 96  ? 10.080  6.348   6.524   1.00 13.39 ? 96  PHE A CD1 1 
ATOM   731  C CD2 . PHE A 1 96  ? 12.255  5.721   5.904   1.00 13.24 ? 96  PHE A CD2 1 
ATOM   732  C CE1 . PHE A 1 96  ? 10.008  5.388   7.486   1.00 13.88 ? 96  PHE A CE1 1 
ATOM   733  C CE2 . PHE A 1 96  ? 12.214  4.737   6.847   1.00 13.37 ? 96  PHE A CE2 1 
ATOM   734  C CZ  . PHE A 1 96  ? 11.151  4.536   7.654   1.00 13.42 ? 96  PHE A CZ  1 
ATOM   735  N N   . LYS A 1 97  ? 13.407  10.037  3.716   1.00 14.84 ? 97  LYS A N   1 
ATOM   736  C CA  . LYS A 1 97  ? 13.572  10.842  2.581   1.00 17.58 ? 97  LYS A CA  1 
ATOM   737  C C   . LYS A 1 97  ? 12.694  10.386  1.396   1.00 20.13 ? 97  LYS A C   1 
ATOM   738  O O   . LYS A 1 97  ? 12.134  11.220  0.634   1.00 21.78 ? 97  LYS A O   1 
ATOM   739  C CB  . LYS A 1 97  ? 15.055  10.855  2.142   1.00 23.19 ? 97  LYS A CB  1 
ATOM   740  C CG  . LYS A 1 97  ? 15.197  11.711  0.918   1.00 28.49 ? 97  LYS A CG  1 
ATOM   741  C CD  . LYS A 1 97  ? 16.621  11.723  0.423   1.00 36.07 ? 97  LYS A CD  1 
ATOM   742  C CE  . LYS A 1 97  ? 16.643  12.666  -0.778  1.00 44.76 ? 97  LYS A CE  1 
ATOM   743  N NZ  . LYS A 1 97  ? 17.890  12.403  -1.531  1.00 56.14 ? 97  LYS A NZ  1 
ATOM   744  N N   . SER A 1 98  ? 12.572  9.047   1.332   1.00 18.25 ? 98  SER A N   1 
ATOM   745  C CA  . SER A 1 98  ? 11.724  8.459   0.233   1.00 18.53 ? 98  SER A CA  1 
ATOM   746  C C   . SER A 1 98  ? 11.242  7.141   0.749   1.00 16.51 ? 98  SER A C   1 
ATOM   747  O O   . SER A 1 98  ? 11.900  6.461   1.491   1.00 16.23 ? 98  SER A O   1 
ATOM   748  C CB  . SER A 1 98  ? 12.579  8.306   -0.960  1.00 19.97 ? 98  SER A CB  1 
ATOM   749  O OG  . SER A 1 98  ? 13.615  7.396   -0.742  1.00 25.18 ? 98  SER A OG  1 
ATOM   750  N N   . ILE A 1 99  ? 9.981   6.796   0.314   1.00 14.77 ? 99  ILE A N   1 
ATOM   751  C CA  . ILE A 1 99  ? 9.464   5.526   0.610   1.00 14.90 ? 99  ILE A CA  1 
ATOM   752  C C   . ILE A 1 99  ? 8.372   5.184   -0.414  1.00 15.13 ? 99  ILE A C   1 
ATOM   753  O O   . ILE A 1 99  ? 7.602   6.025   -0.750  1.00 15.92 ? 99  ILE A O   1 
ATOM   754  C CB  . ILE A 1 99  ? 8.970   5.459   2.074   1.00 14.93 ? 99  ILE A CB  1 
ATOM   755  C CG1 . ILE A 1 99  ? 8.459   4.040   2.449   1.00 14.81 ? 99  ILE A CG1 1 
ATOM   756  C CG2 . ILE A 1 99  ? 7.977   6.562   2.484   1.00 15.07 ? 99  ILE A CG2 1 
ATOM   757  C CD1 . ILE A 1 99  ? 8.232   3.792   3.931   1.00 16.13 ? 99  ILE A CD1 1 
ATOM   758  N N   . VAL A 1 100 ? 8.487   3.998   -0.896  1.00 13.45 ? 100 VAL A N   1 
ATOM   759  C CA  . VAL A 1 100 ? 7.651   3.454   -2.050  1.00 14.15 ? 100 VAL A CA  1 
ATOM   760  C C   . VAL A 1 100 ? 7.154   2.128   -1.633  1.00 13.90 ? 100 VAL A C   1 
ATOM   761  O O   . VAL A 1 100 ? 7.844   1.217   -1.184  1.00 14.72 ? 100 VAL A O   1 
ATOM   762  C CB  . VAL A 1 100 ? 8.484   3.387   -3.313  1.00 15.36 ? 100 VAL A CB  1 
ATOM   763  C CG1 . VAL A 1 100 ? 7.626   2.807   -4.511  1.00 16.26 ? 100 VAL A CG1 1 
ATOM   764  C CG2 . VAL A 1 100 ? 9.002   4.710   -3.768  1.00 19.85 ? 100 VAL A CG2 1 
ATOM   765  N N   . PHE A 1 101 ? 5.826   1.932   -1.857  1.00 14.60 ? 101 PHE A N   1 
ATOM   766  C CA  . PHE A 1 101 ? 5.098   0.710   -1.596  1.00 14.01 ? 101 PHE A CA  1 
ATOM   767  C C   . PHE A 1 101 ? 4.682   0.036   -2.880  1.00 17.45 ? 101 PHE A C   1 
ATOM   768  O O   . PHE A 1 101 ? 4.060   0.702   -3.669  1.00 18.49 ? 101 PHE A O   1 
ATOM   769  C CB  . PHE A 1 101 ? 3.890   0.959   -0.772  1.00 14.64 ? 101 PHE A CB  1 
ATOM   770  C CG  . PHE A 1 101 ? 4.148   1.500   0.645   1.00 13.37 ? 101 PHE A CG  1 
ATOM   771  C CD1 . PHE A 1 101 ? 4.259   2.814   0.934   1.00 15.93 ? 101 PHE A CD1 1 
ATOM   772  C CD2 . PHE A 1 101 ? 4.213   0.655   1.740   1.00 13.97 ? 101 PHE A CD2 1 
ATOM   773  C CE1 . PHE A 1 101 ? 4.483   3.285   2.188   1.00 16.11 ? 101 PHE A CE1 1 
ATOM   774  C CE2 . PHE A 1 101 ? 4.415   1.095   3.014   1.00 15.14 ? 101 PHE A CE2 1 
ATOM   775  C CZ  . PHE A 1 101 ? 4.540   2.422   3.246   1.00 14.49 ? 101 PHE A CZ  1 
ATOM   776  N N   . SER A 1 102 ? 4.899   -1.239  -3.018  1.00 14.77 ? 102 SER A N   1 
ATOM   777  C CA  . SER A 1 102 ? 4.406   -1.931  -4.246  1.00 15.55 ? 102 SER A CA  1 
ATOM   778  C C   . SER A 1 102 ? 3.702   -3.185  -3.768  1.00 14.30 ? 102 SER A C   1 
ATOM   779  O O   . SER A 1 102 ? 4.088   -3.847  -2.811  1.00 14.16 ? 102 SER A O   1 
ATOM   780  C CB  . SER A 1 102 ? 5.515   -2.364  -5.050  1.00 18.84 ? 102 SER A CB  1 
ATOM   781  O OG  . SER A 1 102 ? 6.253   -1.312  -5.546  1.00 33.09 ? 102 SER A OG  1 
ATOM   782  N N   . VAL A 1 103 ? 2.569   -3.524  -4.488  1.00 14.31 ? 103 VAL A N   1 
ATOM   783  C CA  . VAL A 1 103 ? 1.825   -4.706  -4.242  1.00 13.99 ? 103 VAL A CA  1 
ATOM   784  C C   . VAL A 1 103 ? 1.733   -5.490  -5.593  1.00 14.36 ? 103 VAL A C   1 
ATOM   785  O O   . VAL A 1 103 ? 1.412   -4.917  -6.639  1.00 15.79 ? 103 VAL A O   1 
ATOM   786  C CB  . VAL A 1 103 ? 0.449   -4.472  -3.664  1.00 15.03 ? 103 VAL A CB  1 
ATOM   787  C CG1 . VAL A 1 103 ? -0.431  -3.516  -4.479  1.00 16.40 ? 103 VAL A CG1 1 
ATOM   788  C CG2 . VAL A 1 103 ? -0.290  -5.714  -3.279  1.00 17.47 ? 103 VAL A CG2 1 
ATOM   789  N N   . HIS A 1 104 ? 2.142   -6.749  -5.548  1.00 15.60 ? 104 HIS A N   1 
ATOM   790  C CA  . HIS A 1 104 ? 2.172   -7.702  -6.717  1.00 16.85 ? 104 HIS A CA  1 
ATOM   791  C C   . HIS A 1 104 ? 1.362   -8.888  -6.325  1.00 15.62 ? 104 HIS A C   1 
ATOM   792  O O   . HIS A 1 104 ? 1.410   -9.465  -5.251  1.00 16.29 ? 104 HIS A O   1 
ATOM   793  C CB  . HIS A 1 104 ? 3.643   -8.149  -6.912  1.00 19.93 ? 104 HIS A CB  1 
ATOM   794  C CG  . HIS A 1 104 ? 3.840   -9.122  -8.074  1.00 29.23 ? 104 HIS A CG  1 
ATOM   795  N ND1 . HIS A 1 104 ? 3.885   -10.500 -7.905  1.00 33.72 ? 104 HIS A ND1 1 
ATOM   796  C CD2 . HIS A 1 104 ? 3.989   -8.907  -9.418  1.00 32.80 ? 104 HIS A CD2 1 
ATOM   797  C CE1 . HIS A 1 104 ? 4.028   -11.087 -9.091  1.00 32.11 ? 104 HIS A CE1 1 
ATOM   798  N NE2 . HIS A 1 104 ? 4.083   -10.154 -10.026 1.00 31.07 ? 104 HIS A NE2 1 
ATOM   799  N N   . VAL A 1 105 ? 0.585   -9.393  -7.341  1.00 16.42 ? 105 VAL A N   1 
ATOM   800  C CA  . VAL A 1 105 ? -0.102  -10.625 -7.206  1.00 16.78 ? 105 VAL A CA  1 
ATOM   801  C C   . VAL A 1 105 ? 0.400   -11.664 -8.274  1.00 17.45 ? 105 VAL A C   1 
ATOM   802  O O   . VAL A 1 105 ? 0.476   -11.325 -9.422  1.00 21.10 ? 105 VAL A O   1 
ATOM   803  C CB  . VAL A 1 105 ? -1.609  -10.387 -7.397  1.00 17.18 ? 105 VAL A CB  1 
ATOM   804  C CG1 . VAL A 1 105 ? -2.409  -11.632 -7.043  1.00 18.95 ? 105 VAL A CG1 1 
ATOM   805  C CG2 . VAL A 1 105 ? -2.091  -9.225  -6.525  1.00 19.73 ? 105 VAL A CG2 1 
ATOM   806  N N   . ASP A 1 106 ? 0.828   -12.802 -7.810  1.00 21.29 ? 106 ASP A N   1 
ATOM   807  C CA  . ASP A 1 106 ? 1.139   -13.978 -8.666  1.00 24.22 ? 106 ASP A CA  1 
ATOM   808  C C   . ASP A 1 106 ? 0.033   -14.975 -8.562  1.00 22.85 ? 106 ASP A C   1 
ATOM   809  O O   . ASP A 1 106 ? -0.318  -15.488 -7.506  1.00 21.09 ? 106 ASP A O   1 
ATOM   810  C CB  . ASP A 1 106 ? 2.443   -14.605 -8.194  1.00 29.33 ? 106 ASP A CB  1 
ATOM   811  C CG  . ASP A 1 106 ? 2.984   -15.651 -9.190  1.00 41.03 ? 106 ASP A CG  1 
ATOM   812  O OD1 . ASP A 1 106 ? 2.335   -15.899 -10.230 1.00 47.97 ? 106 ASP A OD1 1 
ATOM   813  O OD2 . ASP A 1 106 ? 4.038   -16.228 -8.913  1.00 54.73 ? 106 ASP A OD2 1 
ATOM   814  N N   . THR A 1 107 ? -0.607  -15.231 -9.716  1.00 30.64 ? 107 THR A N   1 
ATOM   815  C CA  . THR A 1 107 ? -1.795  -16.122 -9.761  1.00 34.86 ? 107 THR A CA  1 
ATOM   816  C C   . THR A 1 107 ? -1.510  -17.538 -10.346 1.00 41.95 ? 107 THR A C   1 
ATOM   817  O O   . THR A 1 107 ? -2.476  -18.309 -10.485 1.00 45.14 ? 107 THR A O   1 
ATOM   818  C CB  . THR A 1 107 ? -3.004  -15.480 -10.525 1.00 31.27 ? 107 THR A CB  1 
ATOM   819  O OG1 . THR A 1 107 ? -2.580  -14.946 -11.781 1.00 34.24 ? 107 THR A OG1 1 
ATOM   820  C CG2 . THR A 1 107 ? -3.602  -14.357 -9.680  1.00 31.41 ? 107 THR A CG2 1 
ATOM   821  N N   . LYS A 1 108 ? -0.245  -17.904 -10.596 1.00 45.06 ? 108 LYS A N   1 
ATOM   822  C CA  . LYS A 1 108 ? 0.101   -19.342 -10.842 1.00 55.12 ? 108 LYS A CA  1 
ATOM   823  C C   . LYS A 1 108 ? -0.303  -20.258 -9.636  1.00 56.50 ? 108 LYS A C   1 
ATOM   824  O O   . LYS A 1 108 ? -0.985  -21.298 -9.784  1.00 53.69 ? 108 LYS A O   1 
ATOM   825  C CB  . LYS A 1 108 ? 1.590   -19.506 -11.079 1.00 59.58 ? 108 LYS A CB  1 
ATOM   826  C CG  . LYS A 1 108 ? 2.213   -18.552 -12.092 1.00 70.44 ? 108 LYS A CG  1 
ATOM   827  C CD  . LYS A 1 108 ? 3.713   -18.331 -11.788 1.00 79.77 ? 108 LYS A CD  1 
ATOM   828  C CE  . LYS A 1 108 ? 4.467   -17.573 -12.895 1.00 82.33 ? 108 LYS A CE  1 
ATOM   829  N NZ  . LYS A 1 108 ? 3.613   -16.676 -13.735 1.00 81.42 ? 108 LYS A NZ  1 
ATOM   830  N N   . ASN A 1 112 ? -2.808  -18.286 -5.023  1.00 30.35 ? 112 ASN A N   1 
ATOM   831  C CA  . ASN A 1 112 ? -2.380  -16.900 -5.292  1.00 26.67 ? 112 ASN A CA  1 
ATOM   832  C C   . ASN A 1 112 ? -1.478  -16.302 -4.157  1.00 21.36 ? 112 ASN A C   1 
ATOM   833  O O   . ASN A 1 112 ? -1.766  -16.576 -3.005  1.00 26.05 ? 112 ASN A O   1 
ATOM   834  C CB  . ASN A 1 112 ? -3.578  -15.943 -5.459  1.00 29.06 ? 112 ASN A CB  1 
ATOM   835  C CG  . ASN A 1 112 ? -4.559  -16.390 -6.572  1.00 28.27 ? 112 ASN A CG  1 
ATOM   836  O OD1 . ASN A 1 112 ? -4.149  -16.811 -7.652  1.00 31.24 ? 112 ASN A OD1 1 
ATOM   837  N ND2 . ASN A 1 112 ? -5.818  -16.249 -6.283  1.00 28.19 ? 112 ASN A ND2 1 
ATOM   838  N N   . LEU A 1 113 ? -0.477  -15.571 -4.596  1.00 20.66 ? 113 LEU A N   1 
ATOM   839  C CA  . LEU A 1 113 ? 0.537   -14.971 -3.652  1.00 18.27 ? 113 LEU A CA  1 
ATOM   840  C C   . LEU A 1 113 ? 0.501   -13.464 -3.839  1.00 15.55 ? 113 LEU A C   1 
ATOM   841  O O   . LEU A 1 113 ? 0.639   -12.937 -4.955  1.00 19.25 ? 113 LEU A O   1 
ATOM   842  C CB  . LEU A 1 113 ? 1.872   -15.430 -4.083  1.00 23.32 ? 113 LEU A CB  1 
ATOM   843  C CG  . LEU A 1 113 ? 2.471   -16.739 -3.697  1.00 34.37 ? 113 LEU A CG  1 
ATOM   844  C CD1 . LEU A 1 113 ? 3.970   -16.674 -4.040  1.00 38.52 ? 113 LEU A CD1 1 
ATOM   845  C CD2 . LEU A 1 113 ? 2.312   -16.984 -2.202  1.00 36.23 ? 113 LEU A CD2 1 
ATOM   846  N N   . VAL A 1 114 ? 0.307   -12.824 -2.658  1.00 15.80 ? 114 VAL A N   1 
ATOM   847  C CA  . VAL A 1 114 ? 0.385   -11.348 -2.579  1.00 15.54 ? 114 VAL A CA  1 
ATOM   848  C C   . VAL A 1 114 ? 1.754   -10.959 -1.956  1.00 14.56 ? 114 VAL A C   1 
ATOM   849  O O   . VAL A 1 114 ? 2.078   -11.511 -0.900  1.00 16.84 ? 114 VAL A O   1 
ATOM   850  C CB  . VAL A 1 114 ? -0.728  -10.772 -1.772  1.00 13.84 ? 114 VAL A CB  1 
ATOM   851  C CG1 . VAL A 1 114 ? -0.443  -9.255  -1.532  1.00 14.30 ? 114 VAL A CG1 1 
ATOM   852  C CG2 . VAL A 1 114 ? -2.109  -11.011 -2.415  1.00 15.66 ? 114 VAL A CG2 1 
ATOM   853  N N   . THR A 1 115 ? 2.468   -10.173 -2.683  1.00 14.87 ? 115 THR A N   1 
ATOM   854  C CA  . THR A 1 115 ? 3.782   -9.642  -2.209  1.00 14.94 ? 115 THR A CA  1 
ATOM   855  C C   . THR A 1 115 ? 3.699   -8.146  -2.059  1.00 14.30 ? 115 THR A C   1 
ATOM   856  O O   . THR A 1 115 ? 3.491   -7.428  -3.027  1.00 14.93 ? 115 THR A O   1 
ATOM   857  C CB  . THR A 1 115 ? 4.874   -9.987  -3.172  1.00 17.99 ? 115 THR A CB  1 
ATOM   858  O OG1 . THR A 1 115 ? 4.909   -11.401 -3.381  1.00 21.60 ? 115 THR A OG1 1 
ATOM   859  C CG2 . THR A 1 115 ? 6.269   -9.579  -2.626  1.00 17.28 ? 115 THR A CG2 1 
ATOM   860  N N   . TRP A 1 116 ? 3.993   -7.653  -0.840  1.00 13.81 ? 116 TRP A N   1 
ATOM   861  C CA  . TRP A 1 116 ? 4.187   -6.220  -0.600  1.00 12.73 ? 116 TRP A CA  1 
ATOM   862  C C   . TRP A 1 116 ? 5.679   -5.872  -0.425  1.00 12.68 ? 116 TRP A C   1 
ATOM   863  O O   . TRP A 1 116 ? 6.311   -6.641  0.302   1.00 15.70 ? 116 TRP A O   1 
ATOM   864  C CB  . TRP A 1 116 ? 3.465   -5.816  0.634   1.00 14.99 ? 116 TRP A CB  1 
ATOM   865  C CG  . TRP A 1 116 ? 1.940   -5.622  0.491   1.00 13.12 ? 116 TRP A CG  1 
ATOM   866  C CD1 . TRP A 1 116 ? 1.019   -6.556  0.764   1.00 15.55 ? 116 TRP A CD1 1 
ATOM   867  C CD2 . TRP A 1 116 ? 1.287   -4.485  0.029   1.00 12.33 ? 116 TRP A CD2 1 
ATOM   868  N NE1 . TRP A 1 116 ? -0.240  -6.039  0.519   1.00 14.29 ? 116 TRP A NE1 1 
ATOM   869  C CE2 . TRP A 1 116 ? -0.099  -4.782  0.067   1.00 13.04 ? 116 TRP A CE2 1 
ATOM   870  C CE3 . TRP A 1 116 ? 1.681   -3.254  -0.414  1.00 13.32 ? 116 TRP A CE3 1 
ATOM   871  C CZ2 . TRP A 1 116 ? -1.070  -3.789  -0.286  1.00 12.80 ? 116 TRP A CZ2 1 
ATOM   872  C CZ3 . TRP A 1 116 ? 0.737   -2.288  -0.797  1.00 14.99 ? 116 TRP A CZ3 1 
ATOM   873  C CH2 . TRP A 1 116 ? -0.625  -2.611  -0.724  1.00 15.41 ? 116 TRP A CH2 1 
ATOM   874  N N   . SER A 1 117 ? 6.146   -4.842  -1.080  1.00 13.70 ? 117 SER A N   1 
ATOM   875  C CA  . SER A 1 117 ? 7.515   -4.420  -0.922  1.00 13.78 ? 117 SER A CA  1 
ATOM   876  C C   . SER A 1 117 ? 7.481   -2.993  -0.460  1.00 16.32 ? 117 SER A C   1 
ATOM   877  O O   . SER A 1 117 ? 6.651   -2.144  -0.906  1.00 17.13 ? 117 SER A O   1 
ATOM   878  C CB  . SER A 1 117 ? 8.256   -4.416  -2.249  1.00 16.39 ? 117 SER A CB  1 
ATOM   879  O OG  . SER A 1 117 ? 8.182   -5.746  -2.881  1.00 25.00 ? 117 SER A OG  1 
ATOM   880  N N   . ILE A 1 118 ? 8.417   -2.641  0.407   1.00 13.83 ? 118 ILE A N   1 
ATOM   881  C CA  . ILE A 1 118 ? 8.674   -1.269  0.924   1.00 14.25 ? 118 ILE A CA  1 
ATOM   882  C C   . ILE A 1 118 ? 10.080  -0.896  0.615   1.00 12.70 ? 118 ILE A C   1 
ATOM   883  O O   . ILE A 1 118 ? 10.990  -1.584  1.149   1.00 14.43 ? 118 ILE A O   1 
ATOM   884  C CB  . ILE A 1 118 ? 8.359   -1.110  2.385   1.00 12.77 ? 118 ILE A CB  1 
ATOM   885  C CG1 . ILE A 1 118 ? 7.115   -1.834  2.886   1.00 14.04 ? 118 ILE A CG1 1 
ATOM   886  C CG2 . ILE A 1 118 ? 8.385   0.396   2.739   1.00 14.05 ? 118 ILE A CG2 1 
ATOM   887  C CD1 . ILE A 1 118 ? 6.836   -1.756  4.342   1.00 15.46 ? 118 ILE A CD1 1 
ATOM   888  N N   . ASP A 1 119 ? 10.349  -0.002  -0.258  1.00 14.15 ? 119 ASP A N   1 
ATOM   889  C CA  . ASP A 1 119 ? 11.660  0.529   -0.530  1.00 15.11 ? 119 ASP A CA  1 
ATOM   890  C C   . ASP A 1 119 ? 11.795  1.891   0.065   1.00 15.26 ? 119 ASP A C   1 
ATOM   891  O O   . ASP A 1 119 ? 11.024  2.774   -0.250  1.00 16.01 ? 119 ASP A O   1 
ATOM   892  C CB  . ASP A 1 119 ? 11.944  0.591   -2.082  1.00 17.67 ? 119 ASP A CB  1 
ATOM   893  C CG  . ASP A 1 119 ? 12.165  -0.724  -2.647  1.00 25.89 ? 119 ASP A CG  1 
ATOM   894  O OD1 . ASP A 1 119 ? 11.137  -1.332  -3.165  1.00 33.61 ? 119 ASP A OD1 1 
ATOM   895  O OD2 . ASP A 1 119 ? 13.337  -1.197  -2.578  1.00 31.88 ? 119 ASP A OD2 1 
ATOM   896  N N   . TYR A 1 120 ? 12.911  2.121   0.787   1.00 15.50 ? 120 TYR A N   1 
ATOM   897  C CA  . TYR A 1 120 ? 12.979  3.344   1.558   1.00 17.06 ? 120 TYR A CA  1 
ATOM   898  C C   . TYR A 1 120 ? 14.430  3.817   1.769   1.00 17.01 ? 120 TYR A C   1 
ATOM   899  O O   . TYR A 1 120 ? 15.289  3.005   1.781   1.00 18.87 ? 120 TYR A O   1 
ATOM   900  C CB  . TYR A 1 120 ? 12.264  3.204   2.891   1.00 16.12 ? 120 TYR A CB  1 
ATOM   901  C CG  . TYR A 1 120 ? 12.783  2.111   3.671   1.00 15.92 ? 120 TYR A CG  1 
ATOM   902  C CD1 . TYR A 1 120 ? 13.889  2.218   4.573   1.00 17.64 ? 120 TYR A CD1 1 
ATOM   903  C CD2 . TYR A 1 120 ? 12.274  0.803   3.538   1.00 17.28 ? 120 TYR A CD2 1 
ATOM   904  C CE1 . TYR A 1 120 ? 14.353  1.116   5.268   1.00 18.02 ? 120 TYR A CE1 1 
ATOM   905  C CE2 . TYR A 1 120 ? 12.751  -0.252  4.229   1.00 18.04 ? 120 TYR A CE2 1 
ATOM   906  C CZ  . TYR A 1 120 ? 13.808  -0.151  5.141   1.00 18.43 ? 120 TYR A CZ  1 
ATOM   907  O OH  . TYR A 1 120 ? 14.271  -1.227  5.788   1.00 19.70 ? 120 TYR A OH  1 
ATOM   908  N N   . GLU A 1 121 ? 14.506  5.136   1.971   1.00 18.50 ? 121 GLU A N   1 
ATOM   909  C CA  . GLU A 1 121 ? 15.742  5.789   2.445   1.00 20.69 ? 121 GLU A CA  1 
ATOM   910  C C   . GLU A 1 121 ? 15.399  6.550   3.653   1.00 15.58 ? 121 GLU A C   1 
ATOM   911  O O   . GLU A 1 121 ? 14.614  7.477   3.635   1.00 16.87 ? 121 GLU A O   1 
ATOM   912  C CB  . GLU A 1 121 ? 16.321  6.673   1.408   1.00 19.92 ? 121 GLU A CB  1 
ATOM   913  C CG  . GLU A 1 121 ? 17.704  7.179   1.873   1.00 24.72 ? 121 GLU A CG  1 
ATOM   914  C CD  . GLU A 1 121 ? 18.451  8.084   0.893   1.00 31.75 ? 121 GLU A CD  1 
ATOM   915  O OE1 . GLU A 1 121 ? 18.250  8.058   -0.320  1.00 35.19 ? 121 GLU A OE1 1 
ATOM   916  O OE2 . GLU A 1 121 ? 19.313  8.832   1.407   1.00 37.54 ? 121 GLU A OE2 1 
ATOM   917  N N   . LYS A 1 122 ? 16.114  6.269   4.732   1.00 16.61 ? 122 LYS A N   1 
ATOM   918  C CA  . LYS A 1 122 ? 15.895  6.915   6.106   1.00 16.52 ? 122 LYS A CA  1 
ATOM   919  C C   . LYS A 1 122 ? 16.519  8.290   6.056   1.00 19.21 ? 122 LYS A C   1 
ATOM   920  O O   . LYS A 1 122 ? 17.463  8.534   5.300   1.00 20.38 ? 122 LYS A O   1 
ATOM   921  C CB  . LYS A 1 122 ? 16.669  6.137   7.117   1.00 18.50 ? 122 LYS A CB  1 
ATOM   922  C CG  . LYS A 1 122 ? 16.296  4.708   7.255   1.00 18.70 ? 122 LYS A CG  1 
ATOM   923  C CD  . LYS A 1 122 ? 17.178  3.981   8.283   1.00 21.46 ? 122 LYS A CD  1 
ATOM   924  C CE  . LYS A 1 122 ? 16.635  2.592   8.591   1.00 24.71 ? 122 LYS A CE  1 
ATOM   925  N NZ  . LYS A 1 122 ? 17.535  2.008   9.624   1.00 24.30 ? 122 LYS A NZ  1 
ATOM   926  N N   . LEU A 1 123 ? 15.961  9.202   6.820   1.00 18.20 ? 123 LEU A N   1 
ATOM   927  C CA  . LEU A 1 123 ? 16.587  10.544  7.013   1.00 18.63 ? 123 LEU A CA  1 
ATOM   928  C C   . LEU A 1 123 ? 17.915  10.444  7.693   1.00 20.90 ? 123 LEU A C   1 
ATOM   929  O O   . LEU A 1 123 ? 18.724  11.317  7.405   1.00 26.14 ? 123 LEU A O   1 
ATOM   930  C CB  . LEU A 1 123 ? 15.636  11.457  7.700   1.00 19.98 ? 123 LEU A CB  1 
ATOM   931  C CG  . LEU A 1 123 ? 14.358  11.890  6.972   1.00 19.10 ? 123 LEU A CG  1 
ATOM   932  C CD1 . LEU A 1 123 ? 13.378  12.574  7.895   1.00 20.16 ? 123 LEU A CD1 1 
ATOM   933  C CD2 . LEU A 1 123 ? 14.715  12.725  5.773   1.00 21.28 ? 123 LEU A CD2 1 
ATOM   934  N N   . ASN A 1 124 ? 18.075  9.515   8.539   1.00 19.94 ? 124 ASN A N   1 
ATOM   935  C CA  . ASN A 1 124 ? 19.407  9.284   9.212   1.00 22.02 ? 124 ASN A CA  1 
ATOM   936  C C   . ASN A 1 124 ? 19.436  7.919   9.863   1.00 26.59 ? 124 ASN A C   1 
ATOM   937  O O   . ASN A 1 124 ? 18.434  7.138   9.950   1.00 20.85 ? 124 ASN A O   1 
ATOM   938  C CB  . ASN A 1 124 ? 19.564  10.431  10.237  1.00 23.32 ? 124 ASN A CB  1 
ATOM   939  C CG  . ASN A 1 124 ? 18.612  10.331  11.298  1.00 19.79 ? 124 ASN A CG  1 
ATOM   940  O OD1 . ASN A 1 124 ? 18.526  9.404   12.072  1.00 24.69 ? 124 ASN A OD1 1 
ATOM   941  N ND2 . ASN A 1 124 ? 17.679  11.335  11.302  1.00 24.79 ? 124 ASN A ND2 1 
ATOM   942  N N   . GLU A 1 125 ? 20.590  7.526   10.412  1.00 25.74 ? 125 GLU A N   1 
ATOM   943  C CA  . GLU A 1 125 ? 20.745  6.153   10.791  1.00 24.38 ? 125 GLU A CA  1 
ATOM   944  C C   . GLU A 1 125 ? 19.977  5.729   11.999  1.00 23.19 ? 125 GLU A C   1 
ATOM   945  O O   . GLU A 1 125 ? 19.856  4.558   12.276  1.00 27.05 ? 125 GLU A O   1 
ATOM   946  C CB  . GLU A 1 125 ? 22.275  5.811   10.882  1.00 34.84 ? 125 GLU A CB  1 
ATOM   947  C CG  . GLU A 1 125 ? 22.961  6.221   12.183  1.00 44.23 ? 125 GLU A CG  1 
ATOM   948  C CD  . GLU A 1 125 ? 24.151  5.277   12.559  1.00 53.56 ? 125 GLU A CD  1 
ATOM   949  O OE1 . GLU A 1 125 ? 24.213  4.829   13.728  1.00 56.71 ? 125 GLU A OE1 1 
ATOM   950  O OE2 . GLU A 1 125 ? 25.005  4.951   11.690  1.00 45.19 ? 125 GLU A OE2 1 
ATOM   951  N N   . SER A 1 126 ? 19.454  6.651   12.825  1.00 21.34 ? 126 SER A N   1 
ATOM   952  C CA  . SER A 1 126 ? 18.753  6.263   14.002  1.00 21.04 ? 126 SER A CA  1 
ATOM   953  C C   . SER A 1 126 ? 17.274  5.895   13.745  1.00 16.89 ? 126 SER A C   1 
ATOM   954  O O   . SER A 1 126 ? 16.501  5.527   14.646  1.00 21.39 ? 126 SER A O   1 
ATOM   955  C CB  . SER A 1 126 ? 18.779  7.380   15.036  1.00 26.75 ? 126 SER A CB  1 
ATOM   956  O OG  . SER A 1 126 ? 20.197  7.739   15.109  1.00 38.33 ? 126 SER A OG  1 
ATOM   957  N N   . VAL A 1 127 ? 16.860  6.162   12.463  1.00 21.20 ? 127 VAL A N   1 
ATOM   958  C CA  . VAL A 1 127 ? 15.476  5.863   12.041  1.00 21.45 ? 127 VAL A CA  1 
ATOM   959  C C   . VAL A 1 127 ? 15.303  4.334   12.045  1.00 17.30 ? 127 VAL A C   1 
ATOM   960  O O   . VAL A 1 127 ? 16.173  3.688   11.488  1.00 21.77 ? 127 VAL A O   1 
ATOM   961  C CB  . VAL A 1 127 ? 15.216  6.519   10.715  1.00 15.93 ? 127 VAL A CB  1 
ATOM   962  C CG1 . VAL A 1 127 ? 13.835  6.047   10.121  1.00 16.70 ? 127 VAL A CG1 1 
ATOM   963  C CG2 . VAL A 1 127 ? 15.176  8.041   10.856  1.00 17.63 ? 127 VAL A CG2 1 
ATOM   964  N N   . LYS A 1 128 ? 14.229  3.880   12.551  1.00 18.84 ? 128 LYS A N   1 
ATOM   965  C CA  . LYS A 1 128 ? 13.973  2.448   12.594  1.00 21.06 ? 128 LYS A CA  1 
ATOM   966  C C   . LYS A 1 128 ? 13.487  2.010   11.140  1.00 21.91 ? 128 LYS A C   1 
ATOM   967  O O   . LYS A 1 128 ? 12.696  2.676   10.452  1.00 18.91 ? 128 LYS A O   1 
ATOM   968  C CB  . LYS A 1 128 ? 12.937  2.144   13.601  1.00 27.00 ? 128 LYS A CB  1 
ATOM   969  C CG  . LYS A 1 128 ? 12.834  0.667   13.932  1.00 36.77 ? 128 LYS A CG  1 
ATOM   970  C CD  . LYS A 1 128 ? 11.683  0.356   14.906  1.00 35.85 ? 128 LYS A CD  1 
ATOM   971  C CE  . LYS A 1 128 ? 11.445  -1.127  15.034  1.00 43.22 ? 128 LYS A CE  1 
ATOM   972  N NZ  . LYS A 1 128 ? 11.073  -1.653  13.689  1.00 50.05 ? 128 LYS A NZ  1 
ATOM   973  N N   . ASP A 1 129 ? 13.956  0.861   10.687  1.00 18.81 ? 129 ASP A N   1 
ATOM   974  C CA  . ASP A 1 129 ? 13.325  0.194   9.533   1.00 17.06 ? 129 ASP A CA  1 
ATOM   975  C C   . ASP A 1 129 ? 11.873  -0.039  9.829   1.00 15.27 ? 129 ASP A C   1 
ATOM   976  O O   . ASP A 1 129 ? 11.474  -0.417  10.877  1.00 16.94 ? 129 ASP A O   1 
ATOM   977  C CB  . ASP A 1 129 ? 14.118  -1.116  9.165   1.00 15.78 ? 129 ASP A CB  1 
ATOM   978  C CG  . ASP A 1 129 ? 15.539  -0.851  8.744   1.00 14.29 ? 129 ASP A CG  1 
ATOM   979  O OD1 . ASP A 1 129 ? 16.421  -0.748  9.678   1.00 22.33 ? 129 ASP A OD1 1 
ATOM   980  O OD2 . ASP A 1 129 ? 15.931  -0.627  7.617   1.00 19.37 ? 129 ASP A OD2 1 
ATOM   981  N N   . PRO A 1 130 ? 11.010  0.263   8.778   1.00 14.40 ? 130 PRO A N   1 
ATOM   982  C CA  . PRO A 1 130 ? 9.555   0.336   9.074   1.00 14.71 ? 130 PRO A CA  1 
ATOM   983  C C   . PRO A 1 130 ? 8.859   -1.005  9.001   1.00 14.38 ? 130 PRO A C   1 
ATOM   984  O O   . PRO A 1 130 ? 7.876   -1.231  8.293   1.00 14.86 ? 130 PRO A O   1 
ATOM   985  C CB  . PRO A 1 130 ? 9.106   1.308   7.969   1.00 14.70 ? 130 PRO A CB  1 
ATOM   986  C CG  . PRO A 1 130 ? 9.965   1.059   6.827   1.00 14.48 ? 130 PRO A CG  1 
ATOM   987  C CD  . PRO A 1 130 ? 11.350  0.838   7.477   1.00 14.12 ? 130 PRO A CD  1 
ATOM   988  N N   . THR A 1 131 ? 9.300   -1.951  9.779   1.00 13.19 ? 131 THR A N   1 
ATOM   989  C CA  . THR A 1 131 ? 8.704   -3.270  9.921   1.00 13.02 ? 131 THR A CA  1 
ATOM   990  C C   . THR A 1 131 ? 7.244   -3.299  10.319  1.00 14.00 ? 131 THR A C   1 
ATOM   991  O O   . THR A 1 131 ? 6.419   -4.166  9.995   1.00 14.81 ? 131 THR A O   1 
ATOM   992  C CB  . THR A 1 131 ? 9.575   -4.248  10.748  1.00 16.16 ? 131 THR A CB  1 
ATOM   993  O OG1 . THR A 1 131 ? 9.699   -3.659  11.989  1.00 19.00 ? 131 THR A OG1 1 
ATOM   994  C CG2 . THR A 1 131 ? 10.983  -4.425  10.194  1.00 19.87 ? 131 THR A CG2 1 
ATOM   995  N N   . SER A 1 132 ? 6.825   -2.313  11.136  1.00 14.60 ? 132 SER A N   1 
ATOM   996  C CA  . SER A 1 132 ? 5.446   -2.156  11.565  1.00 15.79 ? 132 SER A CA  1 
ATOM   997  C C   . SER A 1 132 ? 4.549   -1.993  10.338  1.00 15.53 ? 132 SER A C   1 
ATOM   998  O O   . SER A 1 132 ? 3.380   -2.413  10.392  1.00 16.88 ? 132 SER A O   1 
ATOM   999  C CB  . SER A 1 132 ? 5.262   -0.901  12.454  1.00 16.71 ? 132 SER A CB  1 
ATOM   1000 O OG  . SER A 1 132 ? 5.651   0.252   11.784  1.00 21.74 ? 132 SER A OG  1 
ATOM   1001 N N   . TYR A 1 133 ? 5.067   -1.511  9.243   1.00 13.50 ? 133 TYR A N   1 
ATOM   1002 C CA  . TYR A 1 133 ? 4.181   -1.371  8.063   1.00 12.62 ? 133 TYR A CA  1 
ATOM   1003 C C   . TYR A 1 133 ? 4.021   -2.704  7.437   1.00 14.90 ? 133 TYR A C   1 
ATOM   1004 O O   . TYR A 1 133 ? 3.012   -2.900  6.718   1.00 13.18 ? 133 TYR A O   1 
ATOM   1005 C CB  . TYR A 1 133 ? 4.730   -0.357  7.055   1.00 12.40 ? 133 TYR A CB  1 
ATOM   1006 C CG  . TYR A 1 133 ? 4.412   1.045   7.488   1.00 14.45 ? 133 TYR A CG  1 
ATOM   1007 C CD1 . TYR A 1 133 ? 3.345   1.772   6.916   1.00 15.06 ? 133 TYR A CD1 1 
ATOM   1008 C CD2 . TYR A 1 133 ? 5.061   1.716   8.500   1.00 16.38 ? 133 TYR A CD2 1 
ATOM   1009 C CE1 . TYR A 1 133 ? 2.968   3.004   7.279   1.00 14.25 ? 133 TYR A CE1 1 
ATOM   1010 C CE2 . TYR A 1 133 ? 4.642   2.945   8.964   1.00 15.19 ? 133 TYR A CE2 1 
ATOM   1011 C CZ  . TYR A 1 133 ? 3.621   3.617   8.333   1.00 15.73 ? 133 TYR A CZ  1 
ATOM   1012 O OH  . TYR A 1 133 ? 3.238   4.872   8.743   1.00 17.22 ? 133 TYR A OH  1 
ATOM   1013 N N   . LEU A 1 134 ? 4.879   -3.669  7.558   1.00 12.88 ? 134 LEU A N   1 
ATOM   1014 C CA  . LEU A 1 134 ? 4.555   -5.014  7.094   1.00 12.15 ? 134 LEU A CA  1 
ATOM   1015 C C   . LEU A 1 134 ? 3.421   -5.554  7.875   1.00 13.13 ? 134 LEU A C   1 
ATOM   1016 O O   . LEU A 1 134 ? 2.506   -6.201  7.282   1.00 13.71 ? 134 LEU A O   1 
ATOM   1017 C CB  . LEU A 1 134 ? 5.814   -5.934  7.224   1.00 13.11 ? 134 LEU A CB  1 
ATOM   1018 C CG  . LEU A 1 134 ? 6.960   -5.587  6.338   1.00 13.77 ? 134 LEU A CG  1 
ATOM   1019 C CD1 . LEU A 1 134 ? 8.080   -6.626  6.653   1.00 14.40 ? 134 LEU A CD1 1 
ATOM   1020 C CD2 . LEU A 1 134 ? 6.736   -5.475  4.864   1.00 14.43 ? 134 LEU A CD2 1 
ATOM   1021 N N   . ASP A 1 135 ? 3.308   -5.441  9.177   1.00 12.91 ? 135 ASP A N   1 
ATOM   1022 C CA  . ASP A 1 135 ? 2.163   -5.950  9.948   1.00 13.32 ? 135 ASP A CA  1 
ATOM   1023 C C   . ASP A 1 135 ? 0.892   -5.245  9.424   1.00 12.90 ? 135 ASP A C   1 
ATOM   1024 O O   . ASP A 1 135 ? -0.138  -5.879  9.336   1.00 13.83 ? 135 ASP A O   1 
ATOM   1025 C CB  . ASP A 1 135 ? 2.350   -5.677  11.444  1.00 14.59 ? 135 ASP A CB  1 
ATOM   1026 C CG  . ASP A 1 135 ? 3.577   -6.459  12.027  1.00 18.85 ? 135 ASP A CG  1 
ATOM   1027 O OD1 . ASP A 1 135 ? 3.743   -7.547  11.614  1.00 23.88 ? 135 ASP A OD1 1 
ATOM   1028 O OD2 . ASP A 1 135 ? 4.014   -5.900  13.042  1.00 31.61 ? 135 ASP A OD2 1 
ATOM   1029 N N   . PHE A 1 136 ? 0.991   -3.983  9.171   1.00 12.14 ? 136 PHE A N   1 
ATOM   1030 C CA  . PHE A 1 136 ? -0.165  -3.176  8.673   1.00 13.50 ? 136 PHE A CA  1 
ATOM   1031 C C   . PHE A 1 136 ? -0.551  -3.769  7.341   1.00 12.98 ? 136 PHE A C   1 
ATOM   1032 O O   . PHE A 1 136 ? -1.766  -4.009  7.126   1.00 11.66 ? 136 PHE A O   1 
ATOM   1033 C CB  . PHE A 1 136 ? 0.280   -1.749  8.544   1.00 12.84 ? 136 PHE A CB  1 
ATOM   1034 C CG  . PHE A 1 136 ? -0.708  -0.810  7.827   1.00 13.16 ? 136 PHE A CG  1 
ATOM   1035 C CD1 . PHE A 1 136 ? -1.744  -0.286  8.525   1.00 13.86 ? 136 PHE A CD1 1 
ATOM   1036 C CD2 . PHE A 1 136 ? -0.495  -0.474  6.552   1.00 14.60 ? 136 PHE A CD2 1 
ATOM   1037 C CE1 . PHE A 1 136 ? -2.606  0.635   7.821   1.00 14.69 ? 136 PHE A CE1 1 
ATOM   1038 C CE2 . PHE A 1 136 ? -1.357  0.382   5.856   1.00 15.72 ? 136 PHE A CE2 1 
ATOM   1039 C CZ  . PHE A 1 136 ? -2.376  0.924   6.551   1.00 14.94 ? 136 PHE A CZ  1 
ATOM   1040 N N   . LEU A 1 137 ? 0.328   -3.945  6.422   1.00 11.44 ? 137 LEU A N   1 
ATOM   1041 C CA  . LEU A 1 137 ? -0.003  -4.444  5.026   1.00 11.43 ? 137 LEU A CA  1 
ATOM   1042 C C   . LEU A 1 137 ? -0.519  -5.878  5.103   1.00 13.68 ? 137 LEU A C   1 
ATOM   1043 O O   . LEU A 1 137 ? -1.506  -6.191  4.373   1.00 13.39 ? 137 LEU A O   1 
ATOM   1044 C CB  . LEU A 1 137 ? 1.132   -4.282  4.071   1.00 13.77 ? 137 LEU A CB  1 
ATOM   1045 C CG  . LEU A 1 137 ? 1.571   -2.817  3.863   1.00 12.53 ? 137 LEU A CG  1 
ATOM   1046 C CD1 . LEU A 1 137 ? 2.889   -2.757  3.099   1.00 13.22 ? 137 LEU A CD1 1 
ATOM   1047 C CD2 . LEU A 1 137 ? 0.466   -2.062  3.096   1.00 12.77 ? 137 LEU A CD2 1 
ATOM   1048 N N   . LEU A 1 138 ? -0.057  -6.727  5.995   1.00 12.78 ? 138 LEU A N   1 
ATOM   1049 C CA  . LEU A 1 138 ? -0.574  -8.085  6.127   1.00 12.61 ? 138 LEU A CA  1 
ATOM   1050 C C   . LEU A 1 138 ? -2.012  -7.949  6.667   1.00 12.52 ? 138 LEU A C   1 
ATOM   1051 O O   . LEU A 1 138 ? -2.838  -8.731  6.174   1.00 14.57 ? 138 LEU A O   1 
ATOM   1052 C CB  . LEU A 1 138 ? 0.304   -8.939  7.038   1.00 14.83 ? 138 LEU A CB  1 
ATOM   1053 C CG  . LEU A 1 138 ? 1.548   -9.334  6.361   1.00 15.10 ? 138 LEU A CG  1 
ATOM   1054 C CD1 . LEU A 1 138 ? 2.437   -9.795  7.486   1.00 18.71 ? 138 LEU A CD1 1 
ATOM   1055 C CD2 . LEU A 1 138 ? 1.323   -10.467 5.423   1.00 14.33 ? 138 LEU A CD2 1 
ATOM   1056 N N   . SER A 1 139 ? -2.330  -7.100  7.613   1.00 12.25 ? 139 SER A N   1 
ATOM   1057 C CA  . SER A 1 139 ? -3.658  -6.959  8.116   1.00 12.30 ? 139 SER A CA  1 
ATOM   1058 C C   . SER A 1 139 ? -4.617  -6.469  7.015   1.00 14.45 ? 139 SER A C   1 
ATOM   1059 O O   . SER A 1 139 ? -5.687  -6.984  6.920   1.00 14.82 ? 139 SER A O   1 
ATOM   1060 C CB  . SER A 1 139 ? -3.663  -6.027  9.304   1.00 14.15 ? 139 SER A CB  1 
ATOM   1061 O OG  . SER A 1 139 ? -4.992  -5.857  9.820   1.00 15.73 ? 139 SER A OG  1 
ATOM   1062 N N   . VAL A 1 140 ? -4.198  -5.490  6.266   1.00 12.45 ? 140 VAL A N   1 
ATOM   1063 C CA  . VAL A 1 140 ? -5.032  -4.978  5.137   1.00 12.49 ? 140 VAL A CA  1 
ATOM   1064 C C   . VAL A 1 140 ? -5.265  -6.138  4.162   1.00 13.53 ? 140 VAL A C   1 
ATOM   1065 O O   . VAL A 1 140 ? -6.455  -6.363  3.731   1.00 14.28 ? 140 VAL A O   1 
ATOM   1066 C CB  . VAL A 1 140 ? -4.274  -3.853  4.470   1.00 12.39 ? 140 VAL A CB  1 
ATOM   1067 C CG1 . VAL A 1 140 ? -4.763  -3.585  3.001   1.00 11.69 ? 140 VAL A CG1 1 
ATOM   1068 C CG2 . VAL A 1 140 ? -4.308  -2.607  5.359   1.00 12.93 ? 140 VAL A CG2 1 
ATOM   1069 N N   . THR A 1 141 ? -4.282  -6.942  3.826   1.00 12.74 ? 141 THR A N   1 
ATOM   1070 C CA  . THR A 1 141 ? -4.405  -8.089  2.888   1.00 12.32 ? 141 THR A CA  1 
ATOM   1071 C C   . THR A 1 141 ? -5.318  -9.124  3.491   1.00 14.97 ? 141 THR A C   1 
ATOM   1072 O O   . THR A 1 141 ? -6.212  -9.556  2.717   1.00 14.47 ? 141 THR A O   1 
ATOM   1073 C CB  . THR A 1 141 ? -2.989  -8.648  2.673   1.00 12.33 ? 141 THR A CB  1 
ATOM   1074 O OG1 . THR A 1 141 ? -2.178  -7.649  2.076   1.00 13.44 ? 141 THR A OG1 1 
ATOM   1075 C CG2 . THR A 1 141 ? -3.037  -9.851  1.727   1.00 13.84 ? 141 THR A CG2 1 
ATOM   1076 N N   . ARG A 1 142 ? -5.287  -9.477  4.734   1.00 15.66 ? 142 ARG A N   1 
ATOM   1077 C CA  . ARG A 1 142 ? -6.138  -10.452 5.298   0.50 11.14 ? 142 ARG A CA  1 
ATOM   1078 C C   . ARG A 1 142 ? -7.559  -9.923  5.311   1.00 15.06 ? 142 ARG A C   1 
ATOM   1079 O O   . ARG A 1 142 ? -8.508  -10.683 4.993   1.00 15.80 ? 142 ARG A O   1 
ATOM   1080 C CB  . ARG A 1 142 ? -5.803  -10.807 6.754   0.50 12.39 ? 142 ARG A CB  1 
ATOM   1081 C CG  . ARG A 1 142 ? -4.529  -11.480 7.042   0.50 13.70 ? 142 ARG A CG  1 
ATOM   1082 C CD  . ARG A 1 142 ? -4.686  -12.939 6.844   0.50 17.57 ? 142 ARG A CD  1 
ATOM   1083 N NE  . ARG A 1 142 ? -4.604  -13.342 5.480   0.50 19.02 ? 142 ARG A NE  1 
ATOM   1084 C CZ  . ARG A 1 142 ? -3.472  -13.481 4.808   0.50 19.73 ? 142 ARG A CZ  1 
ATOM   1085 N NH1 . ARG A 1 142 ? -2.324  -13.454 5.465   0.50 15.54 ? 142 ARG A NH1 1 
ATOM   1086 N NH2 . ARG A 1 142 ? -3.506  -13.796 3.534   0.50 21.96 ? 142 ARG A NH2 1 
ATOM   1087 N N   . ASP A 1 143 ? -7.818  -8.661  5.642   1.00 14.39 ? 143 ASP A N   1 
ATOM   1088 C CA  . ASP A 1 143 ? -9.240  -8.102  5.587   1.00 13.15 ? 143 ASP A CA  1 
ATOM   1089 C C   . ASP A 1 143 ? -9.740  -8.151  4.173   1.00 16.07 ? 143 ASP A C   1 
ATOM   1090 O O   . ASP A 1 143 ? -10.966 -8.432  3.974   1.00 15.64 ? 143 ASP A O   1 
ATOM   1091 C CB  . ASP A 1 143 ? -9.213  -6.659  6.127   1.00 14.25 ? 143 ASP A CB  1 
ATOM   1092 C CG  . ASP A 1 143 ? -8.964  -6.594  7.571   1.00 17.95 ? 143 ASP A CG  1 
ATOM   1093 O OD1 . ASP A 1 143 ? -8.788  -5.434  8.079   1.00 20.38 ? 143 ASP A OD1 1 
ATOM   1094 O OD2 . ASP A 1 143 ? -9.076  -7.701  8.262   1.00 21.81 ? 143 ASP A OD2 1 
ATOM   1095 N N   . ILE A 1 144 ? -8.941  -7.839  3.205   1.00 13.62 ? 144 ILE A N   1 
ATOM   1096 C CA  . ILE A 1 144 ? -9.405  -7.884  1.747   1.00 12.67 ? 144 ILE A CA  1 
ATOM   1097 C C   . ILE A 1 144 ? -9.717  -9.304  1.322   1.00 15.87 ? 144 ILE A C   1 
ATOM   1098 O O   . ILE A 1 144 ? -10.819 -9.539  0.816   1.00 15.76 ? 144 ILE A O   1 
ATOM   1099 C CB  . ILE A 1 144 ? -8.431  -7.201  0.813   1.00 14.98 ? 144 ILE A CB  1 
ATOM   1100 C CG1 . ILE A 1 144 ? -8.279  -5.681  1.083   1.00 12.61 ? 144 ILE A CG1 1 
ATOM   1101 C CG2 . ILE A 1 144 ? -8.779  -7.402  -0.677  1.00 14.56 ? 144 ILE A CG2 1 
ATOM   1102 C CD1 . ILE A 1 144 ? -7.065  -5.111  0.514   1.00 15.74 ? 144 ILE A CD1 1 
ATOM   1103 N N   . GLU A 1 145 ? -8.879  -10.246 1.621   1.00 15.76 ? 145 GLU A N   1 
ATOM   1104 C CA  . GLU A 1 145 ? -9.149  -11.647 1.355   1.00 16.61 ? 145 GLU A CA  1 
ATOM   1105 C C   . GLU A 1 145 ? -10.449 -12.037 1.999   1.00 18.65 ? 145 GLU A C   1 
ATOM   1106 O O   . GLU A 1 145 ? -11.323 -12.707 1.265   1.00 18.92 ? 145 GLU A O   1 
ATOM   1107 C CB  . GLU A 1 145 ? -7.938  -12.506 1.892   1.00 16.55 ? 145 GLU A CB  1 
ATOM   1108 C CG  . GLU A 1 145 ? -8.174  -14.004 1.732   1.00 19.35 ? 145 GLU A CG  1 
ATOM   1109 C CD  . GLU A 1 145 ? -7.055  -14.838 2.365   1.00 22.75 ? 145 GLU A CD  1 
ATOM   1110 O OE1 . GLU A 1 145 ? -6.438  -14.354 3.342   1.00 26.70 ? 145 GLU A OE1 1 
ATOM   1111 O OE2 . GLU A 1 145 ? -6.835  -16.004 1.875   1.00 22.44 ? 145 GLU A OE2 1 
ATOM   1112 N N   . ALA A 1 146 ? -10.740 -11.769 3.221   1.00 16.76 ? 146 ALA A N   1 
ATOM   1113 C CA  . ALA A 1 146 ? -11.926 -12.213 3.951   1.00 17.37 ? 146 ALA A CA  1 
ATOM   1114 C C   . ALA A 1 146 ? -13.099 -11.580 3.248   1.00 20.61 ? 146 ALA A C   1 
ATOM   1115 O O   . ALA A 1 146 ? -14.147 -12.244 3.078   1.00 21.91 ? 146 ALA A O   1 
ATOM   1116 C CB  . ALA A 1 146 ? -11.889 -11.886 5.414   1.00 21.13 ? 146 ALA A CB  1 
ATOM   1117 N N   . HIS A 1 147 ? -12.960 -10.360 2.797   1.00 17.61 ? 147 HIS A N   1 
ATOM   1118 C CA  . HIS A 1 147 ? -14.134 -9.624  2.188   1.00 17.70 ? 147 HIS A CA  1 
ATOM   1119 C C   . HIS A 1 147 ? -14.456 -10.245 0.884   1.00 19.49 ? 147 HIS A C   1 
ATOM   1120 O O   . HIS A 1 147 ? -15.671 -10.356 0.534   1.00 19.99 ? 147 HIS A O   1 
ATOM   1121 C CB  . HIS A 1 147 ? -13.704 -8.175  2.024   1.00 15.66 ? 147 HIS A CB  1 
ATOM   1122 C CG  . HIS A 1 147 ? -14.814 -7.309  1.523   1.00 17.78 ? 147 HIS A CG  1 
ATOM   1123 N ND1 . HIS A 1 147 ? -15.676 -6.709  2.375   1.00 23.25 ? 147 HIS A ND1 1 
ATOM   1124 C CD2 . HIS A 1 147 ? -15.227 -7.057  0.255   1.00 25.42 ? 147 HIS A CD2 1 
ATOM   1125 C CE1 . HIS A 1 147 ? -16.575 -6.039  1.646   1.00 24.12 ? 147 HIS A CE1 1 
ATOM   1126 N NE2 . HIS A 1 147 ? -16.327 -6.257  0.371   1.00 24.28 ? 147 HIS A NE2 1 
ATOM   1127 N N   . HIS A 1 148 ? -13.504 -10.599 0.109   1.00 17.60 ? 148 HIS A N   1 
ATOM   1128 C CA  . HIS A 1 148 ? -13.633 -11.151 -1.266  1.00 17.77 ? 148 HIS A CA  1 
ATOM   1129 C C   . HIS A 1 148 ? -13.982 -12.656 -1.329  1.00 20.67 ? 148 HIS A C   1 
ATOM   1130 O O   . HIS A 1 148 ? -14.255 -13.150 -2.419  1.00 27.02 ? 148 HIS A O   1 
ATOM   1131 C CB  . HIS A 1 148 ? -12.437 -10.894 -2.113  1.00 17.50 ? 148 HIS A CB  1 
ATOM   1132 C CG  . HIS A 1 148 ? -12.215 -9.475  -2.478  1.00 16.96 ? 148 HIS A CG  1 
ATOM   1133 N ND1 . HIS A 1 148 ? -11.022 -9.051  -3.010  1.00 16.14 ? 148 HIS A ND1 1 
ATOM   1134 C CD2 . HIS A 1 148 ? -13.083 -8.449  -2.607  1.00 17.46 ? 148 HIS A CD2 1 
ATOM   1135 C CE1 . HIS A 1 148 ? -11.120 -7.766  -3.350  1.00 15.46 ? 148 HIS A CE1 1 
ATOM   1136 N NE2 . HIS A 1 148 ? -12.359 -7.380  -3.093  1.00 17.18 ? 148 HIS A NE2 1 
ATOM   1137 N N   . LEU A 1 149 ? -13.838 -13.356 -0.247  1.00 22.85 ? 149 LEU A N   1 
ATOM   1138 C CA  . LEU A 1 149 ? -14.177 -14.769 -0.148  1.00 27.51 ? 149 LEU A CA  1 
ATOM   1139 C C   . LEU A 1 149 ? -15.715 -14.871 0.037   1.00 34.33 ? 149 LEU A C   1 
ATOM   1140 O O   . LEU A 1 149 ? -16.285 -14.259 0.996   1.00 31.18 ? 149 LEU A O   1 
ATOM   1141 C CB  . LEU A 1 149 ? -13.481 -15.449 1.035   1.00 29.98 ? 149 LEU A CB  1 
ATOM   1142 C CG  . LEU A 1 149 ? -12.106 -16.028 0.729   1.00 37.64 ? 149 LEU A CG  1 
ATOM   1143 C CD1 . LEU A 1 149 ? -11.580 -16.591 2.027   1.00 39.37 ? 149 LEU A CD1 1 
ATOM   1144 C CD2 . LEU A 1 149 ? -12.162 -17.096 -0.338  1.00 38.72 ? 149 LEU A CD2 1 
ATOM   1145 N N   . PRO A 1 150 ? -16.370 -15.626 -0.879  1.00 51.58 ? 150 PRO A N   1 
ATOM   1146 C CA  . PRO A 1 150 ? -17.837 -15.685 -1.097  1.00 59.42 ? 150 PRO A CA  1 
ATOM   1147 C C   . PRO A 1 150 ? -18.524 -16.619 -0.114  1.00 55.98 ? 150 PRO A C   1 
ATOM   1148 O O   . PRO A 1 150 ? -17.805 -17.325 0.580   1.00 55.82 ? 150 PRO A O   1 
ATOM   1149 C CB  . PRO A 1 150 ? -17.927 -16.253 -2.521  1.00 60.31 ? 150 PRO A CB  1 
ATOM   1150 C CG  . PRO A 1 150 ? -16.761 -17.198 -2.604  1.00 55.74 ? 150 PRO A CG  1 
ATOM   1151 C CD  . PRO A 1 150 ? -15.653 -16.491 -1.862  1.00 53.67 ? 150 PRO A CD  1 
HETATM 1152 C CAA . 3MV B 2 .   ? 1.105   4.629   3.781   1.00 25.77 ? 201 3MV A CAA 1 
HETATM 1153 C CAF . 3MV B 2 .   ? 0.252   3.573   4.474   1.00 33.26 ? 201 3MV A CAF 1 
HETATM 1154 C CAI . 3MV B 2 .   ? -0.928  3.044   3.682   1.00 39.51 ? 201 3MV A CAI 1 
HETATM 1155 C CAC . 3MV B 2 .   ? -2.011  4.036   3.414   1.00 45.10 ? 201 3MV A CAC 1 
HETATM 1156 C CAH . 3MV B 2 .   ? -0.336  2.336   2.464   1.00 35.64 ? 201 3MV A CAH 1 
HETATM 1157 C CAK . 3MV B 2 .   ? -1.059  2.131   1.167   1.00 33.94 ? 201 3MV A CAK 1 
HETATM 1158 C CAG . 3MV B 2 .   ? -0.041  1.443   0.303   1.00 24.92 ? 201 3MV A CAG 1 
HETATM 1159 C CAB . 3MV B 2 .   ? 0.727   2.408   -0.423  1.00 16.99 ? 201 3MV A CAB 1 
HETATM 1160 C CAJ . 3MV B 2 .   ? -2.328  1.313   1.098   1.00 39.03 ? 201 3MV A CAJ 1 
HETATM 1161 C CAE . 3MV B 2 .   ? -2.867  1.261   -0.288  1.00 42.91 ? 201 3MV A CAE 1 
HETATM 1162 C CAD . 3MV B 2 .   ? -2.150  -0.090  1.622   1.00 39.01 ? 201 3MV A CAD 1 
HETATM 1163 O O   . HOH C 3 .   ? -4.479  2.907   -8.575  1.00 20.12 ? 301 HOH A O   1 
HETATM 1164 O O   . HOH C 3 .   ? -11.877 -6.651  -10.447 1.00 17.54 ? 302 HOH A O   1 
HETATM 1165 O O   . HOH C 3 .   ? -5.626  9.925   9.536   1.00 17.38 ? 303 HOH A O   1 
HETATM 1166 O O   . HOH C 3 .   ? -8.996  -10.998 -3.512  1.00 17.28 ? 304 HOH A O   1 
HETATM 1167 O O   . HOH C 3 .   ? 8.990   8.818   -1.568  1.00 19.83 ? 305 HOH A O   1 
HETATM 1168 O O   . HOH C 3 .   ? -7.526  8.071   10.370  1.00 20.06 ? 306 HOH A O   1 
HETATM 1169 O O   . HOH C 3 .   ? -12.297 -2.346  -11.232 1.00 18.43 ? 307 HOH A O   1 
HETATM 1170 O O   . HOH C 3 .   ? -3.418  -0.681  11.692  1.00 20.97 ? 308 HOH A O   1 
HETATM 1171 O O   . HOH C 3 .   ? -12.522 7.944   1.713   1.00 25.54 ? 309 HOH A O   1 
HETATM 1172 O O   . HOH C 3 .   ? -0.774  -8.156  10.794  1.00 22.09 ? 310 HOH A O   1 
HETATM 1173 O O   . HOH C 3 .   ? 12.702  4.750   -1.713  1.00 28.68 ? 311 HOH A O   1 
HETATM 1174 O O   . HOH C 3 .   ? 2.625   8.745   6.173   1.00 15.12 ? 312 HOH A O   1 
HETATM 1175 O O   . HOH C 3 .   ? 8.487   -0.979  -3.129  1.00 23.92 ? 313 HOH A O   1 
HETATM 1176 O O   . HOH C 3 .   ? -15.824 4.068   -1.821  1.00 20.90 ? 314 HOH A O   1 
HETATM 1177 O O   . HOH C 3 .   ? 21.649  0.562   3.924   1.00 22.29 ? 315 HOH A O   1 
HETATM 1178 O O   . HOH C 3 .   ? 19.819  1.801   7.337   1.00 24.66 ? 316 HOH A O   1 
HETATM 1179 O O   . HOH C 3 .   ? -5.511  5.474   -8.881  1.00 22.41 ? 317 HOH A O   1 
HETATM 1180 O O   . HOH C 3 .   ? -1.392  -5.608  -7.545  1.00 18.29 ? 318 HOH A O   1 
HETATM 1181 O O   . HOH C 3 .   ? 5.751   -6.118  -4.322  1.00 22.01 ? 319 HOH A O   1 
HETATM 1182 O O   . HOH C 3 .   ? -5.592  12.313  10.915  1.00 26.61 ? 320 HOH A O   1 
HETATM 1183 O O   . HOH C 3 .   ? -11.162 -3.433  9.456   1.00 21.50 ? 321 HOH A O   1 
HETATM 1184 O O   . HOH C 3 .   ? 12.118  5.800   13.660  1.00 22.44 ? 322 HOH A O   1 
HETATM 1185 O O   . HOH C 3 .   ? 3.771   -1.604  -10.338 1.00 27.14 ? 323 HOH A O   1 
HETATM 1186 O O   . HOH C 3 .   ? 6.248   14.956  7.603   1.00 21.46 ? 324 HOH A O   1 
HETATM 1187 O O   . HOH C 3 .   ? -8.169  -13.377 5.710   1.00 25.17 ? 325 HOH A O   1 
HETATM 1188 O O   . HOH C 3 .   ? -12.768 -13.961 -4.462  1.00 24.60 ? 326 HOH A O   1 
HETATM 1189 O O   . HOH C 3 .   ? -12.913 -8.355  5.898   1.00 22.85 ? 327 HOH A O   1 
HETATM 1190 O O   . HOH C 3 .   ? -4.701  -17.468 2.518   1.00 27.30 ? 328 HOH A O   1 
HETATM 1191 O O   . HOH C 3 .   ? -6.862  -7.933  9.822   1.00 23.91 ? 329 HOH A O   1 
HETATM 1192 O O   . HOH C 3 .   ? 8.675   -0.501  12.597  1.00 22.13 ? 330 HOH A O   1 
HETATM 1193 O O   . HOH C 3 .   ? -10.981 -8.862  -11.932 1.00 27.91 ? 331 HOH A O   1 
HETATM 1194 O O   . HOH C 3 .   ? 11.361  14.190  4.750   1.00 27.16 ? 332 HOH A O   1 
HETATM 1195 O O   . HOH C 3 .   ? 6.814   4.772   11.604  1.00 26.51 ? 333 HOH A O   1 
HETATM 1196 O O   . HOH C 3 .   ? 3.375   -12.153 -5.471  1.00 23.34 ? 334 HOH A O   1 
HETATM 1197 O O   . HOH C 3 .   ? 6.279   8.402   10.456  1.00 25.43 ? 335 HOH A O   1 
HETATM 1198 O O   . HOH C 3 .   ? 2.771   1.552   -15.325 1.00 27.58 ? 336 HOH A O   1 
HETATM 1199 O O   . HOH C 3 .   ? 5.060   15.974  4.218   1.00 25.18 ? 337 HOH A O   1 
HETATM 1200 O O   . HOH C 3 .   ? 4.529   5.957   10.633  1.00 29.36 ? 338 HOH A O   1 
HETATM 1201 O O   . HOH C 3 .   ? -8.260  10.187  3.065   1.00 21.29 ? 339 HOH A O   1 
HETATM 1202 O O   . HOH C 3 .   ? 8.391   5.765   14.137  1.00 28.14 ? 340 HOH A O   1 
HETATM 1203 O O   . HOH C 3 .   ? -7.196  -15.683 -9.155  1.00 29.76 ? 341 HOH A O   1 
HETATM 1204 O O   . HOH C 3 .   ? -9.775  9.652   9.506   1.00 30.16 ? 342 HOH A O   1 
HETATM 1205 O O   . HOH C 3 .   ? -17.930 -8.965  -0.341  1.00 24.69 ? 343 HOH A O   1 
HETATM 1206 O O   . HOH C 3 .   ? -12.863 8.732   -2.239  1.00 36.16 ? 344 HOH A O   1 
HETATM 1207 O O   . HOH C 3 .   ? -3.685  -19.272 0.840   1.00 39.69 ? 345 HOH A O   1 
HETATM 1208 O O   . HOH C 3 .   ? -17.015 0.306   5.797   1.00 29.06 ? 346 HOH A O   1 
HETATM 1209 O O   . HOH C 3 .   ? 15.754  -0.764  12.251  1.00 29.24 ? 347 HOH A O   1 
HETATM 1210 O O   . HOH C 3 .   ? 1.824   4.552   15.506  1.00 26.35 ? 348 HOH A O   1 
HETATM 1211 O O   . HOH C 3 .   ? 1.531   -2.254  12.533  1.00 25.86 ? 349 HOH A O   1 
HETATM 1212 O O   . HOH C 3 .   ? -13.581 3.376   6.412   1.00 28.35 ? 350 HOH A O   1 
HETATM 1213 O O   . HOH C 3 .   ? -14.583 -0.791  -10.982 1.00 33.59 ? 351 HOH A O   1 
HETATM 1214 O O   . HOH C 3 .   ? -5.561  -1.712  -12.699 1.00 31.90 ? 352 HOH A O   1 
HETATM 1215 O O   . HOH C 3 .   ? -2.965  12.602  11.678  1.00 30.92 ? 353 HOH A O   1 
HETATM 1216 O O   . HOH C 3 .   ? 18.279  -0.609  6.292   1.00 30.68 ? 354 HOH A O   1 
HETATM 1217 O O   . HOH C 3 .   ? 20.061  2.274   10.368  1.00 29.47 ? 355 HOH A O   1 
HETATM 1218 O O   . HOH C 3 .   ? 18.740  10.429  3.646   1.00 32.47 ? 356 HOH A O   1 
HETATM 1219 O O   . HOH C 3 .   ? 15.465  0.108   -1.333  1.00 32.57 ? 357 HOH A O   1 
HETATM 1220 O O   . HOH C 3 .   ? 22.745  3.141   8.848   1.00 29.23 ? 358 HOH A O   1 
HETATM 1221 O O   . HOH C 3 .   ? -14.253 5.681   4.871   1.00 31.80 ? 359 HOH A O   1 
HETATM 1222 O O   . HOH C 3 .   ? -14.842 -14.404 4.735   1.00 35.12 ? 360 HOH A O   1 
HETATM 1223 O O   . HOH C 3 .   ? 7.505   14.883  -2.418  1.00 34.76 ? 361 HOH A O   1 
HETATM 1224 O O   . HOH C 3 .   ? -13.677 -11.923 -6.106  1.00 32.40 ? 362 HOH A O   1 
HETATM 1225 O O   . HOH C 3 .   ? -15.319 -9.946  5.923   1.00 35.53 ? 363 HOH A O   1 
HETATM 1226 O O   . HOH C 3 .   ? -12.472 2.875   -10.809 1.00 35.70 ? 364 HOH A O   1 
HETATM 1227 O O   . HOH C 3 .   ? 11.636  13.651  1.799   1.00 36.91 ? 365 HOH A O   1 
HETATM 1228 O O   . HOH C 3 .   ? 10.653  11.104  -1.868  1.00 32.29 ? 366 HOH A O   1 
HETATM 1229 O O   . HOH C 3 .   ? -12.820 3.661   9.213   1.00 32.73 ? 367 HOH A O   1 
HETATM 1230 O O   . HOH C 3 .   ? 13.462  15.953  5.388   1.00 37.34 ? 368 HOH A O   1 
HETATM 1231 O O   . HOH C 3 .   ? 10.685  7.987   -3.914  1.00 33.09 ? 369 HOH A O   1 
HETATM 1232 O O   . HOH C 3 .   ? -14.428 -6.172  5.243   1.00 34.36 ? 370 HOH A O   1 
HETATM 1233 O O   . HOH C 3 .   ? -3.454  10.140  16.403  1.00 34.09 ? 371 HOH A O   1 
HETATM 1234 O O   . HOH C 3 .   ? -8.349  7.634   13.045  1.00 33.72 ? 372 HOH A O   1 
HETATM 1235 O O   . HOH C 3 .   ? -13.297 6.067   -0.089  1.00 31.85 ? 373 HOH A O   1 
HETATM 1236 O O   . HOH C 3 .   ? -12.119 11.112  -3.680  1.00 32.30 ? 374 HOH A O   1 
HETATM 1237 O O   . HOH C 3 .   ? -8.795  -4.944  10.601  1.00 36.02 ? 375 HOH A O   1 
HETATM 1238 O O   . HOH C 3 .   ? -6.489  16.555  -11.552 1.00 36.33 ? 376 HOH A O   1 
HETATM 1239 O O   . HOH C 3 .   ? -8.847  1.916   13.806  1.00 35.59 ? 377 HOH A O   1 
HETATM 1240 O O   . HOH C 3 .   ? 18.021  13.061  3.711   1.00 39.27 ? 378 HOH A O   1 
HETATM 1241 O O   . HOH C 3 .   ? -8.769  14.785  -9.576  1.00 32.90 ? 379 HOH A O   1 
HETATM 1242 O O   . HOH C 3 .   ? -6.867  14.093  4.816   1.00 35.94 ? 380 HOH A O   1 
HETATM 1243 O O   . HOH C 3 .   ? 1.397   12.916  -11.013 1.00 32.92 ? 381 HOH A O   1 
HETATM 1244 O O   . HOH C 3 .   ? -10.597 9.797   6.774   1.00 34.75 ? 382 HOH A O   1 
HETATM 1245 O O   . HOH C 3 .   ? -12.424 -4.792  -12.542 1.00 20.99 ? 383 HOH A O   1 
HETATM 1246 O O   . HOH C 3 .   ? -19.353 -8.143  1.873   1.00 31.44 ? 384 HOH A O   1 
HETATM 1247 O O   . HOH C 3 .   ? -4.567  15.790  4.048   1.00 33.26 ? 385 HOH A O   1 
HETATM 1248 O O   . HOH C 3 .   ? 12.551  5.717   -4.002  1.00 35.49 ? 386 HOH A O   1 
HETATM 1249 O O   . HOH C 3 .   ? 12.332  10.238  -4.070  1.00 39.56 ? 387 HOH A O   1 
HETATM 1250 O O   . HOH C 3 .   ? 4.608   3.554   -14.767 1.00 36.29 ? 388 HOH A O   1 
HETATM 1251 O O   . HOH C 3 .   ? 5.074   7.101   -13.293 1.00 35.74 ? 389 HOH A O   1 
HETATM 1252 O O   . HOH C 3 .   ? 2.978   10.369  -14.477 1.00 41.18 ? 390 HOH A O   1 
HETATM 1253 O O   . HOH C 3 .   ? -5.529  0.711   -14.400 1.00 35.58 ? 391 HOH A O   1 
HETATM 1254 O O   . HOH C 3 .   ? -3.820  2.024   -16.097 1.00 43.31 ? 392 HOH A O   1 
HETATM 1255 O O   . HOH C 3 .   ? -1.815  0.555   -16.653 1.00 38.02 ? 393 HOH A O   1 
HETATM 1256 O O   . HOH C 3 .   ? -11.471 9.057   -10.936 1.00 31.40 ? 394 HOH A O   1 
HETATM 1257 O O   . HOH C 3 .   ? -13.508 10.018  -8.846  1.00 41.72 ? 395 HOH A O   1 
HETATM 1258 O O   . HOH C 3 .   ? -6.449  17.086  -1.775  1.00 51.90 ? 396 HOH A O   1 
HETATM 1259 O O   . HOH C 3 .   ? -10.305 -17.651 -5.656  1.00 42.23 ? 397 HOH A O   1 
HETATM 1260 O O   . HOH C 3 .   ? -6.602  -3.801  12.032  1.00 31.25 ? 398 HOH A O   1 
HETATM 1261 O O   . HOH C 3 .   ? -4.440  1.344   14.415  1.00 38.51 ? 399 HOH A O   1 
HETATM 1262 O O   . HOH C 3 .   ? 3.286   2.828   17.000  1.00 38.13 ? 400 HOH A O   1 
HETATM 1263 O O   . HOH C 3 .   ? -1.474  15.209  2.449   1.00 39.65 ? 401 HOH A O   1 
HETATM 1264 O O   . HOH C 3 .   ? 2.896   13.934  -6.952  1.00 38.89 ? 402 HOH A O   1 
HETATM 1265 O O   . HOH C 3 .   ? 1.568   15.147  -9.348  1.00 42.57 ? 403 HOH A O   1 
HETATM 1266 O O   . HOH C 3 .   ? 2.656   -1.235  15.078  1.00 33.50 ? 404 HOH A O   1 
HETATM 1267 O O   . HOH C 3 .   ? 21.870  1.010   8.915   1.00 27.95 ? 405 HOH A O   1 
HETATM 1268 O O   . HOH C 3 .   ? -16.331 -3.897  5.522   1.00 42.70 ? 406 HOH A O   1 
HETATM 1269 O O   . HOH C 3 .   ? -11.994 8.098   11.270  1.00 42.06 ? 407 HOH A O   1 
HETATM 1270 O O   . HOH C 3 .   ? -9.681  -10.337 8.545   1.00 34.74 ? 408 HOH A O   1 
HETATM 1271 O O   . HOH C 3 .   ? -2.167  9.553   18.449  1.00 38.99 ? 409 HOH A O   1 
HETATM 1272 O O   . HOH C 3 .   ? 19.943  -1.402  1.064   1.00 31.91 ? 410 HOH A O   1 
HETATM 1273 O O   . HOH C 3 .   ? 18.120  -2.259  -0.456  1.00 39.01 ? 411 HOH A O   1 
HETATM 1274 O O   . HOH C 3 .   ? 15.927  8.216   -1.730  1.00 37.69 ? 412 HOH A O   1 
HETATM 1275 O O   . HOH C 3 .   ? 16.132  14.529  3.059   1.00 41.98 ? 413 HOH A O   1 
HETATM 1276 O O   . HOH C 3 .   ? 4.219   14.801  9.441   1.00 26.07 ? 414 HOH A O   1 
HETATM 1277 O O   . HOH C 3 .   ? -16.265 2.188   7.109   1.00 36.31 ? 415 HOH A O   1 
HETATM 1278 O O   . HOH C 3 .   ? -8.959  9.913   14.284  1.00 47.19 ? 416 HOH A O   1 
HETATM 1279 O O   . HOH C 3 .   ? -6.453  6.218   14.766  1.00 36.37 ? 417 HOH A O   1 
HETATM 1280 O O   . HOH C 3 .   ? 10.105  3.504   11.130  1.00 24.26 ? 418 HOH A O   1 
HETATM 1281 O O   . HOH C 3 .   ? 7.508   1.933   11.049  1.00 31.15 ? 419 HOH A O   1 
HETATM 1282 O O   . HOH C 3 .   ? 22.729  9.251   9.662   1.00 34.17 ? 420 HOH A O   1 
HETATM 1283 O O   . HOH C 3 .   ? 10.694  4.178   15.693  1.00 37.83 ? 421 HOH A O   1 
HETATM 1284 O O   . HOH C 3 .   ? 15.545  3.343   -1.769  1.00 45.46 ? 422 HOH A O   1 
HETATM 1285 O O   . HOH C 3 .   ? -1.362  -4.785  12.124  1.00 41.88 ? 423 HOH A O   1 
HETATM 1286 O O   . HOH C 3 .   ? -8.522  -12.949 8.337   1.00 41.24 ? 424 HOH A O   1 
HETATM 1287 O O   . HOH C 3 .   ? -1.248  -12.406 7.796   1.00 20.93 ? 425 HOH A O   1 
HETATM 1288 O O   . HOH C 3 .   ? 1.546   -11.804 -11.813 1.00 38.82 ? 426 HOH A O   1 
HETATM 1289 O O   . HOH C 3 .   ? -11.196 -11.931 -11.796 1.00 38.01 ? 427 HOH A O   1 
HETATM 1290 O O   . HOH C 3 .   ? -14.894 -12.590 -8.178  1.00 41.90 ? 428 HOH A O   1 
HETATM 1291 O O   . HOH C 3 .   ? -7.000  -7.241  -14.358 1.00 44.30 ? 429 HOH A O   1 
HETATM 1292 O O   . HOH C 3 .   ? -4.046  -8.757  -15.040 1.00 43.84 ? 430 HOH A O   1 
HETATM 1293 O O   . HOH C 3 .   ? -4.406  -3.407  -14.169 1.00 32.97 ? 431 HOH A O   1 
HETATM 1294 O O   . HOH C 3 .   ? -2.404  4.698   -16.644 1.00 35.98 ? 432 HOH A O   1 
HETATM 1295 O O   . HOH C 3 .   ? 4.590   -0.745  -14.975 1.00 44.59 ? 433 HOH A O   1 
HETATM 1296 O O   . HOH C 3 .   ? 4.834   -1.978  -12.703 1.00 42.37 ? 434 HOH A O   1 
HETATM 1297 O O   . HOH C 3 .   ? 10.269  -6.397  -4.734  1.00 42.16 ? 435 HOH A O   1 
HETATM 1298 O O   . HOH C 3 .   ? -4.545  10.398  -13.249 1.00 41.90 ? 436 HOH A O   1 
HETATM 1299 O O   . HOH C 3 .   ? -10.006 15.288  -7.044  1.00 37.58 ? 437 HOH A O   1 
HETATM 1300 O O   . HOH C 3 .   ? -2.215  13.836  -11.261 1.00 46.91 ? 438 HOH A O   1 
HETATM 1301 O O   . HOH C 3 .   ? 3.322   8.992   -12.133 1.00 41.38 ? 439 HOH A O   1 
HETATM 1302 O O   . HOH C 3 .   ? -8.457  14.044  2.538   1.00 45.32 ? 440 HOH A O   1 
HETATM 1303 O O   . HOH C 3 .   ? -15.200 6.947   -1.423  1.00 36.86 ? 441 HOH A O   1 
HETATM 1304 O O   . HOH C 3 .   ? 25.726  6.368   3.299   1.00 46.92 ? 442 HOH A O   1 
HETATM 1305 O O   . HOH C 3 .   ? -12.297 -16.368 -9.233  1.00 44.34 ? 443 HOH A O   1 
# 
